data_6TVJ
# 
_entry.id   6TVJ 
# 
_audit_conform.dict_name       mmcif_pdbx.dic 
_audit_conform.dict_version    5.397 
_audit_conform.dict_location   http://mmcif.pdb.org/dictionaries/ascii/mmcif_pdbx.dic 
# 
loop_
_database_2.database_id 
_database_2.database_code 
_database_2.pdbx_database_accession 
_database_2.pdbx_DOI 
PDB   6TVJ         pdb_00006tvj 10.2210/pdb6tvj/pdb 
WWPDB D_1292106027 ?            ?                   
BMRB  34474        ?            10.13018/BMR34474   
# 
loop_
_pdbx_audit_revision_history.ordinal 
_pdbx_audit_revision_history.data_content_type 
_pdbx_audit_revision_history.major_revision 
_pdbx_audit_revision_history.minor_revision 
_pdbx_audit_revision_history.revision_date 
1 'Structure model' 1 0 2021-01-27 
2 'Structure model' 1 1 2022-02-09 
3 'Structure model' 1 2 2023-06-14 
4 'Structure model' 1 3 2024-10-16 
# 
_pdbx_audit_revision_details.ordinal             1 
_pdbx_audit_revision_details.revision_ordinal    1 
_pdbx_audit_revision_details.data_content_type   'Structure model' 
_pdbx_audit_revision_details.provider            repository 
_pdbx_audit_revision_details.type                'Initial release' 
_pdbx_audit_revision_details.description         ? 
_pdbx_audit_revision_details.details             ? 
# 
loop_
_pdbx_audit_revision_group.ordinal 
_pdbx_audit_revision_group.revision_ordinal 
_pdbx_audit_revision_group.data_content_type 
_pdbx_audit_revision_group.group 
1 2 'Structure model' 'Database references' 
2 3 'Structure model' Other                 
3 4 'Structure model' 'Data collection'     
4 4 'Structure model' 'Database references' 
5 4 'Structure model' 'Structure summary'   
# 
loop_
_pdbx_audit_revision_category.ordinal 
_pdbx_audit_revision_category.revision_ordinal 
_pdbx_audit_revision_category.data_content_type 
_pdbx_audit_revision_category.category 
1 2 'Structure model' citation             
2 2 'Structure model' citation_author      
3 2 'Structure model' database_2           
4 3 'Structure model' pdbx_database_status 
5 4 'Structure model' chem_comp_atom       
6 4 'Structure model' chem_comp_bond       
7 4 'Structure model' database_2           
8 4 'Structure model' pdbx_entry_details   
# 
loop_
_pdbx_audit_revision_item.ordinal 
_pdbx_audit_revision_item.revision_ordinal 
_pdbx_audit_revision_item.data_content_type 
_pdbx_audit_revision_item.item 
1  2 'Structure model' '_citation.country'                            
2  2 'Structure model' '_citation.journal_abbrev'                     
3  2 'Structure model' '_citation.journal_id_CSD'                     
4  2 'Structure model' '_citation.journal_id_ISSN'                    
5  2 'Structure model' '_citation.journal_volume'                     
6  2 'Structure model' '_citation.page_first'                         
7  2 'Structure model' '_citation.page_last'                          
8  2 'Structure model' '_citation.pdbx_database_id_DOI'               
9  2 'Structure model' '_citation.pdbx_database_id_PubMed'            
10 2 'Structure model' '_citation.title'                              
11 2 'Structure model' '_citation.year'                               
12 2 'Structure model' '_database_2.pdbx_DOI'                         
13 2 'Structure model' '_database_2.pdbx_database_accession'          
14 3 'Structure model' '_pdbx_database_status.status_code_nmr_data'   
15 4 'Structure model' '_database_2.pdbx_DOI'                         
16 4 'Structure model' '_pdbx_entry_details.has_protein_modification' 
# 
_pdbx_database_status.status_code                     REL 
_pdbx_database_status.status_code_sf                  ? 
_pdbx_database_status.status_code_mr                  REL 
_pdbx_database_status.entry_id                        6TVJ 
_pdbx_database_status.recvd_initial_deposition_date   2020-01-09 
_pdbx_database_status.SG_entry                        N 
_pdbx_database_status.deposit_site                    PDBE 
_pdbx_database_status.process_site                    PDBE 
_pdbx_database_status.status_code_cs                  REL 
_pdbx_database_status.status_code_nmr_data            REL 
_pdbx_database_status.methods_development_category    ? 
_pdbx_database_status.pdb_format_compatible           Y 
# 
loop_
_pdbx_database_related.db_name 
_pdbx_database_related.details 
_pdbx_database_related.db_id 
_pdbx_database_related.content_type 
PDB  '6TT6 contains another designed peptide binder of PD-1'                                6TT6  unspecified 
BMRB 'Solution structure of PD-i3 peptide inhibitor of the human PD-1 extracellular domain' 34474 unspecified 
# 
loop_
_audit_author.name 
_audit_author.pdbx_ordinal 
_audit_author.identifier_ORCID 
'Guardiola, S.' 1 0000-0003-2644-1659 
'Varese, M.'    2 0000-0003-3179-079X 
'Garcia, J.'    3 0000-0003-2961-9790 
'Giralt, E.'    4 0000-0001-8381-1797 
# 
_citation.abstract                  ? 
_citation.abstract_id_CAS           ? 
_citation.book_id_ISBN              ? 
_citation.book_publisher            ? 
_citation.book_publisher_city       ? 
_citation.book_title                ? 
_citation.coordinate_linkage        ? 
_citation.country                   UK 
_citation.database_id_Medline       ? 
_citation.details                   ? 
_citation.id                        primary 
_citation.journal_abbrev            'Chem Sci' 
_citation.journal_id_ASTM           ? 
_citation.journal_id_CSD            ? 
_citation.journal_id_ISSN           2041-6520 
_citation.journal_full              ? 
_citation.journal_issue             ? 
_citation.journal_volume            12 
_citation.language                  ? 
_citation.page_first                5164 
_citation.page_last                 5170 
_citation.title                     
'Target-templated de novo design of macrocyclic d-/l-peptides: discovery of drug-like inhibitors of PD-1.' 
_citation.year                      2021 
_citation.database_id_CSD           ? 
_citation.pdbx_database_id_DOI      10.1039/d1sc01031j 
_citation.pdbx_database_id_PubMed   34163753 
_citation.unpublished_flag          ? 
# 
loop_
_citation_author.citation_id 
_citation_author.name 
_citation_author.ordinal 
_citation_author.identifier_ORCID 
primary 'Guardiola, S.'       1 0000-0003-2644-1659 
primary 'Varese, M.'          2 ?                   
primary 'Roig, X.'            3 0000-0002-1920-7701 
primary 'Sanchez-Navarro, M.' 4 0000-0002-0159-2381 
primary 'Garcia, J.'          5 ?                   
primary 'Giralt, E.'          6 0000-0001-8381-1797 
# 
_entity.id                         1 
_entity.type                       polymer 
_entity.src_method                 syn 
_entity.pdbx_description           'PD-i3 peptide' 
_entity.formula_weight             1345.524 
_entity.pdbx_number_of_molecules   1 
_entity.pdbx_ec                    ? 
_entity.pdbx_mutation              ? 
_entity.pdbx_fragment              ? 
_entity.details                    ? 
# 
_entity_poly.entity_id                      1 
_entity_poly.type                           'polypeptide(L)' 
_entity_poly.nstd_linkage                   no 
_entity_poly.nstd_monomer                   yes 
_entity_poly.pdbx_seq_one_letter_code       'L(DGL)(DAR)RY(DPR)DTMY' 
_entity_poly.pdbx_seq_one_letter_code_can   LERRYPDTMY 
_entity_poly.pdbx_strand_id                 A 
_entity_poly.pdbx_target_identifier         ? 
# 
loop_
_entity_poly_seq.entity_id 
_entity_poly_seq.num 
_entity_poly_seq.mon_id 
_entity_poly_seq.hetero 
1 1  LEU n 
1 2  DGL n 
1 3  DAR n 
1 4  ARG n 
1 5  TYR n 
1 6  DPR n 
1 7  ASP n 
1 8  THR n 
1 9  MET n 
1 10 TYR n 
# 
_pdbx_entity_src_syn.entity_id              1 
_pdbx_entity_src_syn.pdbx_src_id            1 
_pdbx_entity_src_syn.pdbx_alt_source_flag   sample 
_pdbx_entity_src_syn.pdbx_beg_seq_num       1 
_pdbx_entity_src_syn.pdbx_end_seq_num       10 
_pdbx_entity_src_syn.organism_scientific    'synthetic construct' 
_pdbx_entity_src_syn.organism_common_name   ? 
_pdbx_entity_src_syn.ncbi_taxonomy_id       32630 
_pdbx_entity_src_syn.details                ? 
# 
loop_
_chem_comp.id 
_chem_comp.type 
_chem_comp.mon_nstd_flag 
_chem_comp.name 
_chem_comp.pdbx_synonyms 
_chem_comp.formula 
_chem_comp.formula_weight 
ARG 'L-peptide linking' y ARGININE          ? 'C6 H15 N4 O2 1' 175.209 
ASP 'L-peptide linking' y 'ASPARTIC ACID'   ? 'C4 H7 N O4'     133.103 
DAR 'D-peptide linking' . D-ARGININE        ? 'C6 H15 N4 O2 1' 175.209 
DGL 'D-peptide linking' . 'D-GLUTAMIC ACID' ? 'C5 H9 N O4'     147.129 
DPR 'D-peptide linking' . D-PROLINE         ? 'C5 H9 N O2'     115.130 
LEU 'L-peptide linking' y LEUCINE           ? 'C6 H13 N O2'    131.173 
MET 'L-peptide linking' y METHIONINE        ? 'C5 H11 N O2 S'  149.211 
THR 'L-peptide linking' y THREONINE         ? 'C4 H9 N O3'     119.119 
TYR 'L-peptide linking' y TYROSINE          ? 'C9 H11 N O3'    181.189 
# 
loop_
_pdbx_poly_seq_scheme.asym_id 
_pdbx_poly_seq_scheme.entity_id 
_pdbx_poly_seq_scheme.seq_id 
_pdbx_poly_seq_scheme.mon_id 
_pdbx_poly_seq_scheme.ndb_seq_num 
_pdbx_poly_seq_scheme.pdb_seq_num 
_pdbx_poly_seq_scheme.auth_seq_num 
_pdbx_poly_seq_scheme.pdb_mon_id 
_pdbx_poly_seq_scheme.auth_mon_id 
_pdbx_poly_seq_scheme.pdb_strand_id 
_pdbx_poly_seq_scheme.pdb_ins_code 
_pdbx_poly_seq_scheme.hetero 
A 1 1  LEU 1  1  1  LEU LEU A . n 
A 1 2  DGL 2  2  2  DGL DGL A . n 
A 1 3  DAR 3  3  3  DAR DAR A . n 
A 1 4  ARG 4  4  4  ARG ARG A . n 
A 1 5  TYR 5  5  5  TYR TYR A . n 
A 1 6  DPR 6  6  6  DPR DPR A . n 
A 1 7  ASP 7  7  7  ASP ASP A . n 
A 1 8  THR 8  8  8  THR THR A . n 
A 1 9  MET 9  9  9  MET MET A . n 
A 1 10 TYR 10 10 10 TYR TYR A . n 
# 
_exptl.absorpt_coefficient_mu     ? 
_exptl.absorpt_correction_T_max   ? 
_exptl.absorpt_correction_T_min   ? 
_exptl.absorpt_correction_type    ? 
_exptl.absorpt_process_details    ? 
_exptl.entry_id                   6TVJ 
_exptl.crystals_number            ? 
_exptl.details                    ? 
_exptl.method                     'SOLUTION NMR' 
_exptl.method_details             ? 
# 
_struct.entry_id                     6TVJ 
_struct.title                        'Solution structure of PD-i3 peptide inhibitor of the human PD-1 extracellular domain' 
_struct.pdbx_model_details           ? 
_struct.pdbx_formula_weight          ? 
_struct.pdbx_formula_weight_method   ? 
_struct.pdbx_model_type_details      ? 
_struct.pdbx_CASP_flag               N 
# 
_struct_keywords.entry_id        6TVJ 
_struct_keywords.text            'Immunotherapy, heterochiral peptide, computational design, DE NOVO PROTEIN' 
_struct_keywords.pdbx_keywords   'DE NOVO PROTEIN' 
# 
_struct_asym.id                            A 
_struct_asym.pdbx_blank_PDB_chainid_flag   N 
_struct_asym.pdbx_modified                 N 
_struct_asym.entity_id                     1 
_struct_asym.details                       ? 
# 
_struct_ref.id                         1 
_struct_ref.db_name                    PDB 
_struct_ref.db_code                    6TVJ 
_struct_ref.pdbx_db_accession          6TVJ 
_struct_ref.pdbx_db_isoform            ? 
_struct_ref.entity_id                  1 
_struct_ref.pdbx_seq_one_letter_code   ? 
_struct_ref.pdbx_align_begin           1 
# 
_struct_ref_seq.align_id                      1 
_struct_ref_seq.ref_id                        1 
_struct_ref_seq.pdbx_PDB_id_code              6TVJ 
_struct_ref_seq.pdbx_strand_id                A 
_struct_ref_seq.seq_align_beg                 1 
_struct_ref_seq.pdbx_seq_align_beg_ins_code   ? 
_struct_ref_seq.seq_align_end                 10 
_struct_ref_seq.pdbx_seq_align_end_ins_code   ? 
_struct_ref_seq.pdbx_db_accession             6TVJ 
_struct_ref_seq.db_align_beg                  1 
_struct_ref_seq.pdbx_db_align_beg_ins_code    ? 
_struct_ref_seq.db_align_end                  10 
_struct_ref_seq.pdbx_db_align_end_ins_code    ? 
_struct_ref_seq.pdbx_auth_seq_align_beg       1 
_struct_ref_seq.pdbx_auth_seq_align_end       10 
# 
_pdbx_struct_assembly.id                   1 
_pdbx_struct_assembly.details              author_and_software_defined_assembly 
_pdbx_struct_assembly.method_details       PISA 
_pdbx_struct_assembly.oligomeric_details   monomeric 
_pdbx_struct_assembly.oligomeric_count     1 
# 
loop_
_pdbx_struct_assembly_prop.biol_id 
_pdbx_struct_assembly_prop.type 
_pdbx_struct_assembly_prop.value 
_pdbx_struct_assembly_prop.details 
1 'ABSA (A^2)' 0    ? 
1 MORE         0    ? 
1 'SSA (A^2)'  1390 ? 
# 
_pdbx_struct_assembly_gen.assembly_id       1 
_pdbx_struct_assembly_gen.oper_expression   1 
_pdbx_struct_assembly_gen.asym_id_list      A 
# 
_pdbx_struct_assembly_auth_evidence.id                     1 
_pdbx_struct_assembly_auth_evidence.assembly_id            1 
_pdbx_struct_assembly_auth_evidence.experimental_support   none 
_pdbx_struct_assembly_auth_evidence.details                ? 
# 
_pdbx_struct_oper_list.id                   1 
_pdbx_struct_oper_list.type                 'identity operation' 
_pdbx_struct_oper_list.name                 1_555 
_pdbx_struct_oper_list.symmetry_operation   ? 
_pdbx_struct_oper_list.matrix[1][1]         1.0000000000 
_pdbx_struct_oper_list.matrix[1][2]         0.0000000000 
_pdbx_struct_oper_list.matrix[1][3]         0.0000000000 
_pdbx_struct_oper_list.vector[1]            0.0000000000 
_pdbx_struct_oper_list.matrix[2][1]         0.0000000000 
_pdbx_struct_oper_list.matrix[2][2]         1.0000000000 
_pdbx_struct_oper_list.matrix[2][3]         0.0000000000 
_pdbx_struct_oper_list.vector[2]            0.0000000000 
_pdbx_struct_oper_list.matrix[3][1]         0.0000000000 
_pdbx_struct_oper_list.matrix[3][2]         0.0000000000 
_pdbx_struct_oper_list.matrix[3][3]         1.0000000000 
_pdbx_struct_oper_list.vector[3]            0.0000000000 
# 
loop_
_struct_conn.id 
_struct_conn.conn_type_id 
_struct_conn.pdbx_leaving_atom_flag 
_struct_conn.pdbx_PDB_id 
_struct_conn.ptnr1_label_asym_id 
_struct_conn.ptnr1_label_comp_id 
_struct_conn.ptnr1_label_seq_id 
_struct_conn.ptnr1_label_atom_id 
_struct_conn.pdbx_ptnr1_label_alt_id 
_struct_conn.pdbx_ptnr1_PDB_ins_code 
_struct_conn.pdbx_ptnr1_standard_comp_id 
_struct_conn.ptnr1_symmetry 
_struct_conn.ptnr2_label_asym_id 
_struct_conn.ptnr2_label_comp_id 
_struct_conn.ptnr2_label_seq_id 
_struct_conn.ptnr2_label_atom_id 
_struct_conn.pdbx_ptnr2_label_alt_id 
_struct_conn.pdbx_ptnr2_PDB_ins_code 
_struct_conn.ptnr1_auth_asym_id 
_struct_conn.ptnr1_auth_comp_id 
_struct_conn.ptnr1_auth_seq_id 
_struct_conn.ptnr2_auth_asym_id 
_struct_conn.ptnr2_auth_comp_id 
_struct_conn.ptnr2_auth_seq_id 
_struct_conn.ptnr2_symmetry 
_struct_conn.pdbx_ptnr3_label_atom_id 
_struct_conn.pdbx_ptnr3_label_seq_id 
_struct_conn.pdbx_ptnr3_label_comp_id 
_struct_conn.pdbx_ptnr3_label_asym_id 
_struct_conn.pdbx_ptnr3_label_alt_id 
_struct_conn.pdbx_ptnr3_PDB_ins_code 
_struct_conn.details 
_struct_conn.pdbx_dist_value 
_struct_conn.pdbx_value_order 
_struct_conn.pdbx_role 
covale1 covale both ? A LEU 1 C ? ? ? 1_555 A DGL 2 N ? ? A LEU 1 A DGL 2 1_555 ? ? ? ? ? ? ? 1.330 ? ? 
covale2 covale both ? A DGL 2 C ? ? ? 1_555 A DAR 3 N ? ? A DGL 2 A DAR 3 1_555 ? ? ? ? ? ? ? 1.328 ? ? 
covale3 covale both ? A DAR 3 C ? ? ? 1_555 A ARG 4 N ? ? A DAR 3 A ARG 4 1_555 ? ? ? ? ? ? ? 1.330 ? ? 
covale4 covale both ? A TYR 5 C ? ? ? 1_555 A DPR 6 N ? ? A TYR 5 A DPR 6 1_555 ? ? ? ? ? ? ? 1.306 ? ? 
covale5 covale both ? A DPR 6 C ? ? ? 1_555 A ASP 7 N ? ? A DPR 6 A ASP 7 1_555 ? ? ? ? ? ? ? 1.329 ? ? 
# 
_struct_conn_type.id          covale 
_struct_conn_type.criteria    ? 
_struct_conn_type.reference   ? 
# 
_pdbx_entry_details.entry_id                   6TVJ 
_pdbx_entry_details.has_ligand_of_interest     N 
_pdbx_entry_details.compound_details           ? 
_pdbx_entry_details.source_details             ? 
_pdbx_entry_details.nonpolymer_details         ? 
_pdbx_entry_details.sequence_details           ? 
_pdbx_entry_details.has_protein_modification   N 
# 
loop_
_pdbx_validate_close_contact.id 
_pdbx_validate_close_contact.PDB_model_num 
_pdbx_validate_close_contact.auth_atom_id_1 
_pdbx_validate_close_contact.auth_asym_id_1 
_pdbx_validate_close_contact.auth_comp_id_1 
_pdbx_validate_close_contact.auth_seq_id_1 
_pdbx_validate_close_contact.PDB_ins_code_1 
_pdbx_validate_close_contact.label_alt_id_1 
_pdbx_validate_close_contact.auth_atom_id_2 
_pdbx_validate_close_contact.auth_asym_id_2 
_pdbx_validate_close_contact.auth_comp_id_2 
_pdbx_validate_close_contact.auth_seq_id_2 
_pdbx_validate_close_contact.PDB_ins_code_2 
_pdbx_validate_close_contact.label_alt_id_2 
_pdbx_validate_close_contact.dist 
1  1  N A LEU 1 ? ? C A TYR 10 ? ? 1.33 
2  2  N A LEU 1 ? ? C A TYR 10 ? ? 1.33 
3  3  N A LEU 1 ? ? C A TYR 10 ? ? 1.33 
4  4  N A LEU 1 ? ? C A TYR 10 ? ? 1.33 
5  5  N A LEU 1 ? ? C A TYR 10 ? ? 1.33 
6  6  N A LEU 1 ? ? C A TYR 10 ? ? 1.33 
7  7  N A LEU 1 ? ? C A TYR 10 ? ? 1.33 
8  8  N A LEU 1 ? ? C A TYR 10 ? ? 1.33 
9  9  N A LEU 1 ? ? C A TYR 10 ? ? 1.33 
10 10 N A LEU 1 ? ? C A TYR 10 ? ? 1.33 
# 
loop_
_pdbx_validate_torsion.id 
_pdbx_validate_torsion.PDB_model_num 
_pdbx_validate_torsion.auth_comp_id 
_pdbx_validate_torsion.auth_asym_id 
_pdbx_validate_torsion.auth_seq_id 
_pdbx_validate_torsion.PDB_ins_code 
_pdbx_validate_torsion.label_alt_id 
_pdbx_validate_torsion.phi 
_pdbx_validate_torsion.psi 
1  1  ASP A 7 ? ? -150.89 41.76   
2  1  MET A 9 ? ? -142.45 -60.47  
3  2  ASP A 7 ? ? -147.24 51.80   
4  3  DGL A 2 ? ? 161.98  50.36   
5  3  DAR A 3 ? ? 174.38  32.35   
6  3  ARG A 4 ? ? 53.43   89.23   
7  3  MET A 9 ? ? -170.77 25.38   
8  4  DAR A 3 ? ? 51.43   -173.87 
9  4  ARG A 4 ? ? 57.54   17.26   
10 4  ASP A 7 ? ? -151.54 45.69   
11 5  DGL A 2 ? ? 132.59  47.63   
12 5  DAR A 3 ? ? 169.42  -20.51  
13 5  TYR A 5 ? ? 61.88   64.09   
14 5  DPR A 6 ? ? 84.18   -30.91  
15 6  DAR A 3 ? ? 176.14  169.67  
16 7  DAR A 3 ? ? 176.60  -46.82  
17 7  ARG A 4 ? ? 65.34   -82.40  
18 7  ASP A 7 ? ? -159.18 38.28   
19 8  DGL A 2 ? ? 176.46  -52.04  
20 8  DAR A 3 ? ? 142.76  34.78   
21 8  ASP A 7 ? ? -159.64 -66.28  
22 9  DAR A 3 ? ? -172.94 25.77   
23 9  ARG A 4 ? ? 57.24   99.40   
24 9  THR A 8 ? ? -145.25 -64.67  
25 10 DGL A 2 ? ? -177.72 -80.84  
26 10 DAR A 3 ? ? -61.52  -89.93  
27 10 TYR A 5 ? ? -151.34 71.66   
28 10 THR A 8 ? ? -161.00 -75.01  
# 
_pdbx_nmr_ensemble.entry_id                                      6TVJ 
_pdbx_nmr_ensemble.conformers_calculated_total_number            1000 
_pdbx_nmr_ensemble.conformers_submitted_total_number             10 
_pdbx_nmr_ensemble.conformer_selection_criteria                  'structures with the lowest energy' 
_pdbx_nmr_ensemble.representative_conformer                      ? 
_pdbx_nmr_ensemble.average_constraints_per_residue               ? 
_pdbx_nmr_ensemble.average_constraint_violations_per_residue     ? 
_pdbx_nmr_ensemble.maximum_distance_constraint_violation         ? 
_pdbx_nmr_ensemble.average_distance_constraint_violation         ? 
_pdbx_nmr_ensemble.maximum_upper_distance_constraint_violation   ? 
_pdbx_nmr_ensemble.maximum_lower_distance_constraint_violation   ? 
_pdbx_nmr_ensemble.distance_constraint_violation_method          ? 
_pdbx_nmr_ensemble.maximum_torsion_angle_constraint_violation    ? 
_pdbx_nmr_ensemble.average_torsion_angle_constraint_violation    ? 
_pdbx_nmr_ensemble.torsion_angle_constraint_violation_method     ? 
# 
_pdbx_nmr_representative.entry_id             6TVJ 
_pdbx_nmr_representative.conformer_id         1 
_pdbx_nmr_representative.selection_criteria   'lowest energy' 
# 
_pdbx_nmr_sample_details.solution_id      1 
_pdbx_nmr_sample_details.contents         '25 mM NA potassium phosphate, 100 M NA sodium chloride, 90% H2O/10% D2O' 
_pdbx_nmr_sample_details.solvent_system   '90% H2O/10% D2O' 
_pdbx_nmr_sample_details.label            'peptide in buffer' 
_pdbx_nmr_sample_details.type             solution 
_pdbx_nmr_sample_details.details          ? 
# 
loop_
_pdbx_nmr_exptl_sample.solution_id 
_pdbx_nmr_exptl_sample.component 
_pdbx_nmr_exptl_sample.concentration 
_pdbx_nmr_exptl_sample.concentration_range 
_pdbx_nmr_exptl_sample.concentration_units 
_pdbx_nmr_exptl_sample.isotopic_labeling 
1 'potassium phosphate' 25  ? mM NA 
1 'sodium chloride'     100 ? M  NA 
# 
_pdbx_nmr_exptl_sample_conditions.conditions_id          1 
_pdbx_nmr_exptl_sample_conditions.temperature            278 
_pdbx_nmr_exptl_sample_conditions.pressure_units         atm 
_pdbx_nmr_exptl_sample_conditions.pressure               1 
_pdbx_nmr_exptl_sample_conditions.pH                     6.4 
_pdbx_nmr_exptl_sample_conditions.ionic_strength         125 
_pdbx_nmr_exptl_sample_conditions.details                ? 
_pdbx_nmr_exptl_sample_conditions.ionic_strength_err     ? 
_pdbx_nmr_exptl_sample_conditions.ionic_strength_units   mM 
_pdbx_nmr_exptl_sample_conditions.label                  conditions_1 
_pdbx_nmr_exptl_sample_conditions.pH_err                 ? 
_pdbx_nmr_exptl_sample_conditions.pH_units               pH 
_pdbx_nmr_exptl_sample_conditions.pressure_err           ? 
_pdbx_nmr_exptl_sample_conditions.temperature_err        ? 
_pdbx_nmr_exptl_sample_conditions.temperature_units      K 
# 
loop_
_pdbx_nmr_exptl.experiment_id 
_pdbx_nmr_exptl.conditions_id 
_pdbx_nmr_exptl.solution_id 
_pdbx_nmr_exptl.type 
_pdbx_nmr_exptl.spectrometer_id 
_pdbx_nmr_exptl.sample_state 
1 1 1 '2D 1H-1H NOESY' 1 isotropic 
2 1 1 '2D 1H-1H TOCSY' 1 isotropic 
3 1 1 '2D 1H-13C HSQC' 1 isotropic 
# 
_pdbx_nmr_refine.entry_id           6TVJ 
_pdbx_nmr_refine.method             'simulated annealing' 
_pdbx_nmr_refine.details            ? 
_pdbx_nmr_refine.software_ordinal   2 
# 
loop_
_pdbx_nmr_software.ordinal 
_pdbx_nmr_software.classification 
_pdbx_nmr_software.name 
_pdbx_nmr_software.version 
_pdbx_nmr_software.authors 
1 processing              TopSpin      ? 'Bruker Biospin'                           
2 'structure calculation' 'X-PLOR NIH' ? 'Schwieters, Kuszewski, Tjandra and Clore' 
# 
loop_
_chem_comp_atom.comp_id 
_chem_comp_atom.atom_id 
_chem_comp_atom.type_symbol 
_chem_comp_atom.pdbx_aromatic_flag 
_chem_comp_atom.pdbx_stereo_config 
_chem_comp_atom.pdbx_ordinal 
ARG N    N N N 1   
ARG CA   C N S 2   
ARG C    C N N 3   
ARG O    O N N 4   
ARG CB   C N N 5   
ARG CG   C N N 6   
ARG CD   C N N 7   
ARG NE   N N N 8   
ARG CZ   C N N 9   
ARG NH1  N N N 10  
ARG NH2  N N N 11  
ARG OXT  O N N 12  
ARG H    H N N 13  
ARG H2   H N N 14  
ARG HA   H N N 15  
ARG HB2  H N N 16  
ARG HB3  H N N 17  
ARG HG2  H N N 18  
ARG HG3  H N N 19  
ARG HD2  H N N 20  
ARG HD3  H N N 21  
ARG HE   H N N 22  
ARG HH11 H N N 23  
ARG HH12 H N N 24  
ARG HH21 H N N 25  
ARG HH22 H N N 26  
ARG HXT  H N N 27  
ASP N    N N N 28  
ASP CA   C N S 29  
ASP C    C N N 30  
ASP O    O N N 31  
ASP CB   C N N 32  
ASP CG   C N N 33  
ASP OD1  O N N 34  
ASP OD2  O N N 35  
ASP OXT  O N N 36  
ASP H    H N N 37  
ASP H2   H N N 38  
ASP HA   H N N 39  
ASP HB2  H N N 40  
ASP HB3  H N N 41  
ASP HD2  H N N 42  
ASP HXT  H N N 43  
DAR N    N N N 44  
DAR CA   C N R 45  
DAR CB   C N N 46  
DAR CG   C N N 47  
DAR CD   C N N 48  
DAR NE   N N N 49  
DAR CZ   C N N 50  
DAR NH1  N N N 51  
DAR NH2  N N N 52  
DAR C    C N N 53  
DAR O    O N N 54  
DAR OXT  O N N 55  
DAR H    H N N 56  
DAR H2   H N N 57  
DAR HA   H N N 58  
DAR HB2  H N N 59  
DAR HB3  H N N 60  
DAR HG2  H N N 61  
DAR HG3  H N N 62  
DAR HD2  H N N 63  
DAR HD3  H N N 64  
DAR HE   H N N 65  
DAR HH11 H N N 66  
DAR HH12 H N N 67  
DAR HH21 H N N 68  
DAR HH22 H N N 69  
DAR HXT  H N N 70  
DGL N    N N N 71  
DGL CA   C N R 72  
DGL C    C N N 73  
DGL O    O N N 74  
DGL CB   C N N 75  
DGL CG   C N N 76  
DGL CD   C N N 77  
DGL OE1  O N N 78  
DGL OE2  O N N 79  
DGL OXT  O N N 80  
DGL H    H N N 81  
DGL H2   H N N 82  
DGL HA   H N N 83  
DGL HB2  H N N 84  
DGL HB3  H N N 85  
DGL HG2  H N N 86  
DGL HG3  H N N 87  
DGL HE2  H N N 88  
DGL HXT  H N N 89  
DPR N    N N N 90  
DPR CA   C N R 91  
DPR CB   C N N 92  
DPR CG   C N N 93  
DPR CD   C N N 94  
DPR C    C N N 95  
DPR O    O N N 96  
DPR OXT  O N N 97  
DPR H    H N N 98  
DPR HA   H N N 99  
DPR HB2  H N N 100 
DPR HB3  H N N 101 
DPR HG2  H N N 102 
DPR HG3  H N N 103 
DPR HD2  H N N 104 
DPR HD3  H N N 105 
DPR HXT  H N N 106 
LEU N    N N N 107 
LEU CA   C N S 108 
LEU C    C N N 109 
LEU O    O N N 110 
LEU CB   C N N 111 
LEU CG   C N N 112 
LEU CD1  C N N 113 
LEU CD2  C N N 114 
LEU OXT  O N N 115 
LEU H    H N N 116 
LEU H2   H N N 117 
LEU HA   H N N 118 
LEU HB2  H N N 119 
LEU HB3  H N N 120 
LEU HG   H N N 121 
LEU HD11 H N N 122 
LEU HD12 H N N 123 
LEU HD13 H N N 124 
LEU HD21 H N N 125 
LEU HD22 H N N 126 
LEU HD23 H N N 127 
LEU HXT  H N N 128 
MET N    N N N 129 
MET CA   C N S 130 
MET C    C N N 131 
MET O    O N N 132 
MET CB   C N N 133 
MET CG   C N N 134 
MET SD   S N N 135 
MET CE   C N N 136 
MET OXT  O N N 137 
MET H    H N N 138 
MET H2   H N N 139 
MET HA   H N N 140 
MET HB2  H N N 141 
MET HB3  H N N 142 
MET HG2  H N N 143 
MET HG3  H N N 144 
MET HE1  H N N 145 
MET HE2  H N N 146 
MET HE3  H N N 147 
MET HXT  H N N 148 
THR N    N N N 149 
THR CA   C N S 150 
THR C    C N N 151 
THR O    O N N 152 
THR CB   C N R 153 
THR OG1  O N N 154 
THR CG2  C N N 155 
THR OXT  O N N 156 
THR H    H N N 157 
THR H2   H N N 158 
THR HA   H N N 159 
THR HB   H N N 160 
THR HG1  H N N 161 
THR HG21 H N N 162 
THR HG22 H N N 163 
THR HG23 H N N 164 
THR HXT  H N N 165 
TYR N    N N N 166 
TYR CA   C N S 167 
TYR C    C N N 168 
TYR O    O N N 169 
TYR CB   C N N 170 
TYR CG   C Y N 171 
TYR CD1  C Y N 172 
TYR CD2  C Y N 173 
TYR CE1  C Y N 174 
TYR CE2  C Y N 175 
TYR CZ   C Y N 176 
TYR OH   O N N 177 
TYR OXT  O N N 178 
TYR H    H N N 179 
TYR H2   H N N 180 
TYR HA   H N N 181 
TYR HB2  H N N 182 
TYR HB3  H N N 183 
TYR HD1  H N N 184 
TYR HD2  H N N 185 
TYR HE1  H N N 186 
TYR HE2  H N N 187 
TYR HH   H N N 188 
TYR HXT  H N N 189 
# 
loop_
_chem_comp_bond.comp_id 
_chem_comp_bond.atom_id_1 
_chem_comp_bond.atom_id_2 
_chem_comp_bond.value_order 
_chem_comp_bond.pdbx_aromatic_flag 
_chem_comp_bond.pdbx_stereo_config 
_chem_comp_bond.pdbx_ordinal 
ARG N   CA   sing N N 1   
ARG N   H    sing N N 2   
ARG N   H2   sing N N 3   
ARG CA  C    sing N N 4   
ARG CA  CB   sing N N 5   
ARG CA  HA   sing N N 6   
ARG C   O    doub N N 7   
ARG C   OXT  sing N N 8   
ARG CB  CG   sing N N 9   
ARG CB  HB2  sing N N 10  
ARG CB  HB3  sing N N 11  
ARG CG  CD   sing N N 12  
ARG CG  HG2  sing N N 13  
ARG CG  HG3  sing N N 14  
ARG CD  NE   sing N N 15  
ARG CD  HD2  sing N N 16  
ARG CD  HD3  sing N N 17  
ARG NE  CZ   sing N N 18  
ARG NE  HE   sing N N 19  
ARG CZ  NH1  sing N N 20  
ARG CZ  NH2  doub N N 21  
ARG NH1 HH11 sing N N 22  
ARG NH1 HH12 sing N N 23  
ARG NH2 HH21 sing N N 24  
ARG NH2 HH22 sing N N 25  
ARG OXT HXT  sing N N 26  
ASP N   CA   sing N N 27  
ASP N   H    sing N N 28  
ASP N   H2   sing N N 29  
ASP CA  C    sing N N 30  
ASP CA  CB   sing N N 31  
ASP CA  HA   sing N N 32  
ASP C   O    doub N N 33  
ASP C   OXT  sing N N 34  
ASP CB  CG   sing N N 35  
ASP CB  HB2  sing N N 36  
ASP CB  HB3  sing N N 37  
ASP CG  OD1  doub N N 38  
ASP CG  OD2  sing N N 39  
ASP OD2 HD2  sing N N 40  
ASP OXT HXT  sing N N 41  
DAR N   CA   sing N N 42  
DAR N   H    sing N N 43  
DAR N   H2   sing N N 44  
DAR CA  CB   sing N N 45  
DAR CA  C    sing N N 46  
DAR CA  HA   sing N N 47  
DAR CB  CG   sing N N 48  
DAR CB  HB2  sing N N 49  
DAR CB  HB3  sing N N 50  
DAR CG  CD   sing N N 51  
DAR CG  HG2  sing N N 52  
DAR CG  HG3  sing N N 53  
DAR CD  NE   sing N N 54  
DAR CD  HD2  sing N N 55  
DAR CD  HD3  sing N N 56  
DAR NE  CZ   sing N N 57  
DAR NE  HE   sing N N 58  
DAR CZ  NH1  sing N N 59  
DAR CZ  NH2  doub N N 60  
DAR NH1 HH11 sing N N 61  
DAR NH1 HH12 sing N N 62  
DAR NH2 HH21 sing N N 63  
DAR NH2 HH22 sing N N 64  
DAR C   O    doub N N 65  
DAR C   OXT  sing N N 66  
DAR OXT HXT  sing N N 67  
DGL N   CA   sing N N 68  
DGL N   H    sing N N 69  
DGL N   H2   sing N N 70  
DGL CA  C    sing N N 71  
DGL CA  CB   sing N N 72  
DGL CA  HA   sing N N 73  
DGL C   O    doub N N 74  
DGL C   OXT  sing N N 75  
DGL CB  CG   sing N N 76  
DGL CB  HB2  sing N N 77  
DGL CB  HB3  sing N N 78  
DGL CG  CD   sing N N 79  
DGL CG  HG2  sing N N 80  
DGL CG  HG3  sing N N 81  
DGL CD  OE1  doub N N 82  
DGL CD  OE2  sing N N 83  
DGL OE2 HE2  sing N N 84  
DGL OXT HXT  sing N N 85  
DPR N   CA   sing N N 86  
DPR N   CD   sing N N 87  
DPR N   H    sing N N 88  
DPR CA  CB   sing N N 89  
DPR CA  C    sing N N 90  
DPR CA  HA   sing N N 91  
DPR CB  CG   sing N N 92  
DPR CB  HB2  sing N N 93  
DPR CB  HB3  sing N N 94  
DPR CG  CD   sing N N 95  
DPR CG  HG2  sing N N 96  
DPR CG  HG3  sing N N 97  
DPR CD  HD2  sing N N 98  
DPR CD  HD3  sing N N 99  
DPR C   O    doub N N 100 
DPR C   OXT  sing N N 101 
DPR OXT HXT  sing N N 102 
LEU N   CA   sing N N 103 
LEU N   H    sing N N 104 
LEU N   H2   sing N N 105 
LEU CA  C    sing N N 106 
LEU CA  CB   sing N N 107 
LEU CA  HA   sing N N 108 
LEU C   O    doub N N 109 
LEU C   OXT  sing N N 110 
LEU CB  CG   sing N N 111 
LEU CB  HB2  sing N N 112 
LEU CB  HB3  sing N N 113 
LEU CG  CD1  sing N N 114 
LEU CG  CD2  sing N N 115 
LEU CG  HG   sing N N 116 
LEU CD1 HD11 sing N N 117 
LEU CD1 HD12 sing N N 118 
LEU CD1 HD13 sing N N 119 
LEU CD2 HD21 sing N N 120 
LEU CD2 HD22 sing N N 121 
LEU CD2 HD23 sing N N 122 
LEU OXT HXT  sing N N 123 
MET N   CA   sing N N 124 
MET N   H    sing N N 125 
MET N   H2   sing N N 126 
MET CA  C    sing N N 127 
MET CA  CB   sing N N 128 
MET CA  HA   sing N N 129 
MET C   O    doub N N 130 
MET C   OXT  sing N N 131 
MET CB  CG   sing N N 132 
MET CB  HB2  sing N N 133 
MET CB  HB3  sing N N 134 
MET CG  SD   sing N N 135 
MET CG  HG2  sing N N 136 
MET CG  HG3  sing N N 137 
MET SD  CE   sing N N 138 
MET CE  HE1  sing N N 139 
MET CE  HE2  sing N N 140 
MET CE  HE3  sing N N 141 
MET OXT HXT  sing N N 142 
THR N   CA   sing N N 143 
THR N   H    sing N N 144 
THR N   H2   sing N N 145 
THR CA  C    sing N N 146 
THR CA  CB   sing N N 147 
THR CA  HA   sing N N 148 
THR C   O    doub N N 149 
THR C   OXT  sing N N 150 
THR CB  OG1  sing N N 151 
THR CB  CG2  sing N N 152 
THR CB  HB   sing N N 153 
THR OG1 HG1  sing N N 154 
THR CG2 HG21 sing N N 155 
THR CG2 HG22 sing N N 156 
THR CG2 HG23 sing N N 157 
THR OXT HXT  sing N N 158 
TYR N   CA   sing N N 159 
TYR N   H    sing N N 160 
TYR N   H2   sing N N 161 
TYR CA  C    sing N N 162 
TYR CA  CB   sing N N 163 
TYR CA  HA   sing N N 164 
TYR C   O    doub N N 165 
TYR C   OXT  sing N N 166 
TYR CB  CG   sing N N 167 
TYR CB  HB2  sing N N 168 
TYR CB  HB3  sing N N 169 
TYR CG  CD1  doub Y N 170 
TYR CG  CD2  sing Y N 171 
TYR CD1 CE1  sing Y N 172 
TYR CD1 HD1  sing N N 173 
TYR CD2 CE2  doub Y N 174 
TYR CD2 HD2  sing N N 175 
TYR CE1 CZ   doub Y N 176 
TYR CE1 HE1  sing N N 177 
TYR CE2 CZ   sing Y N 178 
TYR CE2 HE2  sing N N 179 
TYR CZ  OH   sing N N 180 
TYR OH  HH   sing N N 181 
TYR OXT HXT  sing N N 182 
# 
_pdbx_audit_support.funding_organization   'Spanish Ministry of Science, Innovation, and Universities' 
_pdbx_audit_support.country                Spain 
_pdbx_audit_support.grant_number           'BIO 2016-75327-R' 
_pdbx_audit_support.ordinal                1 
# 
_pdbx_nmr_spectrometer.spectrometer_id   1 
_pdbx_nmr_spectrometer.model             AVANCE 
_pdbx_nmr_spectrometer.type              ? 
_pdbx_nmr_spectrometer.manufacturer      Bruker 
_pdbx_nmr_spectrometer.field_strength    800 
_pdbx_nmr_spectrometer.details           ? 
# 
_atom_sites.entry_id                    6TVJ 
_atom_sites.Cartn_transf_matrix[1][1]   ? 
_atom_sites.Cartn_transf_matrix[1][2]   ? 
_atom_sites.Cartn_transf_matrix[1][3]   ? 
_atom_sites.Cartn_transf_matrix[2][1]   ? 
_atom_sites.Cartn_transf_matrix[2][2]   ? 
_atom_sites.Cartn_transf_matrix[2][3]   ? 
_atom_sites.Cartn_transf_matrix[3][1]   ? 
_atom_sites.Cartn_transf_matrix[3][2]   ? 
_atom_sites.Cartn_transf_matrix[3][3]   ? 
_atom_sites.Cartn_transf_vector[1]      ? 
_atom_sites.Cartn_transf_vector[2]      ? 
_atom_sites.Cartn_transf_vector[3]      ? 
_atom_sites.fract_transf_matrix[1][1]   1.000000 
_atom_sites.fract_transf_matrix[1][2]   0.000000 
_atom_sites.fract_transf_matrix[1][3]   0.000000 
_atom_sites.fract_transf_matrix[2][1]   0.000000 
_atom_sites.fract_transf_matrix[2][2]   1.000000 
_atom_sites.fract_transf_matrix[2][3]   0.000000 
_atom_sites.fract_transf_matrix[3][1]   0.000000 
_atom_sites.fract_transf_matrix[3][2]   0.000000 
_atom_sites.fract_transf_matrix[3][3]   1.000000 
_atom_sites.fract_transf_vector[1]      0.00000 
_atom_sites.fract_transf_vector[2]      0.00000 
_atom_sites.fract_transf_vector[3]      0.00000 
_atom_sites.solution_primary            ? 
_atom_sites.solution_secondary          ? 
_atom_sites.solution_hydrogens          ? 
_atom_sites.special_details             ? 
# 
loop_
_atom_type.symbol 
C 
H 
N 
O 
S 
# 
loop_
_atom_site.group_PDB 
_atom_site.id 
_atom_site.type_symbol 
_atom_site.label_atom_id 
_atom_site.label_alt_id 
_atom_site.label_comp_id 
_atom_site.label_asym_id 
_atom_site.label_entity_id 
_atom_site.label_seq_id 
_atom_site.pdbx_PDB_ins_code 
_atom_site.Cartn_x 
_atom_site.Cartn_y 
_atom_site.Cartn_z 
_atom_site.occupancy 
_atom_site.B_iso_or_equiv 
_atom_site.pdbx_formal_charge 
_atom_site.auth_seq_id 
_atom_site.auth_comp_id 
_atom_site.auth_asym_id 
_atom_site.auth_atom_id 
_atom_site.pdbx_PDB_model_num 
ATOM   1    N N    . LEU A 1 1  ? 0.066  -3.026  -1.129 1.00 0.00 ?  1  LEU A N    1  
ATOM   2    C CA   . LEU A 1 1  ? 0.498  -4.343  -1.586 1.00 0.00 ?  1  LEU A CA   1  
ATOM   3    C C    . LEU A 1 1  ? 1.844  -4.712  -0.969 1.00 0.00 ?  1  LEU A C    1  
ATOM   4    O O    . LEU A 1 1  ? 2.683  -3.847  -0.723 1.00 0.00 ?  1  LEU A O    1  
ATOM   5    C CB   . LEU A 1 1  ? 0.614  -4.355  -3.112 1.00 0.00 ?  1  LEU A CB   1  
ATOM   6    C CG   . LEU A 1 1  ? -0.411 -5.328  -3.696 1.00 0.00 ?  1  LEU A CG   1  
ATOM   7    C CD1  . LEU A 1 1  ? -0.464 -5.163  -5.215 1.00 0.00 ?  1  LEU A CD1  1  
ATOM   8    C CD2  . LEU A 1 1  ? -0.002 -6.763  -3.354 1.00 0.00 ?  1  LEU A CD2  1  
ATOM   9    H H1   . LEU A 1 1  ? 0.623  -2.531  -0.494 1.00 0.00 ?  1  LEU A H1   1  
ATOM   10   H HA   . LEU A 1 1  ? -0.237 -5.075  -1.288 1.00 0.00 ?  1  LEU A HA   1  
ATOM   11   H HB2  . LEU A 1 1  ? 0.428  -3.362  -3.495 1.00 0.00 ?  1  LEU A HB2  1  
ATOM   12   H HB3  . LEU A 1 1  ? 1.608  -4.669  -3.395 1.00 0.00 ?  1  LEU A HB3  1  
ATOM   13   H HG   . LEU A 1 1  ? -1.385 -5.120  -3.277 1.00 0.00 ?  1  LEU A HG   1  
ATOM   14   H HD11 . LEU A 1 1  ? -0.938 -4.224  -5.459 1.00 0.00 ?  1  LEU A HD11 1  
ATOM   15   H HD12 . LEU A 1 1  ? -1.032 -5.975  -5.646 1.00 0.00 ?  1  LEU A HD12 1  
ATOM   16   H HD13 . LEU A 1 1  ? 0.539  -5.175  -5.614 1.00 0.00 ?  1  LEU A HD13 1  
ATOM   17   H HD21 . LEU A 1 1  ? -0.122 -6.928  -2.293 1.00 0.00 ?  1  LEU A HD21 1  
ATOM   18   H HD22 . LEU A 1 1  ? 1.031  -6.918  -3.628 1.00 0.00 ?  1  LEU A HD22 1  
ATOM   19   H HD23 . LEU A 1 1  ? -0.627 -7.455  -3.899 1.00 0.00 ?  1  LEU A HD23 1  
HETATM 20   N N    . DGL A 1 2  ? 2.041  -6.004  -0.722 1.00 0.00 ?  2  DGL A N    1  
HETATM 21   C CA   . DGL A 1 2  ? 3.289  -6.481  -0.134 1.00 0.00 ?  2  DGL A CA   1  
HETATM 22   C C    . DGL A 1 2  ? 3.620  -5.693  1.130  1.00 0.00 ?  2  DGL A C    1  
HETATM 23   O O    . DGL A 1 2  ? 4.784  -5.577  1.513  1.00 0.00 ?  2  DGL A O    1  
HETATM 24   C CB   . DGL A 1 2  ? 3.169  -7.970  0.203  1.00 0.00 ?  2  DGL A CB   1  
HETATM 25   C CG   . DGL A 1 2  ? 4.468  -8.464  0.846  1.00 0.00 ?  2  DGL A CG   1  
HETATM 26   C CD   . DGL A 1 2  ? 4.345  -9.943  1.197  1.00 0.00 ?  2  DGL A CD   1  
HETATM 27   O OE1  . DGL A 1 2  ? 5.302  -10.489 1.721  1.00 0.00 ?  2  DGL A OE1  1  
HETATM 28   O OE2  . DGL A 1 2  ? 3.295  -10.507 0.938  1.00 0.00 -1 2  DGL A OE2  1  
HETATM 29   H H    . DGL A 1 2  ? 1.335  -6.649  -0.940 1.00 0.00 ?  2  DGL A H    1  
HETATM 30   H HA   . DGL A 1 2  ? 4.086  -6.348  -0.848 1.00 0.00 ?  2  DGL A HA   1  
HETATM 31   H HB2  . DGL A 1 2  ? 2.348  -8.118  0.889  1.00 0.00 ?  2  DGL A HB2  1  
HETATM 32   H HB3  . DGL A 1 2  ? 2.984  -8.529  -0.703 1.00 0.00 ?  2  DGL A HB3  1  
HETATM 33   H HG2  . DGL A 1 2  ? 5.286  -8.326  0.154  1.00 0.00 ?  2  DGL A HG2  1  
HETATM 34   H HG3  . DGL A 1 2  ? 4.662  -7.900  1.746  1.00 0.00 ?  2  DGL A HG3  1  
HETATM 35   N N    . DAR A 1 3  ? 2.590  -5.153  1.772  1.00 0.00 ?  3  DAR A N    1  
HETATM 36   C CA   . DAR A 1 3  ? 2.783  -4.378  2.992  1.00 0.00 ?  3  DAR A CA   1  
HETATM 37   C CB   . DAR A 1 3  ? 2.656  -5.291  4.213  1.00 0.00 ?  3  DAR A CB   1  
HETATM 38   C CG   . DAR A 1 3  ? 3.919  -5.182  5.071  1.00 0.00 ?  3  DAR A CG   1  
HETATM 39   C CD   . DAR A 1 3  ? 3.838  -3.935  5.952  1.00 0.00 ?  3  DAR A CD   1  
HETATM 40   N NE   . DAR A 1 3  ? 2.951  -4.175  7.086  1.00 0.00 ?  3  DAR A NE   1  
HETATM 41   C CZ   . DAR A 1 3  ? 2.650  -3.211  7.958  1.00 0.00 ?  3  DAR A CZ   1  
HETATM 42   N NH1  . DAR A 1 3  ? 1.851  -3.472  8.956  1.00 0.00 ?  3  DAR A NH1  1  
HETATM 43   N NH2  . DAR A 1 3  ? 3.145  -2.006  7.824  1.00 0.00 1  3  DAR A NH2  1  
HETATM 44   C C    . DAR A 1 3  ? 1.746  -3.262  3.072  1.00 0.00 ?  3  DAR A C    1  
HETATM 45   O O    . DAR A 1 3  ? 0.587  -3.453  2.703  1.00 0.00 ?  3  DAR A O    1  
HETATM 46   H H    . DAR A 1 3  ? 1.684  -5.279  1.420  1.00 0.00 ?  3  DAR A H    1  
HETATM 47   H HA   . DAR A 1 3  ? 3.771  -3.941  2.981  1.00 0.00 ?  3  DAR A HA   1  
HETATM 48   H HB2  . DAR A 1 3  ? 1.796  -4.994  4.797  1.00 0.00 ?  3  DAR A HB2  1  
HETATM 49   H HB3  . DAR A 1 3  ? 2.533  -6.313  3.887  1.00 0.00 ?  3  DAR A HB3  1  
HETATM 50   H HG2  . DAR A 1 3  ? 4.005  -6.059  5.695  1.00 0.00 ?  3  DAR A HG2  1  
HETATM 51   H HG3  . DAR A 1 3  ? 4.783  -5.110  4.429  1.00 0.00 ?  3  DAR A HG3  1  
HETATM 52   H HD2  . DAR A 1 3  ? 4.823  -3.689  6.316  1.00 0.00 ?  3  DAR A HD2  1  
HETATM 53   H HD3  . DAR A 1 3  ? 3.459  -3.109  5.367  1.00 0.00 ?  3  DAR A HD3  1  
HETATM 54   H HE   . DAR A 1 3  ? 2.567  -5.068  7.210  1.00 0.00 ?  3  DAR A HE   1  
HETATM 55   H HH11 . DAR A 1 3  ? 1.470  -4.390  9.065  1.00 0.00 ?  3  DAR A HH11 1  
HETATM 56   H HH12 . DAR A 1 3  ? 1.621  -2.754  9.614  1.00 0.00 ?  3  DAR A HH12 1  
HETATM 57   H HH21 . DAR A 1 3  ? 3.757  -1.793  7.064  1.00 0.00 ?  3  DAR A HH21 1  
HETATM 58   H HH22 . DAR A 1 3  ? 2.909  -1.295  8.486  1.00 0.00 ?  3  DAR A HH22 1  
ATOM   59   N N    . ARG A 1 4  ? 2.168  -2.093  3.546  1.00 0.00 ?  4  ARG A N    1  
ATOM   60   C CA   . ARG A 1 4  ? 1.260  -0.958  3.655  1.00 0.00 ?  4  ARG A CA   1  
ATOM   61   C C    . ARG A 1 4  ? 1.869  0.277   2.998  1.00 0.00 ?  4  ARG A C    1  
ATOM   62   O O    . ARG A 1 4  ? 3.031  0.608   3.231  1.00 0.00 ?  4  ARG A O    1  
ATOM   63   C CB   . ARG A 1 4  ? 0.961  -0.660  5.125  1.00 0.00 ?  4  ARG A CB   1  
ATOM   64   C CG   . ARG A 1 4  ? 0.160  -1.817  5.728  1.00 0.00 ?  4  ARG A CG   1  
ATOM   65   C CD   . ARG A 1 4  ? -0.145 -1.516  7.196  1.00 0.00 ?  4  ARG A CD   1  
ATOM   66   N NE   . ARG A 1 4  ? -0.897 -2.616  7.792  1.00 0.00 ?  4  ARG A NE   1  
ATOM   67   C CZ   . ARG A 1 4  ? -1.295 -2.586  9.065  1.00 0.00 ?  4  ARG A CZ   1  
ATOM   68   N NH1  . ARG A 1 4  ? -1.022 -1.559  9.830  1.00 0.00 1  4  ARG A NH1  1  
ATOM   69   N NH2  . ARG A 1 4  ? -1.964 -3.594  9.555  1.00 0.00 ?  4  ARG A NH2  1  
ATOM   70   H H    . ARG A 1 4  ? 3.103  -1.993  3.820  1.00 0.00 ?  4  ARG A H    1  
ATOM   71   H HA   . ARG A 1 4  ? 0.335  -1.200  3.153  1.00 0.00 ?  4  ARG A HA   1  
ATOM   72   H HB2  . ARG A 1 4  ? 1.890  -0.545  5.665  1.00 0.00 ?  4  ARG A HB2  1  
ATOM   73   H HB3  . ARG A 1 4  ? 0.386  0.249   5.199  1.00 0.00 ?  4  ARG A HB3  1  
ATOM   74   H HG2  . ARG A 1 4  ? -0.765 -1.936  5.183  1.00 0.00 ?  4  ARG A HG2  1  
ATOM   75   H HG3  . ARG A 1 4  ? 0.738  -2.728  5.662  1.00 0.00 ?  4  ARG A HG3  1  
ATOM   76   H HD2  . ARG A 1 4  ? 0.780  -1.383  7.735  1.00 0.00 ?  4  ARG A HD2  1  
ATOM   77   H HD3  . ARG A 1 4  ? -0.727 -0.607  7.259  1.00 0.00 ?  4  ARG A HD3  1  
ATOM   78   H HE   . ARG A 1 4  ? -1.114 -3.397  7.242  1.00 0.00 ?  4  ARG A HE   1  
ATOM   79   H HH11 . ARG A 1 4  ? -0.510 -0.781  9.467  1.00 0.00 ?  4  ARG A HH11 1  
ATOM   80   H HH12 . ARG A 1 4  ? -1.327 -1.553  10.781 1.00 0.00 ?  4  ARG A HH12 1  
ATOM   81   H HH21 . ARG A 1 4  ? -2.176 -4.382  8.977  1.00 0.00 ?  4  ARG A HH21 1  
ATOM   82   H HH22 . ARG A 1 4  ? -2.265 -3.579  10.509 1.00 0.00 ?  4  ARG A HH22 1  
ATOM   83   N N    . TYR A 1 5  ? 1.073  0.955   2.180  1.00 0.00 ?  5  TYR A N    1  
ATOM   84   C CA   . TYR A 1 5  ? 1.538  2.156   1.494  1.00 0.00 ?  5  TYR A CA   1  
ATOM   85   C C    . TYR A 1 5  ? 0.398  3.160   1.357  1.00 0.00 ?  5  TYR A C    1  
ATOM   86   O O    . TYR A 1 5  ? -0.168 3.325   0.275  1.00 0.00 ?  5  TYR A O    1  
ATOM   87   C CB   . TYR A 1 5  ? 2.072  1.792   0.108  1.00 0.00 ?  5  TYR A CB   1  
ATOM   88   C CG   . TYR A 1 5  ? 2.795  2.980   -0.481 1.00 0.00 ?  5  TYR A CG   1  
ATOM   89   C CD1  . TYR A 1 5  ? 4.150  3.186   -0.194 1.00 0.00 ?  5  TYR A CD1  1  
ATOM   90   C CD2  . TYR A 1 5  ? 2.112  3.874   -1.315 1.00 0.00 ?  5  TYR A CD2  1  
ATOM   91   C CE1  . TYR A 1 5  ? 4.822  4.287   -0.740 1.00 0.00 ?  5  TYR A CE1  1  
ATOM   92   C CE2  . TYR A 1 5  ? 2.785  4.975   -1.860 1.00 0.00 ?  5  TYR A CE2  1  
ATOM   93   C CZ   . TYR A 1 5  ? 4.139  5.180   -1.573 1.00 0.00 ?  5  TYR A CZ   1  
ATOM   94   O OH   . TYR A 1 5  ? 4.801  6.265   -2.110 1.00 0.00 ?  5  TYR A OH   1  
ATOM   95   H H    . TYR A 1 5  ? 0.155  0.645   2.035  1.00 0.00 ?  5  TYR A H    1  
ATOM   96   H HA   . TYR A 1 5  ? 2.336  2.602   2.068  1.00 0.00 ?  5  TYR A HA   1  
ATOM   97   H HB2  . TYR A 1 5  ? 2.754  0.959   0.192  1.00 0.00 ?  5  TYR A HB2  1  
ATOM   98   H HB3  . TYR A 1 5  ? 1.249  1.519   -0.535 1.00 0.00 ?  5  TYR A HB3  1  
ATOM   99   H HD1  . TYR A 1 5  ? 4.677  2.497   0.449  1.00 0.00 ?  5  TYR A HD1  1  
ATOM   100  H HD2  . TYR A 1 5  ? 1.067  3.715   -1.537 1.00 0.00 ?  5  TYR A HD2  1  
ATOM   101  H HE1  . TYR A 1 5  ? 5.867  4.445   -0.518 1.00 0.00 ?  5  TYR A HE1  1  
ATOM   102  H HE2  . TYR A 1 5  ? 2.258  5.664   -2.503 1.00 0.00 ?  5  TYR A HE2  1  
ATOM   103  H HH   . TYR A 1 5  ? 5.606  5.946   -2.526 1.00 0.00 ?  5  TYR A HH   1  
HETATM 104  N N    . DPR A 1 6  ? 0.046  3.822   2.426  1.00 0.00 ?  6  DPR A N    1  
HETATM 105  C CA   . DPR A 1 6  ? -1.057 4.823   2.423  1.00 0.00 ?  6  DPR A CA   1  
HETATM 106  C CB   . DPR A 1 6  ? -1.336 5.060   3.908  1.00 0.00 ?  6  DPR A CB   1  
HETATM 107  C CG   . DPR A 1 6  ? -0.062 4.728   4.611  1.00 0.00 ?  6  DPR A CG   1  
HETATM 108  C CD   . DPR A 1 6  ? 0.662  3.686   3.756  1.00 0.00 ?  6  DPR A CD   1  
HETATM 109  C C    . DPR A 1 6  ? -2.299 4.291   1.711  1.00 0.00 ?  6  DPR A C    1  
HETATM 110  O O    . DPR A 1 6  ? -2.934 3.345   2.177  1.00 0.00 ?  6  DPR A O    1  
HETATM 111  H HA   . DPR A 1 6  ? -0.727 5.741   1.966  1.00 0.00 ?  6  DPR A HA   1  
HETATM 112  H HB2  . DPR A 1 6  ? -1.602 6.095   4.076  1.00 0.00 ?  6  DPR A HB2  1  
HETATM 113  H HB3  . DPR A 1 6  ? -2.126 4.409   4.250  1.00 0.00 ?  6  DPR A HB3  1  
HETATM 114  H HG2  . DPR A 1 6  ? 0.547  5.617   4.710  1.00 0.00 ?  6  DPR A HG2  1  
HETATM 115  H HG3  . DPR A 1 6  ? -0.273 4.314   5.585  1.00 0.00 ?  6  DPR A HG3  1  
HETATM 116  H HD2  . DPR A 1 6  ? 1.720  3.904   3.710  1.00 0.00 ?  6  DPR A HD2  1  
HETATM 117  H HD3  . DPR A 1 6  ? 0.495  2.694   4.144  1.00 0.00 ?  6  DPR A HD3  1  
ATOM   118  N N    . ASP A 1 7  ? -2.634 4.899   0.578  1.00 0.00 ?  7  ASP A N    1  
ATOM   119  C CA   . ASP A 1 7  ? -3.799 4.469   -0.186 1.00 0.00 ?  7  ASP A CA   1  
ATOM   120  C C    . ASP A 1 7  ? -3.599 4.752   -1.672 1.00 0.00 ?  7  ASP A C    1  
ATOM   121  O O    . ASP A 1 7  ? -4.518 5.203   -2.356 1.00 0.00 ?  7  ASP A O    1  
ATOM   122  C CB   . ASP A 1 7  ? -5.049 5.196   0.312  1.00 0.00 ?  7  ASP A CB   1  
ATOM   123  C CG   . ASP A 1 7  ? -6.299 4.558   -0.286 1.00 0.00 ?  7  ASP A CG   1  
ATOM   124  O OD1  . ASP A 1 7  ? -6.154 3.720   -1.160 1.00 0.00 ?  7  ASP A OD1  1  
ATOM   125  O OD2  . ASP A 1 7  ? -7.385 4.918   0.140  1.00 0.00 -1 7  ASP A OD2  1  
ATOM   126  H H    . ASP A 1 7  ? -2.091 5.645   0.250  1.00 0.00 ?  7  ASP A H    1  
ATOM   127  H HA   . ASP A 1 7  ? -3.936 3.406   -0.048 1.00 0.00 ?  7  ASP A HA   1  
ATOM   128  H HB2  . ASP A 1 7  ? -5.095 5.132   1.390  1.00 0.00 ?  7  ASP A HB2  1  
ATOM   129  H HB3  . ASP A 1 7  ? -5.002 6.233   0.016  1.00 0.00 ?  7  ASP A HB3  1  
ATOM   130  N N    . THR A 1 8  ? -2.393 4.486   -2.166 1.00 0.00 ?  8  THR A N    1  
ATOM   131  C CA   . THR A 1 8  ? -2.089 4.717   -3.573 1.00 0.00 ?  8  THR A CA   1  
ATOM   132  C C    . THR A 1 8  ? -1.740 3.408   -4.279 1.00 0.00 ?  8  THR A C    1  
ATOM   133  O O    . THR A 1 8  ? -1.807 3.320   -5.506 1.00 0.00 ?  8  THR A O    1  
ATOM   134  C CB   . THR A 1 8  ? -0.917 5.693   -3.700 1.00 0.00 ?  8  THR A CB   1  
ATOM   135  O OG1  . THR A 1 8  ? 0.230  5.135   -3.076 1.00 0.00 ?  8  THR A OG1  1  
ATOM   136  C CG2  . THR A 1 8  ? -1.277 7.016   -3.022 1.00 0.00 ?  8  THR A CG2  1  
ATOM   137  H H    . THR A 1 8  ? -1.699 4.128   -1.575 1.00 0.00 ?  8  THR A H    1  
ATOM   138  H HA   . THR A 1 8  ? -2.953 5.151   -4.052 1.00 0.00 ?  8  THR A HA   1  
ATOM   139  H HB   . THR A 1 8  ? -0.709 5.873   -4.744 1.00 0.00 ?  8  THR A HB   1  
ATOM   140  H HG1  . THR A 1 8  ? 0.354  4.248   -3.421 1.00 0.00 ?  8  THR A HG1  1  
ATOM   141  H HG21 . THR A 1 8  ? -2.182 7.410   -3.459 1.00 0.00 ?  8  THR A HG21 1  
ATOM   142  H HG22 . THR A 1 8  ? -0.472 7.723   -3.163 1.00 0.00 ?  8  THR A HG22 1  
ATOM   143  H HG23 . THR A 1 8  ? -1.429 6.849   -1.966 1.00 0.00 ?  8  THR A HG23 1  
ATOM   144  N N    . MET A 1 9  ? -1.366 2.393   -3.503 1.00 0.00 ?  9  MET A N    1  
ATOM   145  C CA   . MET A 1 9  ? -1.010 1.100   -4.077 1.00 0.00 ?  9  MET A CA   1  
ATOM   146  C C    . MET A 1 9  ? -1.503 -0.038  -3.188 1.00 0.00 ?  9  MET A C    1  
ATOM   147  O O    . MET A 1 9  ? -2.303 -0.871  -3.615 1.00 0.00 ?  9  MET A O    1  
ATOM   148  C CB   . MET A 1 9  ? 0.508  1.002   -4.237 1.00 0.00 ?  9  MET A CB   1  
ATOM   149  C CG   . MET A 1 9  ? 0.877  -0.324  -4.909 1.00 0.00 ?  9  MET A CG   1  
ATOM   150  S SD   . MET A 1 9  ? 0.193  -0.371  -6.586 1.00 0.00 ?  9  MET A SD   1  
ATOM   151  C CE   . MET A 1 9  ? 1.386  0.755   -7.348 1.00 0.00 ?  9  MET A CE   1  
ATOM   152  H H    . MET A 1 9  ? -1.329 2.516   -2.532 1.00 0.00 ?  9  MET A H    1  
ATOM   153  H HA   . MET A 1 9  ? -1.472 1.010   -5.048 1.00 0.00 ?  9  MET A HA   1  
ATOM   154  H HB2  . MET A 1 9  ? 0.858  1.823   -4.846 1.00 0.00 ?  9  MET A HB2  1  
ATOM   155  H HB3  . MET A 1 9  ? 0.976  1.052   -3.265 1.00 0.00 ?  9  MET A HB3  1  
ATOM   156  H HG2  . MET A 1 9  ? 1.951  -0.416  -4.958 1.00 0.00 ?  9  MET A HG2  1  
ATOM   157  H HG3  . MET A 1 9  ? 0.472  -1.143  -4.333 1.00 0.00 ?  9  MET A HG3  1  
ATOM   158  H HE1  . MET A 1 9  ? 2.372  0.559   -6.948 1.00 0.00 ?  9  MET A HE1  1  
ATOM   159  H HE2  . MET A 1 9  ? 1.110  1.774   -7.135 1.00 0.00 ?  9  MET A HE2  1  
ATOM   160  H HE3  . MET A 1 9  ? 1.391  0.602   -8.419 1.00 0.00 ?  9  MET A HE3  1  
ATOM   161  N N    . TYR A 1 10 ? -1.018 -0.065  -1.951 1.00 0.00 ?  10 TYR A N    1  
ATOM   162  C CA   . TYR A 1 10 ? -1.412 -1.105  -1.008 1.00 0.00 ?  10 TYR A CA   1  
ATOM   163  C C    . TYR A 1 10 ? -1.072 -2.487  -1.559 1.00 0.00 ?  10 TYR A C    1  
ATOM   164  O O    . TYR A 1 10 ? -1.821 -3.050  -2.355 1.00 0.00 ?  10 TYR A O    1  
ATOM   165  C CB   . TYR A 1 10 ? -2.916 -1.019  -0.734 1.00 0.00 ?  10 TYR A CB   1  
ATOM   166  C CG   . TYR A 1 10 ? -3.151 -0.943  0.754  1.00 0.00 ?  10 TYR A CG   1  
ATOM   167  C CD1  . TYR A 1 10 ? -3.779 -2.003  1.420  1.00 0.00 ?  10 TYR A CD1  1  
ATOM   168  C CD2  . TYR A 1 10 ? -2.742 0.188   1.470  1.00 0.00 ?  10 TYR A CD2  1  
ATOM   169  C CE1  . TYR A 1 10 ? -3.997 -1.932  2.800  1.00 0.00 ?  10 TYR A CE1  1  
ATOM   170  C CE2  . TYR A 1 10 ? -2.961 0.260   2.851  1.00 0.00 ?  10 TYR A CE2  1  
ATOM   171  C CZ   . TYR A 1 10 ? -3.588 -0.800  3.517  1.00 0.00 ?  10 TYR A CZ   1  
ATOM   172  O OH   . TYR A 1 10 ? -3.803 -0.730  4.877  1.00 0.00 ?  10 TYR A OH   1  
ATOM   173  H H    . TYR A 1 10 ? -0.383 0.625   -1.668 1.00 0.00 ?  10 TYR A H    1  
ATOM   174  H HA   . TYR A 1 10 ? -0.882 -0.957  -0.080 1.00 0.00 ?  10 TYR A HA   1  
ATOM   175  H HB2  . TYR A 1 10 ? -3.317 -0.136  -1.209 1.00 0.00 ?  10 TYR A HB2  1  
ATOM   176  H HB3  . TYR A 1 10 ? -3.405 -1.895  -1.131 1.00 0.00 ?  10 TYR A HB3  1  
ATOM   177  H HD1  . TYR A 1 10 ? -4.094 -2.876  0.867  1.00 0.00 ?  10 TYR A HD1  1  
ATOM   178  H HD2  . TYR A 1 10 ? -2.258 1.006   0.956  1.00 0.00 ?  10 TYR A HD2  1  
ATOM   179  H HE1  . TYR A 1 10 ? -4.481 -2.750  3.314  1.00 0.00 ?  10 TYR A HE1  1  
ATOM   180  H HE2  . TYR A 1 10 ? -2.645 1.133   3.404  1.00 0.00 ?  10 TYR A HE2  1  
ATOM   181  H HH   . TYR A 1 10 ? -4.748 -0.651  5.025  1.00 0.00 ?  10 TYR A HH   1  
ATOM   182  N N    . LEU A 1 1  ? -1.486 -3.430  -0.767 1.00 0.00 ?  1  LEU A N    2  
ATOM   183  C CA   . LEU A 1 1  ? -0.805 -4.718  -0.660 1.00 0.00 ?  1  LEU A CA   2  
ATOM   184  C C    . LEU A 1 1  ? 0.701  -4.548  -0.831 1.00 0.00 ?  1  LEU A C    2  
ATOM   185  O O    . LEU A 1 1  ? 1.191  -3.443  -1.069 1.00 0.00 ?  1  LEU A O    2  
ATOM   186  C CB   . LEU A 1 1  ? -1.334 -5.679  -1.726 1.00 0.00 ?  1  LEU A CB   2  
ATOM   187  C CG   . LEU A 1 1  ? -1.953 -6.903  -1.051 1.00 0.00 ?  1  LEU A CG   2  
ATOM   188  C CD1  . LEU A 1 1  ? -3.210 -6.484  -0.285 1.00 0.00 ?  1  LEU A CD1  2  
ATOM   189  C CD2  . LEU A 1 1  ? -2.326 -7.938  -2.113 1.00 0.00 ?  1  LEU A CD2  2  
ATOM   190  H H1   . LEU A 1 1  ? -1.943 -3.062  0.018  1.00 0.00 ?  1  LEU A H1   2  
ATOM   191  H HA   . LEU A 1 1  ? -1.003 -5.137  0.314  1.00 0.00 ?  1  LEU A HA   2  
ATOM   192  H HB2  . LEU A 1 1  ? -2.084 -5.179  -2.324 1.00 0.00 ?  1  LEU A HB2  2  
ATOM   193  H HB3  . LEU A 1 1  ? -0.521 -5.995  -2.362 1.00 0.00 ?  1  LEU A HB3  2  
ATOM   194  H HG   . LEU A 1 1  ? -1.241 -7.332  -0.361 1.00 0.00 ?  1  LEU A HG   2  
ATOM   195  H HD11 . LEU A 1 1  ? -3.829 -5.866  -0.920 1.00 0.00 ?  1  LEU A HD11 2  
ATOM   196  H HD12 . LEU A 1 1  ? -2.929 -5.927  0.595  1.00 0.00 ?  1  LEU A HD12 2  
ATOM   197  H HD13 . LEU A 1 1  ? -3.764 -7.364  0.007  1.00 0.00 ?  1  LEU A HD13 2  
ATOM   198  H HD21 . LEU A 1 1  ? -1.493 -8.078  -2.787 1.00 0.00 ?  1  LEU A HD21 2  
ATOM   199  H HD22 . LEU A 1 1  ? -3.183 -7.590  -2.670 1.00 0.00 ?  1  LEU A HD22 2  
ATOM   200  H HD23 . LEU A 1 1  ? -2.564 -8.877  -1.635 1.00 0.00 ?  1  LEU A HD23 2  
HETATM 201  N N    . DGL A 1 2  ? 1.431  -5.652  -0.702 1.00 0.00 ?  2  DGL A N    2  
HETATM 202  C CA   . DGL A 1 2  ? 2.883  -5.622  -0.841 1.00 0.00 ?  2  DGL A CA   2  
HETATM 203  C C    . DGL A 1 2  ? 3.499  -4.617  0.129  1.00 0.00 ?  2  DGL A C    2  
HETATM 204  O O    . DGL A 1 2  ? 4.510  -3.986  -0.177 1.00 0.00 ?  2  DGL A O    2  
HETATM 205  C CB   . DGL A 1 2  ? 3.463  -7.015  -0.583 1.00 0.00 ?  2  DGL A CB   2  
HETATM 206  C CG   . DGL A 1 2  ? 3.268  -7.391  0.888  1.00 0.00 ?  2  DGL A CG   2  
HETATM 207  C CD   . DGL A 1 2  ? 3.736  -8.822  1.127  1.00 0.00 ?  2  DGL A CD   2  
HETATM 208  O OE1  . DGL A 1 2  ? 4.014  -9.504  0.153  1.00 0.00 ?  2  DGL A OE1  2  
HETATM 209  O OE2  . DGL A 1 2  ? 3.809  -9.215  2.278  1.00 0.00 -1 2  DGL A OE2  2  
HETATM 210  H H    . DGL A 1 2  ? 0.984  -6.503  -0.512 1.00 0.00 ?  2  DGL A H    2  
HETATM 211  H HA   . DGL A 1 2  ? 3.129  -5.326  -1.850 1.00 0.00 ?  2  DGL A HA   2  
HETATM 212  H HB2  . DGL A 1 2  ? 2.957  -7.736  -1.208 1.00 0.00 ?  2  DGL A HB2  2  
HETATM 213  H HB3  . DGL A 1 2  ? 4.517  -7.014  -0.815 1.00 0.00 ?  2  DGL A HB3  2  
HETATM 214  H HG2  . DGL A 1 2  ? 3.841  -6.718  1.508  1.00 0.00 ?  2  DGL A HG2  2  
HETATM 215  H HG3  . DGL A 1 2  ? 2.222  -7.310  1.144  1.00 0.00 ?  2  DGL A HG3  2  
HETATM 216  N N    . DAR A 1 3  ? 2.887  -4.479  1.301  1.00 0.00 ?  3  DAR A N    2  
HETATM 217  C CA   . DAR A 1 3  ? 3.391  -3.550  2.307  1.00 0.00 ?  3  DAR A CA   2  
HETATM 218  C CB   . DAR A 1 3  ? 3.863  -4.331  3.539  1.00 0.00 ?  3  DAR A CB   2  
HETATM 219  C CG   . DAR A 1 3  ? 5.371  -4.142  3.722  1.00 0.00 ?  3  DAR A CG   2  
HETATM 220  C CD   . DAR A 1 3  ? 5.641  -2.861  4.514  1.00 0.00 ?  3  DAR A CD   2  
HETATM 221  N NE   . DAR A 1 3  ? 5.668  -1.708  3.618  1.00 0.00 ?  3  DAR A NE   2  
HETATM 222  C CZ   . DAR A 1 3  ? 5.772  -0.462  4.081  1.00 0.00 ?  3  DAR A CZ   2  
HETATM 223  N NH1  . DAR A 1 3  ? 5.792  0.538   3.243  1.00 0.00 ?  3  DAR A NH1  2  
HETATM 224  N NH2  . DAR A 1 3  ? 5.853  -0.229  5.368  1.00 0.00 1  3  DAR A NH2  2  
HETATM 225  C C    . DAR A 1 3  ? 2.298  -2.562  2.709  1.00 0.00 ?  3  DAR A C    2  
HETATM 226  O O    . DAR A 1 3  ? 1.225  -2.532  2.104  1.00 0.00 ?  3  DAR A O    2  
HETATM 227  H H    . DAR A 1 3  ? 2.086  -5.010  1.492  1.00 0.00 ?  3  DAR A H    2  
HETATM 228  H HA   . DAR A 1 3  ? 4.227  -3.005  1.898  1.00 0.00 ?  3  DAR A HA   2  
HETATM 229  H HB2  . DAR A 1 3  ? 3.344  -3.967  4.415  1.00 0.00 ?  3  DAR A HB2  2  
HETATM 230  H HB3  . DAR A 1 3  ? 3.647  -5.380  3.405  1.00 0.00 ?  3  DAR A HB3  2  
HETATM 231  H HG2  . DAR A 1 3  ? 5.775  -4.988  4.259  1.00 0.00 ?  3  DAR A HG2  2  
HETATM 232  H HG3  . DAR A 1 3  ? 5.845  -4.071  2.754  1.00 0.00 ?  3  DAR A HG3  2  
HETATM 233  H HD2  . DAR A 1 3  ? 4.861  -2.722  5.248  1.00 0.00 ?  3  DAR A HD2  2  
HETATM 234  H HD3  . DAR A 1 3  ? 6.593  -2.948  5.019  1.00 0.00 ?  3  DAR A HD3  2  
HETATM 235  H HE   . DAR A 1 3  ? 5.609  -1.855  2.651  1.00 0.00 ?  3  DAR A HE   2  
HETATM 236  H HH11 . DAR A 1 3  ? 5.731  0.367   2.259  1.00 0.00 ?  3  DAR A HH11 2  
HETATM 237  H HH12 . DAR A 1 3  ? 5.869  1.475   3.584  1.00 0.00 ?  3  DAR A HH12 2  
HETATM 238  H HH21 . DAR A 1 3  ? 5.839  -0.985  6.019  1.00 0.00 ?  3  DAR A HH21 2  
HETATM 239  H HH22 . DAR A 1 3  ? 5.930  0.711   5.697  1.00 0.00 ?  3  DAR A HH22 2  
ATOM   240  N N    . ARG A 1 4  ? 2.576  -1.753  3.725  1.00 0.00 ?  4  ARG A N    2  
ATOM   241  C CA   . ARG A 1 4  ? 1.606  -0.767  4.189  1.00 0.00 ?  4  ARG A CA   2  
ATOM   242  C C    . ARG A 1 4  ? 2.032  0.637   3.771  1.00 0.00 ?  4  ARG A C    2  
ATOM   243  O O    . ARG A 1 4  ? 2.866  1.264   4.424  1.00 0.00 ?  4  ARG A O    2  
ATOM   244  C CB   . ARG A 1 4  ? 1.479  -0.833  5.712  1.00 0.00 ?  4  ARG A CB   2  
ATOM   245  C CG   . ARG A 1 4  ? 0.303  -1.735  6.089  1.00 0.00 ?  4  ARG A CG   2  
ATOM   246  C CD   . ARG A 1 4  ? 0.677  -3.197  5.837  1.00 0.00 ?  4  ARG A CD   2  
ATOM   247  N NE   . ARG A 1 4  ? 1.715  -3.621  6.773  1.00 0.00 ?  4  ARG A NE   2  
ATOM   248  C CZ   . ARG A 1 4  ? 2.295  -4.818  6.681  1.00 0.00 ?  4  ARG A CZ   2  
ATOM   249  N NH1  . ARG A 1 4  ? 1.949  -5.662  5.740  1.00 0.00 1  4  ARG A NH1  2  
ATOM   250  N NH2  . ARG A 1 4  ? 3.219  -5.155  7.539  1.00 0.00 ?  4  ARG A NH2  2  
ATOM   251  H H    . ARG A 1 4  ? 3.445  -1.816  4.170  1.00 0.00 ?  4  ARG A H    2  
ATOM   252  H HA   . ARG A 1 4  ? 0.644  -0.987  3.749  1.00 0.00 ?  4  ARG A HA   2  
ATOM   253  H HB2  . ARG A 1 4  ? 2.391  -1.234  6.131  1.00 0.00 ?  4  ARG A HB2  2  
ATOM   254  H HB3  . ARG A 1 4  ? 1.309  0.159   6.102  1.00 0.00 ?  4  ARG A HB3  2  
ATOM   255  H HG2  . ARG A 1 4  ? 0.065  -1.598  7.135  1.00 0.00 ?  4  ARG A HG2  2  
ATOM   256  H HG3  . ARG A 1 4  ? -0.556 -1.477  5.489  1.00 0.00 ?  4  ARG A HG3  2  
ATOM   257  H HD2  . ARG A 1 4  ? -0.197 -3.817  5.970  1.00 0.00 ?  4  ARG A HD2  2  
ATOM   258  H HD3  . ARG A 1 4  ? 1.039  -3.304  4.826  1.00 0.00 ?  4  ARG A HD3  2  
ATOM   259  H HE   . ARG A 1 4  ? 1.992  -3.010  7.486  1.00 0.00 ?  4  ARG A HE   2  
ATOM   260  H HH11 . ARG A 1 4  ? 1.243  -5.417  5.077  1.00 0.00 ?  4  ARG A HH11 2  
ATOM   261  H HH12 . ARG A 1 4  ? 2.393  -6.555  5.686  1.00 0.00 ?  4  ARG A HH12 2  
ATOM   262  H HH21 . ARG A 1 4  ? 3.488  -4.516  8.259  1.00 0.00 ?  4  ARG A HH21 2  
ATOM   263  H HH22 . ARG A 1 4  ? 3.657  -6.051  7.476  1.00 0.00 ?  4  ARG A HH22 2  
ATOM   264  N N    . TYR A 1 5  ? 1.452  1.124   2.680  1.00 0.00 ?  5  TYR A N    2  
ATOM   265  C CA   . TYR A 1 5  ? 1.777  2.456   2.181  1.00 0.00 ?  5  TYR A CA   2  
ATOM   266  C C    . TYR A 1 5  ? 0.499  3.226   1.846  1.00 0.00 ?  5  TYR A C    2  
ATOM   267  O O    . TYR A 1 5  ? 0.114  3.321   0.680  1.00 0.00 ?  5  TYR A O    2  
ATOM   268  C CB   . TYR A 1 5  ? 2.648  2.342   0.929  1.00 0.00 ?  5  TYR A CB   2  
ATOM   269  C CG   . TYR A 1 5  ? 3.162  3.708   0.543  1.00 0.00 ?  5  TYR A CG   2  
ATOM   270  C CD1  . TYR A 1 5  ? 4.341  4.199   1.117  1.00 0.00 ?  5  TYR A CD1  2  
ATOM   271  C CD2  . TYR A 1 5  ? 2.461  4.482   -0.389 1.00 0.00 ?  5  TYR A CD2  2  
ATOM   272  C CE1  . TYR A 1 5  ? 4.818  5.466   0.759  1.00 0.00 ?  5  TYR A CE1  2  
ATOM   273  C CE2  . TYR A 1 5  ? 2.939  5.750   -0.748 1.00 0.00 ?  5  TYR A CE2  2  
ATOM   274  C CZ   . TYR A 1 5  ? 4.118  6.242   -0.173 1.00 0.00 ?  5  TYR A CZ   2  
ATOM   275  O OH   . TYR A 1 5  ? 4.587  7.490   -0.527 1.00 0.00 ?  5  TYR A OH   2  
ATOM   276  H H    . TYR A 1 5  ? 0.794  0.580   2.201  1.00 0.00 ?  5  TYR A H    2  
ATOM   277  H HA   . TYR A 1 5  ? 2.329  2.993   2.938  1.00 0.00 ?  5  TYR A HA   2  
ATOM   278  H HB2  . TYR A 1 5  ? 3.483  1.686   1.130  1.00 0.00 ?  5  TYR A HB2  2  
ATOM   279  H HB3  . TYR A 1 5  ? 2.061  1.937   0.118  1.00 0.00 ?  5  TYR A HB3  2  
ATOM   280  H HD1  . TYR A 1 5  ? 4.882  3.602   1.835  1.00 0.00 ?  5  TYR A HD1  2  
ATOM   281  H HD2  . TYR A 1 5  ? 1.553  4.104   -0.832 1.00 0.00 ?  5  TYR A HD2  2  
ATOM   282  H HE1  . TYR A 1 5  ? 5.728  5.846   1.201  1.00 0.00 ?  5  TYR A HE1  2  
ATOM   283  H HE2  . TYR A 1 5  ? 2.398  6.347   -1.466 1.00 0.00 ?  5  TYR A HE2  2  
ATOM   284  H HH   . TYR A 1 5  ? 4.659  8.017   0.273  1.00 0.00 ?  5  TYR A HH   2  
HETATM 285  N N    . DPR A 1 6  ? -0.162 3.766   2.837  1.00 0.00 ?  6  DPR A N    2  
HETATM 286  C CA   . DPR A 1 6  ? -1.422 4.535   2.633  1.00 0.00 ?  6  DPR A CA   2  
HETATM 287  C CB   . DPR A 1 6  ? -2.007 4.654   4.041  1.00 0.00 ?  6  DPR A CB   2  
HETATM 288  C CG   . DPR A 1 6  ? -0.840 4.552   4.967  1.00 0.00 ?  6  DPR A CG   2  
HETATM 289  C CD   . DPR A 1 6  ? 0.216  3.701   4.259  1.00 0.00 ?  6  DPR A CD   2  
HETATM 290  C C    . DPR A 1 6  ? -2.387 3.812   1.698  1.00 0.00 ?  6  DPR A C    2  
HETATM 291  O O    . DPR A 1 6  ? -2.836 2.704   1.994  1.00 0.00 ?  6  DPR A O    2  
HETATM 292  H HA   . DPR A 1 6  ? -1.200 5.519   2.252  1.00 0.00 ?  6  DPR A HA   2  
HETATM 293  H HB2  . DPR A 1 6  ? -2.501 5.607   4.161  1.00 0.00 ?  6  DPR A HB2  2  
HETATM 294  H HB3  . DPR A 1 6  ? -2.697 3.846   4.229  1.00 0.00 ?  6  DPR A HB3  2  
HETATM 295  H HG2  . DPR A 1 6  ? -0.447 5.539   5.174  1.00 0.00 ?  6  DPR A HG2  2  
HETATM 296  H HG3  . DPR A 1 6  ? -1.137 4.070   5.886  1.00 0.00 ?  6  DPR A HG3  2  
HETATM 297  H HD2  . DPR A 1 6  ? 1.202  4.119   4.411  1.00 0.00 ?  6  DPR A HD2  2  
HETATM 298  H HD3  . DPR A 1 6  ? 0.178  2.681   4.608  1.00 0.00 ?  6  DPR A HD3  2  
ATOM   299  N N    . ASP A 1 7  ? -2.698 4.439   0.570  1.00 0.00 ?  7  ASP A N    2  
ATOM   300  C CA   . ASP A 1 7  ? -3.608 3.837   -0.396 1.00 0.00 ?  7  ASP A CA   2  
ATOM   301  C C    . ASP A 1 7  ? -3.222 4.237   -1.818 1.00 0.00 ?  7  ASP A C    2  
ATOM   302  O O    . ASP A 1 7  ? -4.059 4.708   -2.588 1.00 0.00 ?  7  ASP A O    2  
ATOM   303  C CB   . ASP A 1 7  ? -5.044 4.284   -0.109 1.00 0.00 ?  7  ASP A CB   2  
ATOM   304  C CG   . ASP A 1 7  ? -6.022 3.520   -0.997 1.00 0.00 ?  7  ASP A CG   2  
ATOM   305  O OD1  . ASP A 1 7  ? -7.215 3.640   -0.769 1.00 0.00 ?  7  ASP A OD1  2  
ATOM   306  O OD2  . ASP A 1 7  ? -5.566 2.823   -1.888 1.00 0.00 -1 7  ASP A OD2  2  
ATOM   307  H H    . ASP A 1 7  ? -2.309 5.319   0.383  1.00 0.00 ?  7  ASP A H    2  
ATOM   308  H HA   . ASP A 1 7  ? -3.554 2.762   -0.306 1.00 0.00 ?  7  ASP A HA   2  
ATOM   309  H HB2  . ASP A 1 7  ? -5.277 4.093   0.927  1.00 0.00 ?  7  ASP A HB2  2  
ATOM   310  H HB3  . ASP A 1 7  ? -5.135 5.342   -0.308 1.00 0.00 ?  7  ASP A HB3  2  
ATOM   311  N N    . THR A 1 8  ? -1.953 4.039   -2.161 1.00 0.00 ?  8  THR A N    2  
ATOM   312  C CA   . THR A 1 8  ? -1.475 4.377   -3.496 1.00 0.00 ?  8  THR A CA   2  
ATOM   313  C C    . THR A 1 8  ? -0.955 3.135   -4.217 1.00 0.00 ?  8  THR A C    2  
ATOM   314  O O    . THR A 1 8  ? -0.873 3.109   -5.444 1.00 0.00 ?  8  THR A O    2  
ATOM   315  C CB   . THR A 1 8  ? -0.358 5.419   -3.403 1.00 0.00 ?  8  THR A CB   2  
ATOM   316  O OG1  . THR A 1 8  ? 0.730  4.880   -2.665 1.00 0.00 ?  8  THR A OG1  2  
ATOM   317  C CG2  . THR A 1 8  ? -0.883 6.672   -2.702 1.00 0.00 ?  8  THR A CG2  2  
ATOM   318  H H    . THR A 1 8  ? -1.331 3.656   -1.508 1.00 0.00 ?  8  THR A H    2  
ATOM   319  H HA   . THR A 1 8  ? -2.291 4.795   -4.066 1.00 0.00 ?  8  THR A HA   2  
ATOM   320  H HB   . THR A 1 8  ? -0.024 5.681   -4.396 1.00 0.00 ?  8  THR A HB   2  
ATOM   321  H HG1  . THR A 1 8  ? 1.496  4.853   -3.242 1.00 0.00 ?  8  THR A HG1  2  
ATOM   322  H HG21 . THR A 1 8  ? -0.106 7.423   -2.675 1.00 0.00 ?  8  THR A HG21 2  
ATOM   323  H HG22 . THR A 1 8  ? -1.177 6.423   -1.693 1.00 0.00 ?  8  THR A HG22 2  
ATOM   324  H HG23 . THR A 1 8  ? -1.736 7.057   -3.240 1.00 0.00 ?  8  THR A HG23 2  
ATOM   325  N N    . MET A 1 9  ? -0.606 2.106   -3.447 1.00 0.00 ?  9  MET A N    2  
ATOM   326  C CA   . MET A 1 9  ? -0.097 0.869   -4.029 1.00 0.00 ?  9  MET A CA   2  
ATOM   327  C C    . MET A 1 9  ? -0.980 -0.313  -3.642 1.00 0.00 ?  9  MET A C    2  
ATOM   328  O O    . MET A 1 9  ? -1.268 -1.181  -4.465 1.00 0.00 ?  9  MET A O    2  
ATOM   329  C CB   . MET A 1 9  ? 1.332  0.616   -3.549 1.00 0.00 ?  9  MET A CB   2  
ATOM   330  C CG   . MET A 1 9  ? 2.272  1.652   -4.167 1.00 0.00 ?  9  MET A CG   2  
ATOM   331  S SD   . MET A 1 9  ? 3.988  1.205   -3.803 1.00 0.00 ?  9  MET A SD   2  
ATOM   332  C CE   . MET A 1 9  ? 3.957  1.610   -2.038 1.00 0.00 ?  9  MET A CE   2  
ATOM   333  H H    . MET A 1 9  ? -0.690 2.179   -2.474 1.00 0.00 ?  9  MET A H    2  
ATOM   334  H HA   . MET A 1 9  ? -0.090 0.963   -5.104 1.00 0.00 ?  9  MET A HA   2  
ATOM   335  H HB2  . MET A 1 9  ? 1.367  0.695   -2.471 1.00 0.00 ?  9  MET A HB2  2  
ATOM   336  H HB3  . MET A 1 9  ? 1.643  -0.372  -3.847 1.00 0.00 ?  9  MET A HB3  2  
ATOM   337  H HG2  . MET A 1 9  ? 2.125  1.676   -5.237 1.00 0.00 ?  9  MET A HG2  2  
ATOM   338  H HG3  . MET A 1 9  ? 2.057  2.626   -3.752 1.00 0.00 ?  9  MET A HG3  2  
ATOM   339  H HE1  . MET A 1 9  ? 3.518  2.589   -1.902 1.00 0.00 ?  9  MET A HE1  2  
ATOM   340  H HE2  . MET A 1 9  ? 4.963  1.612   -1.652 1.00 0.00 ?  9  MET A HE2  2  
ATOM   341  H HE3  . MET A 1 9  ? 3.372  0.870   -1.510 1.00 0.00 ?  9  MET A HE3  2  
ATOM   342  N N    . TYR A 1 10 ? -1.401 -0.338  -2.381 1.00 0.00 ?  10 TYR A N    2  
ATOM   343  C CA   . TYR A 1 10 ? -2.250 -1.418  -1.886 1.00 0.00 ?  10 TYR A CA   2  
ATOM   344  C C    . TYR A 1 10 ? -1.500 -2.747  -1.908 1.00 0.00 ?  10 TYR A C    2  
ATOM   345  O O    . TYR A 1 10 ? -0.951 -3.146  -2.935 1.00 0.00 ?  10 TYR A O    2  
ATOM   346  C CB   . TYR A 1 10 ? -3.517 -1.527  -2.737 1.00 0.00 ?  10 TYR A CB   2  
ATOM   347  C CG   . TYR A 1 10 ? -4.719 -1.180  -1.894 1.00 0.00 ?  10 TYR A CG   2  
ATOM   348  C CD1  . TYR A 1 10 ? -5.755 -2.108  -1.737 1.00 0.00 ?  10 TYR A CD1  2  
ATOM   349  C CD2  . TYR A 1 10 ? -4.796 0.068   -1.266 1.00 0.00 ?  10 TYR A CD2  2  
ATOM   350  C CE1  . TYR A 1 10 ? -6.870 -1.787  -0.953 1.00 0.00 ?  10 TYR A CE1  2  
ATOM   351  C CE2  . TYR A 1 10 ? -5.912 0.390   -0.482 1.00 0.00 ?  10 TYR A CE2  2  
ATOM   352  C CZ   . TYR A 1 10 ? -6.948 -0.538  -0.325 1.00 0.00 ?  10 TYR A CZ   2  
ATOM   353  O OH   . TYR A 1 10 ? -8.046 -0.221  0.447  1.00 0.00 ?  10 TYR A OH   2  
ATOM   354  H H    . TYR A 1 10 ? -1.137 0.382   -1.772 1.00 0.00 ?  10 TYR A H    2  
ATOM   355  H HA   . TYR A 1 10 ? -2.535 -1.198  -0.868 1.00 0.00 ?  10 TYR A HA   2  
ATOM   356  H HB2  . TYR A 1 10 ? -3.451 -0.843  -3.570 1.00 0.00 ?  10 TYR A HB2  2  
ATOM   357  H HB3  . TYR A 1 10 ? -3.616 -2.536  -3.107 1.00 0.00 ?  10 TYR A HB3  2  
ATOM   358  H HD1  . TYR A 1 10 ? -5.695 -3.072  -2.222 1.00 0.00 ?  10 TYR A HD1  2  
ATOM   359  H HD2  . TYR A 1 10 ? -3.996 0.785   -1.387 1.00 0.00 ?  10 TYR A HD2  2  
ATOM   360  H HE1  . TYR A 1 10 ? -7.670 -2.502  -0.833 1.00 0.00 ?  10 TYR A HE1  2  
ATOM   361  H HE2  . TYR A 1 10 ? -5.971 1.353   0.002  1.00 0.00 ?  10 TYR A HE2  2  
ATOM   362  H HH   . TYR A 1 10 ? -8.807 -0.146  -0.134 1.00 0.00 ?  10 TYR A HH   2  
ATOM   363  N N    . LEU A 1 1  ? 0.082  -2.156  -2.305 1.00 0.00 ?  1  LEU A N    3  
ATOM   364  C CA   . LEU A 1 1  ? 1.311  -2.871  -2.628 1.00 0.00 ?  1  LEU A CA   3  
ATOM   365  C C    . LEU A 1 1  ? 1.371  -4.197  -1.873 1.00 0.00 ?  1  LEU A C    3  
ATOM   366  O O    . LEU A 1 1  ? 1.080  -5.252  -2.436 1.00 0.00 ?  1  LEU A O    3  
ATOM   367  C CB   . LEU A 1 1  ? 2.525  -2.004  -2.270 1.00 0.00 ?  1  LEU A CB   3  
ATOM   368  C CG   . LEU A 1 1  ? 3.821  -2.782  -2.520 1.00 0.00 ?  1  LEU A CG   3  
ATOM   369  C CD1  . LEU A 1 1  ? 3.920  -3.159  -3.999 1.00 0.00 ?  1  LEU A CD1  3  
ATOM   370  C CD2  . LEU A 1 1  ? 5.017  -1.905  -2.142 1.00 0.00 ?  1  LEU A CD2  3  
ATOM   371  H H1   . LEU A 1 1  ? 0.128  -1.211  -2.046 1.00 0.00 ?  1  LEU A H1   3  
ATOM   372  H HA   . LEU A 1 1  ? 1.327  -3.072  -3.688 1.00 0.00 ?  1  LEU A HA   3  
ATOM   373  H HB2  . LEU A 1 1  ? 2.520  -1.114  -2.882 1.00 0.00 ?  1  LEU A HB2  3  
ATOM   374  H HB3  . LEU A 1 1  ? 2.471  -1.721  -1.230 1.00 0.00 ?  1  LEU A HB3  3  
ATOM   375  H HG   . LEU A 1 1  ? 3.829  -3.679  -1.917 1.00 0.00 ?  1  LEU A HG   3  
ATOM   376  H HD11 . LEU A 1 1  ? 3.729  -2.287  -4.607 1.00 0.00 ?  1  LEU A HD11 3  
ATOM   377  H HD12 . LEU A 1 1  ? 3.191  -3.924  -4.226 1.00 0.00 ?  1  LEU A HD12 3  
ATOM   378  H HD13 . LEU A 1 1  ? 4.911  -3.534  -4.209 1.00 0.00 ?  1  LEU A HD13 3  
ATOM   379  H HD21 . LEU A 1 1  ? 5.927  -2.365  -2.493 1.00 0.00 ?  1  LEU A HD21 3  
ATOM   380  H HD22 . LEU A 1 1  ? 5.059  -1.796  -1.069 1.00 0.00 ?  1  LEU A HD22 3  
ATOM   381  H HD23 . LEU A 1 1  ? 4.907  -0.932  -2.598 1.00 0.00 ?  1  LEU A HD23 3  
HETATM 382  N N    . DGL A 1 2  ? 1.748  -4.138  -0.601 1.00 0.00 ?  2  DGL A N    3  
HETATM 383  C CA   . DGL A 1 2  ? 1.838  -5.342  0.215  1.00 0.00 ?  2  DGL A CA   3  
HETATM 384  C C    . DGL A 1 2  ? 2.692  -5.086  1.450  1.00 0.00 ?  2  DGL A C    3  
HETATM 385  O O    . DGL A 1 2  ? 3.613  -5.847  1.748  1.00 0.00 ?  2  DGL A O    3  
HETATM 386  C CB   . DGL A 1 2  ? 0.436  -5.790  0.637  1.00 0.00 ?  2  DGL A CB   3  
HETATM 387  C CG   . DGL A 1 2  ? 0.424  -7.303  0.870  1.00 0.00 ?  2  DGL A CG   3  
HETATM 388  C CD   . DGL A 1 2  ? 1.263  -7.657  2.096  1.00 0.00 ?  2  DGL A CD   3  
HETATM 389  O OE1  . DGL A 1 2  ? 1.316  -6.849  3.008  1.00 0.00 ?  2  DGL A OE1  3  
HETATM 390  O OE2  . DGL A 1 2  ? 1.840  -8.733  2.103  1.00 0.00 -1 2  DGL A OE2  3  
HETATM 391  H H    . DGL A 1 2  ? 1.967  -3.270  -0.202 1.00 0.00 ?  2  DGL A H    3  
HETATM 392  H HA   . DGL A 1 2  ? 2.293  -6.129  -0.370 1.00 0.00 ?  2  DGL A HA   3  
HETATM 393  H HB2  . DGL A 1 2  ? 0.157  -5.282  1.549  1.00 0.00 ?  2  DGL A HB2  3  
HETATM 394  H HB3  . DGL A 1 2  ? -0.271 -5.544  -0.142 1.00 0.00 ?  2  DGL A HB3  3  
HETATM 395  H HG2  . DGL A 1 2  ? -0.593 -7.633  1.027  1.00 0.00 ?  2  DGL A HG2  3  
HETATM 396  H HG3  . DGL A 1 2  ? 0.831  -7.801  0.004  1.00 0.00 ?  2  DGL A HG3  3  
HETATM 397  N N    . DAR A 1 3  ? 2.382  -4.009  2.167  1.00 0.00 ?  3  DAR A N    3  
HETATM 398  C CA   . DAR A 1 3  ? 3.128  -3.660  3.369  1.00 0.00 ?  3  DAR A CA   3  
HETATM 399  C CB   . DAR A 1 3  ? 2.942  -4.748  4.433  1.00 0.00 ?  3  DAR A CB   3  
HETATM 400  C CG   . DAR A 1 3  ? 1.497  -4.739  4.940  1.00 0.00 ?  3  DAR A CG   3  
HETATM 401  C CD   . DAR A 1 3  ? 1.304  -5.870  5.951  1.00 0.00 ?  3  DAR A CD   3  
HETATM 402  N NE   . DAR A 1 3  ? -0.068 -5.869  6.451  1.00 0.00 ?  3  DAR A NE   3  
HETATM 403  C CZ   . DAR A 1 3  ? -0.491 -6.770  7.339  1.00 0.00 ?  3  DAR A CZ   3  
HETATM 404  N NH1  . DAR A 1 3  ? -1.726 -6.731  7.759  1.00 0.00 ?  3  DAR A NH1  3  
HETATM 405  N NH2  . DAR A 1 3  ? 0.319  -7.693  7.796  1.00 0.00 1  3  DAR A NH2  3  
HETATM 406  C C    . DAR A 1 3  ? 2.664  -2.317  3.921  1.00 0.00 ?  3  DAR A C    3  
HETATM 407  O O    . DAR A 1 3  ? 3.450  -1.568  4.500  1.00 0.00 ?  3  DAR A O    3  
HETATM 408  H H    . DAR A 1 3  ? 1.637  -3.439  1.879  1.00 0.00 ?  3  DAR A H    3  
HETATM 409  H HA   . DAR A 1 3  ? 4.177  -3.593  3.121  1.00 0.00 ?  3  DAR A HA   3  
HETATM 410  H HB2  . DAR A 1 3  ? 3.165  -5.713  4.002  1.00 0.00 ?  3  DAR A HB2  3  
HETATM 411  H HB3  . DAR A 1 3  ? 3.611  -4.561  5.259  1.00 0.00 ?  3  DAR A HB3  3  
HETATM 412  H HG2  . DAR A 1 3  ? 1.288  -3.793  5.419  1.00 0.00 ?  3  DAR A HG2  3  
HETATM 413  H HG3  . DAR A 1 3  ? 0.822  -4.880  4.110  1.00 0.00 ?  3  DAR A HG3  3  
HETATM 414  H HD2  . DAR A 1 3  ? 1.506  -6.816  5.471  1.00 0.00 ?  3  DAR A HD2  3  
HETATM 415  H HD3  . DAR A 1 3  ? 1.988  -5.734  6.774  1.00 0.00 ?  3  DAR A HD3  3  
HETATM 416  H HE   . DAR A 1 3  ? -0.694 -5.190  6.126  1.00 0.00 ?  3  DAR A HE   3  
HETATM 417  H HH11 . DAR A 1 3  ? -2.349 -6.029  7.415  1.00 0.00 ?  3  DAR A HH11 3  
HETATM 418  H HH12 . DAR A 1 3  ? -2.050 -7.403  8.426  1.00 0.00 ?  3  DAR A HH12 3  
HETATM 419  H HH21 . DAR A 1 3  ? 1.266  -7.734  7.484  1.00 0.00 ?  3  DAR A HH21 3  
HETATM 420  H HH22 . DAR A 1 3  ? -0.014 -8.360  8.463  1.00 0.00 ?  3  DAR A HH22 3  
ATOM   421  N N    . ARG A 1 4  ? 1.381  -2.021  3.740  1.00 0.00 ?  4  ARG A N    3  
ATOM   422  C CA   . ARG A 1 4  ? 0.824  -0.765  4.229  1.00 0.00 ?  4  ARG A CA   3  
ATOM   423  C C    . ARG A 1 4  ? 1.638  0.418   3.716  1.00 0.00 ?  4  ARG A C    3  
ATOM   424  O O    . ARG A 1 4  ? 2.585  0.860   4.367  1.00 0.00 ?  4  ARG A O    3  
ATOM   425  C CB   . ARG A 1 4  ? 0.816  -0.757  5.760  1.00 0.00 ?  4  ARG A CB   3  
ATOM   426  C CG   . ARG A 1 4  ? -0.281 0.182   6.276  1.00 0.00 ?  4  ARG A CG   3  
ATOM   427  C CD   . ARG A 1 4  ? -1.658 -0.445  6.040  1.00 0.00 ?  4  ARG A CD   3  
ATOM   428  N NE   . ARG A 1 4  ? -2.679 0.286   6.783  1.00 0.00 ?  4  ARG A NE   3  
ATOM   429  C CZ   . ARG A 1 4  ? -3.974 -0.018  6.682  1.00 0.00 ?  4  ARG A CZ   3  
ATOM   430  N NH1  . ARG A 1 4  ? -4.376 -0.993  5.907  1.00 0.00 1  4  ARG A NH1  3  
ATOM   431  N NH2  . ARG A 1 4  ? -4.851 0.664   7.367  1.00 0.00 ?  4  ARG A NH2  3  
ATOM   432  H H    . ARG A 1 4  ? 0.800  -2.657  3.275  1.00 0.00 ?  4  ARG A H    3  
ATOM   433  H HA   . ARG A 1 4  ? -0.189 -0.673  3.872  1.00 0.00 ?  4  ARG A HA   3  
ATOM   434  H HB2  . ARG A 1 4  ? 0.630  -1.758  6.123  1.00 0.00 ?  4  ARG A HB2  3  
ATOM   435  H HB3  . ARG A 1 4  ? 1.775  -0.417  6.123  1.00 0.00 ?  4  ARG A HB3  3  
ATOM   436  H HG2  . ARG A 1 4  ? -0.140 0.350   7.333  1.00 0.00 ?  4  ARG A HG2  3  
ATOM   437  H HG3  . ARG A 1 4  ? -0.222 1.124   5.750  1.00 0.00 ?  4  ARG A HG3  3  
ATOM   438  H HD2  . ARG A 1 4  ? -1.896 -0.409  4.987  1.00 0.00 ?  4  ARG A HD2  3  
ATOM   439  H HD3  . ARG A 1 4  ? -1.643 -1.475  6.366  1.00 0.00 ?  4  ARG A HD3  3  
ATOM   440  H HE   . ARG A 1 4  ? -2.405 1.021   7.371  1.00 0.00 ?  4  ARG A HE   3  
ATOM   441  H HH11 . ARG A 1 4  ? -3.715 -1.523  5.377  1.00 0.00 ?  4  ARG A HH11 3  
ATOM   442  H HH12 . ARG A 1 4  ? -5.350 -1.208  5.843  1.00 0.00 ?  4  ARG A HH12 3  
ATOM   443  H HH21 . ARG A 1 4  ? -4.552 1.410   7.961  1.00 0.00 ?  4  ARG A HH21 3  
ATOM   444  H HH22 . ARG A 1 4  ? -5.824 0.440   7.297  1.00 0.00 ?  4  ARG A HH22 3  
ATOM   445  N N    . TYR A 1 5  ? 1.262  0.927   2.549  1.00 0.00 ?  5  TYR A N    3  
ATOM   446  C CA   . TYR A 1 5  ? 1.965  2.060   1.958  1.00 0.00 ?  5  TYR A CA   3  
ATOM   447  C C    . TYR A 1 5  ? 0.970  3.139   1.536  1.00 0.00 ?  5  TYR A C    3  
ATOM   448  O O    . TYR A 1 5  ? 0.673  3.294   0.352  1.00 0.00 ?  5  TYR A O    3  
ATOM   449  C CB   . TYR A 1 5  ? 2.765  1.594   0.740  1.00 0.00 ?  5  TYR A CB   3  
ATOM   450  C CG   . TYR A 1 5  ? 3.674  2.707   0.274  1.00 0.00 ?  5  TYR A CG   3  
ATOM   451  C CD1  . TYR A 1 5  ? 3.261  3.565   -0.753 1.00 0.00 ?  5  TYR A CD1  3  
ATOM   452  C CD2  . TYR A 1 5  ? 4.929  2.880   0.869  1.00 0.00 ?  5  TYR A CD2  3  
ATOM   453  C CE1  . TYR A 1 5  ? 4.104  4.596   -1.184 1.00 0.00 ?  5  TYR A CE1  3  
ATOM   454  C CE2  . TYR A 1 5  ? 5.771  3.912   0.438  1.00 0.00 ?  5  TYR A CE2  3  
ATOM   455  C CZ   . TYR A 1 5  ? 5.358  4.769   -0.588 1.00 0.00 ?  5  TYR A CZ   3  
ATOM   456  O OH   . TYR A 1 5  ? 6.190  5.786   -1.014 1.00 0.00 ?  5  TYR A OH   3  
ATOM   457  H H    . TYR A 1 5  ? 0.499  0.535   2.075  1.00 0.00 ?  5  TYR A H    3  
ATOM   458  H HA   . TYR A 1 5  ? 2.648  2.470   2.687  1.00 0.00 ?  5  TYR A HA   3  
ATOM   459  H HB2  . TYR A 1 5  ? 3.360  0.732   1.008  1.00 0.00 ?  5  TYR A HB2  3  
ATOM   460  H HB3  . TYR A 1 5  ? 2.085  1.328   -0.055 1.00 0.00 ?  5  TYR A HB3  3  
ATOM   461  H HD1  . TYR A 1 5  ? 2.292  3.431   -1.213 1.00 0.00 ?  5  TYR A HD1  3  
ATOM   462  H HD2  . TYR A 1 5  ? 5.246  2.218   1.661  1.00 0.00 ?  5  TYR A HD2  3  
ATOM   463  H HE1  . TYR A 1 5  ? 3.786  5.258   -1.976 1.00 0.00 ?  5  TYR A HE1  3  
ATOM   464  H HE2  . TYR A 1 5  ? 6.739  4.044   0.897  1.00 0.00 ?  5  TYR A HE2  3  
ATOM   465  H HH   . TYR A 1 5  ? 6.041  6.547   -0.447 1.00 0.00 ?  5  TYR A HH   3  
HETATM 466  N N    . DPR A 1 6  ? 0.452  3.878   2.484  1.00 0.00 ?  6  DPR A N    3  
HETATM 467  C CA   . DPR A 1 6  ? -0.535 4.968   2.219  1.00 0.00 ?  6  DPR A CA   3  
HETATM 468  C CB   . DPR A 1 6  ? -1.117 5.271   3.599  1.00 0.00 ?  6  DPR A CB   3  
HETATM 469  C CG   . DPR A 1 6  ? -0.056 4.876   4.572  1.00 0.00 ?  6  DPR A CG   3  
HETATM 470  C CD   . DPR A 1 6  ? 0.750  3.751   3.920  1.00 0.00 ?  6  DPR A CD   3  
HETATM 471  C C    . DPR A 1 6  ? -1.635 4.543   1.246  1.00 0.00 ?  6  DPR A C    3  
HETATM 472  O O    . DPR A 1 6  ? -2.266 5.384   0.605  1.00 0.00 ?  6  DPR A O    3  
HETATM 473  H HA   . DPR A 1 6  ? -0.027 5.843   1.846  1.00 0.00 ?  6  DPR A HA   3  
HETATM 474  H HB2  . DPR A 1 6  ? -1.335 6.326   3.687  1.00 0.00 ?  6  DPR A HB2  3  
HETATM 475  H HB3  . DPR A 1 6  ? -2.007 4.686   3.767  1.00 0.00 ?  6  DPR A HB3  3  
HETATM 476  H HG2  . DPR A 1 6  ? 0.585  5.722   4.781  1.00 0.00 ?  6  DPR A HG2  3  
HETATM 477  H HG3  . DPR A 1 6  ? -0.507 4.517   5.485  1.00 0.00 ?  6  DPR A HG3  3  
HETATM 478  H HD2  . DPR A 1 6  ? 1.807  3.889   4.103  1.00 0.00 ?  6  DPR A HD2  3  
HETATM 479  H HD3  . DPR A 1 6  ? 0.423  2.790   4.285  1.00 0.00 ?  6  DPR A HD3  3  
ATOM   480  N N    . ASP A 1 7  ? -1.864 3.238   1.144  1.00 0.00 ?  7  ASP A N    3  
ATOM   481  C CA   . ASP A 1 7  ? -2.892 2.717   0.252  1.00 0.00 ?  7  ASP A CA   3  
ATOM   482  C C    . ASP A 1 7  ? -2.755 3.328   -1.139 1.00 0.00 ?  7  ASP A C    3  
ATOM   483  O O    . ASP A 1 7  ? -3.751 3.672   -1.776 1.00 0.00 ?  7  ASP A O    3  
ATOM   484  C CB   . ASP A 1 7  ? -4.279 3.031   0.817  1.00 0.00 ?  7  ASP A CB   3  
ATOM   485  C CG   . ASP A 1 7  ? -5.342 2.244   0.056  1.00 0.00 ?  7  ASP A CG   3  
ATOM   486  O OD1  . ASP A 1 7  ? -6.478 2.245   0.497  1.00 0.00 ?  7  ASP A OD1  3  
ATOM   487  O OD2  . ASP A 1 7  ? -5.001 1.651   -0.953 1.00 0.00 -1 7  ASP A OD2  3  
ATOM   488  H H    . ASP A 1 7  ? -1.334 2.614   1.682  1.00 0.00 ?  7  ASP A H    3  
ATOM   489  H HA   . ASP A 1 7  ? -2.781 1.646   0.177  1.00 0.00 ?  7  ASP A HA   3  
ATOM   490  H HB2  . ASP A 1 7  ? -4.310 2.759   1.862  1.00 0.00 ?  7  ASP A HB2  3  
ATOM   491  H HB3  . ASP A 1 7  ? -4.475 4.087   0.716  1.00 0.00 ?  7  ASP A HB3  3  
ATOM   492  N N    . THR A 1 8  ? -1.517 3.463   -1.606 1.00 0.00 ?  8  THR A N    3  
ATOM   493  C CA   . THR A 1 8  ? -1.272 4.035   -2.925 1.00 0.00 ?  8  THR A CA   3  
ATOM   494  C C    . THR A 1 8  ? -1.728 3.073   -4.018 1.00 0.00 ?  8  THR A C    3  
ATOM   495  O O    . THR A 1 8  ? -2.141 3.496   -5.099 1.00 0.00 ?  8  THR A O    3  
ATOM   496  C CB   . THR A 1 8  ? 0.219  4.336   -3.095 1.00 0.00 ?  8  THR A CB   3  
ATOM   497  O OG1  . THR A 1 8  ? 0.963  3.135   -2.939 1.00 0.00 ?  8  THR A OG1  3  
ATOM   498  C CG2  . THR A 1 8  ? 0.660  5.355   -2.043 1.00 0.00 ?  8  THR A CG2  3  
ATOM   499  H H    . THR A 1 8  ? -0.760 3.174   -1.056 1.00 0.00 ?  8  THR A H    3  
ATOM   500  H HA   . THR A 1 8  ? -1.826 4.956   -3.016 1.00 0.00 ?  8  THR A HA   3  
ATOM   501  H HB   . THR A 1 8  ? 0.393  4.742   -4.079 1.00 0.00 ?  8  THR A HB   3  
ATOM   502  H HG1  . THR A 1 8  ? 0.659  2.700   -2.140 1.00 0.00 ?  8  THR A HG1  3  
ATOM   503  H HG21 . THR A 1 8  ? 1.739  5.390   -2.007 1.00 0.00 ?  8  THR A HG21 3  
ATOM   504  H HG22 . THR A 1 8  ? 0.277  5.065   -1.076 1.00 0.00 ?  8  THR A HG22 3  
ATOM   505  H HG23 . THR A 1 8  ? 0.277  6.330   -2.305 1.00 0.00 ?  8  THR A HG23 3  
ATOM   506  N N    . MET A 1 9  ? -1.650 1.778   -3.729 1.00 0.00 ?  9  MET A N    3  
ATOM   507  C CA   . MET A 1 9  ? -2.057 0.764   -4.693 1.00 0.00 ?  9  MET A CA   3  
ATOM   508  C C    . MET A 1 9  ? -2.085 -0.615  -4.042 1.00 0.00 ?  9  MET A C    3  
ATOM   509  O O    . MET A 1 9  ? -1.937 -1.633  -4.717 1.00 0.00 ?  9  MET A O    3  
ATOM   510  C CB   . MET A 1 9  ? -1.088 0.752   -5.878 1.00 0.00 ?  9  MET A CB   3  
ATOM   511  C CG   . MET A 1 9  ? 0.312  0.377   -5.389 1.00 0.00 ?  9  MET A CG   3  
ATOM   512  S SD   . MET A 1 9  ? 1.457  0.369   -6.790 1.00 0.00 ?  9  MET A SD   3  
ATOM   513  C CE   . MET A 1 9  ? 0.852  -1.150  -7.566 1.00 0.00 ?  9  MET A CE   3  
ATOM   514  H H    . MET A 1 9  ? -1.313 1.503   -2.852 1.00 0.00 ?  9  MET A H    3  
ATOM   515  H HA   . MET A 1 9  ? -3.046 1.001   -5.054 1.00 0.00 ?  9  MET A HA   3  
ATOM   516  H HB2  . MET A 1 9  ? -1.422 0.029   -6.607 1.00 0.00 ?  9  MET A HB2  3  
ATOM   517  H HB3  . MET A 1 9  ? -1.059 1.732   -6.329 1.00 0.00 ?  9  MET A HB3  3  
ATOM   518  H HG2  . MET A 1 9  ? 0.644  1.099   -4.657 1.00 0.00 ?  9  MET A HG2  3  
ATOM   519  H HG3  . MET A 1 9  ? 0.286  -0.605  -4.940 1.00 0.00 ?  9  MET A HG3  3  
ATOM   520  H HE1  . MET A 1 9  ? -0.072 -0.943  -8.087 1.00 0.00 ?  9  MET A HE1  3  
ATOM   521  H HE2  . MET A 1 9  ? 0.678  -1.897  -6.809 1.00 0.00 ?  9  MET A HE2  3  
ATOM   522  H HE3  . MET A 1 9  ? 1.594  -1.514  -8.265 1.00 0.00 ?  9  MET A HE3  3  
ATOM   523  N N    . TYR A 1 10 ? -2.271 -0.642  -2.725 1.00 0.00 ?  10 TYR A N    3  
ATOM   524  C CA   . TYR A 1 10 ? -2.309 -1.904  -1.996 1.00 0.00 ?  10 TYR A CA   3  
ATOM   525  C C    . TYR A 1 10 ? -1.101 -2.761  -2.355 1.00 0.00 ?  10 TYR A C    3  
ATOM   526  O O    . TYR A 1 10 ? -1.237 -3.942  -2.672 1.00 0.00 ?  10 TYR A O    3  
ATOM   527  C CB   . TYR A 1 10 ? -3.593 -2.665  -2.332 1.00 0.00 ?  10 TYR A CB   3  
ATOM   528  C CG   . TYR A 1 10 ? -4.788 -1.852  -1.899 1.00 0.00 ?  10 TYR A CG   3  
ATOM   529  C CD1  . TYR A 1 10 ? -5.268 -1.956  -0.586 1.00 0.00 ?  10 TYR A CD1  3  
ATOM   530  C CD2  . TYR A 1 10 ? -5.420 -0.995  -2.808 1.00 0.00 ?  10 TYR A CD2  3  
ATOM   531  C CE1  . TYR A 1 10 ? -6.377 -1.202  -0.184 1.00 0.00 ?  10 TYR A CE1  3  
ATOM   532  C CE2  . TYR A 1 10 ? -6.529 -0.241  -2.405 1.00 0.00 ?  10 TYR A CE2  3  
ATOM   533  C CZ   . TYR A 1 10 ? -7.008 -0.346  -1.094 1.00 0.00 ?  10 TYR A CZ   3  
ATOM   534  O OH   . TYR A 1 10 ? -8.101 0.397   -0.697 1.00 0.00 ?  10 TYR A OH   3  
ATOM   535  H H    . TYR A 1 10 ? -2.379 0.200   -2.236 1.00 0.00 ?  10 TYR A H    3  
ATOM   536  H HA   . TYR A 1 10 ? -2.291 -1.698  -0.937 1.00 0.00 ?  10 TYR A HA   3  
ATOM   537  H HB2  . TYR A 1 10 ? -3.643 -2.837  -3.397 1.00 0.00 ?  10 TYR A HB2  3  
ATOM   538  H HB3  . TYR A 1 10 ? -3.597 -3.612  -1.814 1.00 0.00 ?  10 TYR A HB3  3  
ATOM   539  H HD1  . TYR A 1 10 ? -4.781 -2.618  0.115  1.00 0.00 ?  10 TYR A HD1  3  
ATOM   540  H HD2  . TYR A 1 10 ? -5.050 -0.913  -3.819 1.00 0.00 ?  10 TYR A HD2  3  
ATOM   541  H HE1  . TYR A 1 10 ? -6.746 -1.283  0.827  1.00 0.00 ?  10 TYR A HE1  3  
ATOM   542  H HE2  . TYR A 1 10 ? -7.016 0.421   -3.106 1.00 0.00 ?  10 TYR A HE2  3  
ATOM   543  H HH   . TYR A 1 10 ? -8.797 0.272   -1.347 1.00 0.00 ?  10 TYR A HH   3  
ATOM   544  N N    . LEU A 1 1  ? -1.202 -3.610  -2.251 1.00 0.00 ?  1  LEU A N    4  
ATOM   545  C CA   . LEU A 1 1  ? -0.570 -4.923  -2.188 1.00 0.00 ?  1  LEU A CA   4  
ATOM   546  C C    . LEU A 1 1  ? 0.625  -4.895  -1.237 1.00 0.00 ?  1  LEU A C    4  
ATOM   547  O O    . LEU A 1 1  ? 0.644  -5.609  -0.234 1.00 0.00 ?  1  LEU A O    4  
ATOM   548  C CB   . LEU A 1 1  ? -0.104 -5.346  -3.583 1.00 0.00 ?  1  LEU A CB   4  
ATOM   549  C CG   . LEU A 1 1  ? -0.460 -6.815  -3.819 1.00 0.00 ?  1  LEU A CG   4  
ATOM   550  C CD1  . LEU A 1 1  ? -0.493 -7.097  -5.323 1.00 0.00 ?  1  LEU A CD1  4  
ATOM   551  C CD2  . LEU A 1 1  ? 0.594  -7.706  -3.159 1.00 0.00 ?  1  LEU A CD2  4  
ATOM   552  H H1   . LEU A 1 1  ? -0.795 -2.856  -1.773 1.00 0.00 ?  1  LEU A H1   4  
ATOM   553  H HA   . LEU A 1 1  ? -1.290 -5.641  -1.827 1.00 0.00 ?  1  LEU A HA   4  
ATOM   554  H HB2  . LEU A 1 1  ? -0.593 -4.732  -4.326 1.00 0.00 ?  1  LEU A HB2  4  
ATOM   555  H HB3  . LEU A 1 1  ? 0.965  -5.221  -3.660 1.00 0.00 ?  1  LEU A HB3  4  
ATOM   556  H HG   . LEU A 1 1  ? -1.431 -7.025  -3.393 1.00 0.00 ?  1  LEU A HG   4  
ATOM   557  H HD11 . LEU A 1 1  ? -0.871 -8.095  -5.494 1.00 0.00 ?  1  LEU A HD11 4  
ATOM   558  H HD12 . LEU A 1 1  ? 0.505  -7.015  -5.726 1.00 0.00 ?  1  LEU A HD12 4  
ATOM   559  H HD13 . LEU A 1 1  ? -1.138 -6.380  -5.809 1.00 0.00 ?  1  LEU A HD13 4  
ATOM   560  H HD21 . LEU A 1 1  ? 0.532  -7.602  -2.085 1.00 0.00 ?  1  LEU A HD21 4  
ATOM   561  H HD22 . LEU A 1 1  ? 1.577  -7.411  -3.493 1.00 0.00 ?  1  LEU A HD22 4  
ATOM   562  H HD23 . LEU A 1 1  ? 0.416  -8.735  -3.430 1.00 0.00 ?  1  LEU A HD23 4  
HETATM 563  N N    . DGL A 1 2  ? 1.614  -4.066  -1.561 1.00 0.00 ?  2  DGL A N    4  
HETATM 564  C CA   . DGL A 1 2  ? 2.813  -3.948  -0.735 1.00 0.00 ?  2  DGL A CA   4  
HETATM 565  C C    . DGL A 1 2  ? 2.457  -3.488  0.676  1.00 0.00 ?  2  DGL A C    4  
HETATM 566  O O    . DGL A 1 2  ? 3.208  -3.721  1.624  1.00 0.00 ?  2  DGL A O    4  
HETATM 567  C CB   . DGL A 1 2  ? 3.552  -5.288  -0.671 1.00 0.00 ?  2  DGL A CB   4  
HETATM 568  C CG   . DGL A 1 2  ? 4.086  -5.642  -2.061 1.00 0.00 ?  2  DGL A CG   4  
HETATM 569  C CD   . DGL A 1 2  ? 5.367  -4.863  -2.347 1.00 0.00 ?  2  DGL A CD   4  
HETATM 570  O OE1  . DGL A 1 2  ? 5.697  -4.713  -3.511 1.00 0.00 ?  2  DGL A OE1  4  
HETATM 571  O OE2  . DGL A 1 2  ? 6.000  -4.430  -1.398 1.00 0.00 -1 2  DGL A OE2  4  
HETATM 572  H H    . DGL A 1 2  ? 1.536  -3.522  -2.372 1.00 0.00 ?  2  DGL A H    4  
HETATM 573  H HA   . DGL A 1 2  ? 3.468  -3.215  -1.181 1.00 0.00 ?  2  DGL A HA   4  
HETATM 574  H HB2  . DGL A 1 2  ? 4.375  -5.212  0.025  1.00 0.00 ?  2  DGL A HB2  4  
HETATM 575  H HB3  . DGL A 1 2  ? 2.875  -6.060  -0.342 1.00 0.00 ?  2  DGL A HB3  4  
HETATM 576  H HG2  . DGL A 1 2  ? 4.293  -6.701  -2.105 1.00 0.00 ?  2  DGL A HG2  4  
HETATM 577  H HG3  . DGL A 1 2  ? 3.344  -5.392  -2.804 1.00 0.00 ?  2  DGL A HG3  4  
HETATM 578  N N    . DAR A 1 3  ? 1.306  -2.834  0.812  1.00 0.00 ?  3  DAR A N    4  
HETATM 579  C CA   . DAR A 1 3  ? 0.864  -2.348  2.114  1.00 0.00 ?  3  DAR A CA   4  
HETATM 580  C CB   . DAR A 1 3  ? -0.385 -1.478  1.947  1.00 0.00 ?  3  DAR A CB   4  
HETATM 581  C CG   . DAR A 1 3  ? -1.601 -2.207  2.525  1.00 0.00 ?  3  DAR A CG   4  
HETATM 582  C CD   . DAR A 1 3  ? -1.768 -1.836  3.999  1.00 0.00 ?  3  DAR A CD   4  
HETATM 583  N NE   . DAR A 1 3  ? -2.962 -2.470  4.548  1.00 0.00 ?  3  DAR A NE   4  
HETATM 584  C CZ   . DAR A 1 3  ? -4.180 -1.949  4.375  1.00 0.00 ?  3  DAR A CZ   4  
HETATM 585  N NH1  . DAR A 1 3  ? -5.216 -2.550  4.894  1.00 0.00 ?  3  DAR A NH1  4  
HETATM 586  N NH2  . DAR A 1 3  ? -4.347 -0.846  3.692  1.00 0.00 1  3  DAR A NH2  4  
HETATM 587  C C    . DAR A 1 3  ? 1.965  -1.534  2.789  1.00 0.00 ?  3  DAR A C    4  
HETATM 588  O O    . DAR A 1 3  ? 3.007  -1.266  2.192  1.00 0.00 ?  3  DAR A O    4  
HETATM 589  H H    . DAR A 1 3  ? 0.746  -2.676  0.025  1.00 0.00 ?  3  DAR A H    4  
HETATM 590  H HA   . DAR A 1 3  ? 0.619  -3.193  2.740  1.00 0.00 ?  3  DAR A HA   4  
HETATM 591  H HB2  . DAR A 1 3  ? -0.243 -0.543  2.468  1.00 0.00 ?  3  DAR A HB2  4  
HETATM 592  H HB3  . DAR A 1 3  ? -0.549 -1.283  0.897  1.00 0.00 ?  3  DAR A HB3  4  
HETATM 593  H HG2  . DAR A 1 3  ? -2.486 -1.916  1.977  1.00 0.00 ?  3  DAR A HG2  4  
HETATM 594  H HG3  . DAR A 1 3  ? -1.458 -3.273  2.438  1.00 0.00 ?  3  DAR A HG3  4  
HETATM 595  H HD2  . DAR A 1 3  ? -0.903 -2.172  4.551  1.00 0.00 ?  3  DAR A HD2  4  
HETATM 596  H HD3  . DAR A 1 3  ? -1.853 -0.763  4.092  1.00 0.00 ?  3  DAR A HD3  4  
HETATM 597  H HE   . DAR A 1 3  ? -2.869 -3.303  5.057  1.00 0.00 ?  3  DAR A HE   4  
HETATM 598  H HH11 . DAR A 1 3  ? -5.096 -3.394  5.416  1.00 0.00 ?  3  DAR A HH11 4  
HETATM 599  H HH12 . DAR A 1 3  ? -6.130 -2.165  4.767  1.00 0.00 ?  3  DAR A HH12 4  
HETATM 600  H HH21 . DAR A 1 3  ? -3.564 -0.376  3.288  1.00 0.00 ?  3  DAR A HH21 4  
HETATM 601  H HH22 . DAR A 1 3  ? -5.267 -0.470  3.572  1.00 0.00 ?  3  DAR A HH22 4  
ATOM   602  N N    . ARG A 1 4  ? 1.724  -1.144  4.037  1.00 0.00 ?  4  ARG A N    4  
ATOM   603  C CA   . ARG A 1 4  ? 2.697  -0.358  4.789  1.00 0.00 ?  4  ARG A CA   4  
ATOM   604  C C    . ARG A 1 4  ? 3.035  0.940   4.055  1.00 0.00 ?  4  ARG A C    4  
ATOM   605  O O    . ARG A 1 4  ? 4.041  1.585   4.348  1.00 0.00 ?  4  ARG A O    4  
ATOM   606  C CB   . ARG A 1 4  ? 3.973  -1.177  4.997  1.00 0.00 ?  4  ARG A CB   4  
ATOM   607  C CG   . ARG A 1 4  ? 4.746  -0.630  6.199  1.00 0.00 ?  4  ARG A CG   4  
ATOM   608  C CD   . ARG A 1 4  ? 5.928  -1.550  6.508  1.00 0.00 ?  4  ARG A CD   4  
ATOM   609  N NE   . ARG A 1 4  ? 5.451  -2.878  6.880  1.00 0.00 ?  4  ARG A NE   4  
ATOM   610  C CZ   . ARG A 1 4  ? 6.294  -3.890  7.099  1.00 0.00 ?  4  ARG A CZ   4  
ATOM   611  N NH1  . ARG A 1 4  ? 7.587  -3.722  6.989  1.00 0.00 1  4  ARG A NH1  4  
ATOM   612  N NH2  . ARG A 1 4  ? 5.822  -5.061  7.430  1.00 0.00 ?  4  ARG A NH2  4  
ATOM   613  H H    . ARG A 1 4  ? 0.873  -1.388  4.459  1.00 0.00 ?  4  ARG A H    4  
ATOM   614  H HA   . ARG A 1 4  ? 2.279  -0.116  5.754  1.00 0.00 ?  4  ARG A HA   4  
ATOM   615  H HB2  . ARG A 1 4  ? 3.712  -2.210  5.176  1.00 0.00 ?  4  ARG A HB2  4  
ATOM   616  H HB3  . ARG A 1 4  ? 4.591  -1.110  4.115  1.00 0.00 ?  4  ARG A HB3  4  
ATOM   617  H HG2  . ARG A 1 4  ? 5.109  0.361   5.975  1.00 0.00 ?  4  ARG A HG2  4  
ATOM   618  H HG3  . ARG A 1 4  ? 4.093  -0.588  7.059  1.00 0.00 ?  4  ARG A HG3  4  
ATOM   619  H HD2  . ARG A 1 4  ? 6.556  -1.629  5.634  1.00 0.00 ?  4  ARG A HD2  4  
ATOM   620  H HD3  . ARG A 1 4  ? 6.502  -1.133  7.322  1.00 0.00 ?  4  ARG A HD3  4  
ATOM   621  H HE   . ARG A 1 4  ? 4.488  -3.032  6.968  1.00 0.00 ?  4  ARG A HE   4  
ATOM   622  H HH11 . ARG A 1 4  ? 7.962  -2.831  6.737  1.00 0.00 ?  4  ARG A HH11 4  
ATOM   623  H HH12 . ARG A 1 4  ? 8.204  -4.491  7.158  1.00 0.00 ?  4  ARG A HH12 4  
ATOM   624  H HH21 . ARG A 1 4  ? 4.835  -5.197  7.516  1.00 0.00 ?  4  ARG A HH21 4  
ATOM   625  H HH22 . ARG A 1 4  ? 6.448  -5.823  7.597  1.00 0.00 ?  4  ARG A HH22 4  
ATOM   626  N N    . TYR A 1 5  ? 2.188  1.323   3.102  1.00 0.00 ?  5  TYR A N    4  
ATOM   627  C CA   . TYR A 1 5  ? 2.410  2.548   2.343  1.00 0.00 ?  5  TYR A CA   4  
ATOM   628  C C    . TYR A 1 5  ? 1.078  3.216   2.011  1.00 0.00 ?  5  TYR A C    4  
ATOM   629  O O    . TYR A 1 5  ? 0.595  3.128   0.883  1.00 0.00 ?  5  TYR A O    4  
ATOM   630  C CB   . TYR A 1 5  ? 3.158  2.228   1.047  1.00 0.00 ?  5  TYR A CB   4  
ATOM   631  C CG   . TYR A 1 5  ? 3.603  3.513   0.392  1.00 0.00 ?  5  TYR A CG   4  
ATOM   632  C CD1  . TYR A 1 5  ? 2.804  4.113   -0.589 1.00 0.00 ?  5  TYR A CD1  4  
ATOM   633  C CD2  . TYR A 1 5  ? 4.815  4.106   0.766  1.00 0.00 ?  5  TYR A CD2  4  
ATOM   634  C CE1  . TYR A 1 5  ? 3.217  5.304   -1.197 1.00 0.00 ?  5  TYR A CE1  4  
ATOM   635  C CE2  . TYR A 1 5  ? 5.228  5.299   0.158  1.00 0.00 ?  5  TYR A CE2  4  
ATOM   636  C CZ   . TYR A 1 5  ? 4.429  5.898   -0.823 1.00 0.00 ?  5  TYR A CZ   4  
ATOM   637  O OH   . TYR A 1 5  ? 4.836  7.073   -1.421 1.00 0.00 ?  5  TYR A OH   4  
ATOM   638  H H    . TYR A 1 5  ? 1.398  0.778   2.909  1.00 0.00 ?  5  TYR A H    4  
ATOM   639  H HA   . TYR A 1 5  ? 3.010  3.224   2.933  1.00 0.00 ?  5  TYR A HA   4  
ATOM   640  H HB2  . TYR A 1 5  ? 4.022  1.619   1.271  1.00 0.00 ?  5  TYR A HB2  4  
ATOM   641  H HB3  . TYR A 1 5  ? 2.503  1.692   0.378  1.00 0.00 ?  5  TYR A HB3  4  
ATOM   642  H HD1  . TYR A 1 5  ? 1.870  3.656   -0.877 1.00 0.00 ?  5  TYR A HD1  4  
ATOM   643  H HD2  . TYR A 1 5  ? 5.431  3.644   1.522  1.00 0.00 ?  5  TYR A HD2  4  
ATOM   644  H HE1  . TYR A 1 5  ? 2.601  5.767   -1.953 1.00 0.00 ?  5  TYR A HE1  4  
ATOM   645  H HE2  . TYR A 1 5  ? 6.163  5.755   0.446  1.00 0.00 ?  5  TYR A HE2  4  
ATOM   646  H HH   . TYR A 1 5  ? 5.770  6.990   -1.629 1.00 0.00 ?  5  TYR A HH   4  
HETATM 647  N N    . DPR A 1 6  ? 0.478  3.872   2.969  1.00 0.00 ?  6  DPR A N    4  
HETATM 648  C CA   . DPR A 1 6  ? -0.830 4.560   2.769  1.00 0.00 ?  6  DPR A CA   4  
HETATM 649  C CB   . DPR A 1 6  ? -1.257 4.958   4.183  1.00 0.00 ?  6  DPR A CB   4  
HETATM 650  C CG   . DPR A 1 6  ? 0.002  5.019   4.982  1.00 0.00 ?  6  DPR A CG   4  
HETATM 651  C CD   . DPR A 1 6  ? 0.976  4.029   4.343  1.00 0.00 ?  6  DPR A CD   4  
HETATM 652  C C    . DPR A 1 6  ? -1.863 3.636   2.128  1.00 0.00 ?  6  DPR A C    4  
HETATM 653  O O    . DPR A 1 6  ? -2.263 2.634   2.720  1.00 0.00 ?  6  DPR A O    4  
HETATM 654  H HA   . DPR A 1 6  ? -0.697 5.445   2.169  1.00 0.00 ?  6  DPR A HA   4  
HETATM 655  H HB2  . DPR A 1 6  ? -1.740 5.926   4.168  1.00 0.00 ?  6  DPR A HB2  4  
HETATM 656  H HB3  . DPR A 1 6  ? -1.921 4.215   4.597  1.00 0.00 ?  6  DPR A HB3  4  
HETATM 657  H HG2  . DPR A 1 6  ? 0.412  6.020   4.948  1.00 0.00 ?  6  DPR A HG2  4  
HETATM 658  H HG3  . DPR A 1 6  ? -0.191 4.730   6.003  1.00 0.00 ?  6  DPR A HG3  4  
HETATM 659  H HD2  . DPR A 1 6  ? 1.979  4.433   4.343  1.00 0.00 ?  6  DPR A HD2  4  
HETATM 660  H HD3  . DPR A 1 6  ? 0.949  3.082   4.860  1.00 0.00 ?  6  DPR A HD3  4  
ATOM   661  N N    . ASP A 1 7  ? -2.288 3.976   0.915  1.00 0.00 ?  7  ASP A N    4  
ATOM   662  C CA   . ASP A 1 7  ? -3.271 3.160   0.210  1.00 0.00 ?  7  ASP A CA   4  
ATOM   663  C C    . ASP A 1 7  ? -3.096 3.285   -1.299 1.00 0.00 ?  7  ASP A C    4  
ATOM   664  O O    . ASP A 1 7  ? -4.071 3.451   -2.032 1.00 0.00 ?  7  ASP A O    4  
ATOM   665  C CB   . ASP A 1 7  ? -4.684 3.597   0.601  1.00 0.00 ?  7  ASP A CB   4  
ATOM   666  C CG   . ASP A 1 7  ? -5.705 2.592   0.078  1.00 0.00 ?  7  ASP A CG   4  
ATOM   667  O OD1  . ASP A 1 7  ? -5.316 1.727   -0.690 1.00 0.00 ?  7  ASP A OD1  4  
ATOM   668  O OD2  . ASP A 1 7  ? -6.860 2.700   0.452  1.00 0.00 -1 7  ASP A OD2  4  
ATOM   669  H H    . ASP A 1 7  ? -1.934 4.783   0.487  1.00 0.00 ?  7  ASP A H    4  
ATOM   670  H HA   . ASP A 1 7  ? -3.135 2.126   0.493  1.00 0.00 ?  7  ASP A HA   4  
ATOM   671  H HB2  . ASP A 1 7  ? -4.757 3.655   1.678  1.00 0.00 ?  7  ASP A HB2  4  
ATOM   672  H HB3  . ASP A 1 7  ? -4.888 4.567   0.175  1.00 0.00 ?  7  ASP A HB3  4  
ATOM   673  N N    . THR A 1 8  ? -1.851 3.198   -1.759 1.00 0.00 ?  8  THR A N    4  
ATOM   674  C CA   . THR A 1 8  ? -1.572 3.296   -3.188 1.00 0.00 ?  8  THR A CA   4  
ATOM   675  C C    . THR A 1 8  ? -0.961 1.996   -3.703 1.00 0.00 ?  8  THR A C    4  
ATOM   676  O O    . THR A 1 8  ? -1.104 1.652   -4.876 1.00 0.00 ?  8  THR A O    4  
ATOM   677  C CB   . THR A 1 8  ? -0.609 4.456   -3.455 1.00 0.00 ?  8  THR A CB   4  
ATOM   678  O OG1  . THR A 1 8  ? 0.613  4.221   -2.770 1.00 0.00 ?  8  THR A OG1  4  
ATOM   679  C CG2  . THR A 1 8  ? -1.232 5.762   -2.959 1.00 0.00 ?  8  THR A CG2  4  
ATOM   680  H H    . THR A 1 8  ? -1.111 3.061   -1.133 1.00 0.00 ?  8  THR A H    4  
ATOM   681  H HA   . THR A 1 8  ? -2.497 3.482   -3.716 1.00 0.00 ?  8  THR A HA   4  
ATOM   682  H HB   . THR A 1 8  ? -0.420 4.531   -4.516 1.00 0.00 ?  8  THR A HB   4  
ATOM   683  H HG1  . THR A 1 8  ? 0.417  4.138   -1.834 1.00 0.00 ?  8  THR A HG1  4  
ATOM   684  H HG21 . THR A 1 8  ? -2.080 6.014   -3.578 1.00 0.00 ?  8  THR A HG21 4  
ATOM   685  H HG22 . THR A 1 8  ? -0.498 6.554   -3.015 1.00 0.00 ?  8  THR A HG22 4  
ATOM   686  H HG23 . THR A 1 8  ? -1.555 5.642   -1.936 1.00 0.00 ?  8  THR A HG23 4  
ATOM   687  N N    . MET A 1 9  ? -0.283 1.277   -2.815 1.00 0.00 ?  9  MET A N    4  
ATOM   688  C CA   . MET A 1 9  ? 0.339  0.010   -3.185 1.00 0.00 ?  9  MET A CA   4  
ATOM   689  C C    . MET A 1 9  ? -0.722 -1.038  -3.506 1.00 0.00 ?  9  MET A C    4  
ATOM   690  O O    . MET A 1 9  ? -0.558 -1.841  -4.425 1.00 0.00 ?  9  MET A O    4  
ATOM   691  C CB   . MET A 1 9  ? 1.226  -0.493  -2.043 1.00 0.00 ?  9  MET A CB   4  
ATOM   692  C CG   . MET A 1 9  ? 2.454  0.412   -1.902 1.00 0.00 ?  9  MET A CG   4  
ATOM   693  S SD   . MET A 1 9  ? 3.507  0.247   -3.367 1.00 0.00 ?  9  MET A SD   4  
ATOM   694  C CE   . MET A 1 9  ? 4.763  1.455   -2.883 1.00 0.00 ?  9  MET A CE   4  
ATOM   695  H H    . MET A 1 9  ? -0.205 1.600   -1.893 1.00 0.00 ?  9  MET A H    4  
ATOM   696  H HA   . MET A 1 9  ? 0.950  0.164   -4.060 1.00 0.00 ?  9  MET A HA   4  
ATOM   697  H HB2  . MET A 1 9  ? 0.664  -0.482  -1.121 1.00 0.00 ?  9  MET A HB2  4  
ATOM   698  H HB3  . MET A 1 9  ? 1.548  -1.501  -2.255 1.00 0.00 ?  9  MET A HB3  4  
ATOM   699  H HG2  . MET A 1 9  ? 2.134  1.439   -1.804 1.00 0.00 ?  9  MET A HG2  4  
ATOM   700  H HG3  . MET A 1 9  ? 3.013  0.124   -1.024 1.00 0.00 ?  9  MET A HG3  4  
ATOM   701  H HE1  . MET A 1 9  ? 5.512  0.970   -2.272 1.00 0.00 ?  9  MET A HE1  4  
ATOM   702  H HE2  . MET A 1 9  ? 4.301  2.249   -2.318 1.00 0.00 ?  9  MET A HE2  4  
ATOM   703  H HE3  . MET A 1 9  ? 5.224  1.869   -3.769 1.00 0.00 ?  9  MET A HE3  4  
ATOM   704  N N    . TYR A 1 10 ? -1.803 -1.032  -2.731 1.00 0.00 ?  10 TYR A N    4  
ATOM   705  C CA   . TYR A 1 10 ? -2.878 -1.997  -2.930 1.00 0.00 ?  10 TYR A CA   4  
ATOM   706  C C    . TYR A 1 10 ? -2.320 -3.416  -2.943 1.00 0.00 ?  10 TYR A C    4  
ATOM   707  O O    . TYR A 1 10 ? -2.888 -4.312  -3.567 1.00 0.00 ?  10 TYR A O    4  
ATOM   708  C CB   . TYR A 1 10 ? -3.610 -1.720  -4.245 1.00 0.00 ?  10 TYR A CB   4  
ATOM   709  C CG   . TYR A 1 10 ? -4.292 -0.373  -4.173 1.00 0.00 ?  10 TYR A CG   4  
ATOM   710  C CD1  . TYR A 1 10 ? -3.772 0.714   -4.882 1.00 0.00 ?  10 TYR A CD1  4  
ATOM   711  C CD2  . TYR A 1 10 ? -5.446 -0.215  -3.395 1.00 0.00 ?  10 TYR A CD2  4  
ATOM   712  C CE1  . TYR A 1 10 ? -4.404 1.961   -4.814 1.00 0.00 ?  10 TYR A CE1  4  
ATOM   713  C CE2  . TYR A 1 10 ? -6.078 1.031   -3.329 1.00 0.00 ?  10 TYR A CE2  4  
ATOM   714  C CZ   . TYR A 1 10 ? -5.559 2.120   -4.039 1.00 0.00 ?  10 TYR A CZ   4  
ATOM   715  O OH   . TYR A 1 10 ? -6.182 3.349   -3.974 1.00 0.00 ?  10 TYR A OH   4  
ATOM   716  H H    . TYR A 1 10 ? -1.873 -0.376  -2.008 1.00 0.00 ?  10 TYR A H    4  
ATOM   717  H HA   . TYR A 1 10 ? -3.582 -1.907  -2.115 1.00 0.00 ?  10 TYR A HA   4  
ATOM   718  H HB2  . TYR A 1 10 ? -2.900 -1.719  -5.058 1.00 0.00 ?  10 TYR A HB2  4  
ATOM   719  H HB3  . TYR A 1 10 ? -4.349 -2.489  -4.413 1.00 0.00 ?  10 TYR A HB3  4  
ATOM   720  H HD1  . TYR A 1 10 ? -2.881 0.592   -5.480 1.00 0.00 ?  10 TYR A HD1  4  
ATOM   721  H HD2  . TYR A 1 10 ? -5.846 -1.054  -2.847 1.00 0.00 ?  10 TYR A HD2  4  
ATOM   722  H HE1  . TYR A 1 10 ? -4.002 2.801   -5.363 1.00 0.00 ?  10 TYR A HE1  4  
ATOM   723  H HE2  . TYR A 1 10 ? -6.970 1.154   -2.731 1.00 0.00 ?  10 TYR A HE2  4  
ATOM   724  H HH   . TYR A 1 10 ? -6.248 3.696   -4.867 1.00 0.00 ?  10 TYR A HH   4  
ATOM   725  N N    . LEU A 1 1  ? 1.956  -1.896  -2.460 1.00 0.00 ?  1  LEU A N    5  
ATOM   726  C CA   . LEU A 1 1  ? 2.262  -3.250  -2.014 1.00 0.00 ?  1  LEU A CA   5  
ATOM   727  C C    . LEU A 1 1  ? 0.988  -3.963  -1.570 1.00 0.00 ?  1  LEU A C    5  
ATOM   728  O O    . LEU A 1 1  ? 0.561  -4.937  -2.192 1.00 0.00 ?  1  LEU A O    5  
ATOM   729  C CB   . LEU A 1 1  ? 3.261  -3.208  -0.856 1.00 0.00 ?  1  LEU A CB   5  
ATOM   730  C CG   . LEU A 1 1  ? 4.371  -4.231  -1.102 1.00 0.00 ?  1  LEU A CG   5  
ATOM   731  C CD1  . LEU A 1 1  ? 5.595  -3.869  -0.258 1.00 0.00 ?  1  LEU A CD1  5  
ATOM   732  C CD2  . LEU A 1 1  ? 3.878  -5.625  -0.711 1.00 0.00 ?  1  LEU A CD2  5  
ATOM   733  H H1   . LEU A 1 1  ? 1.583  -1.253  -1.822 1.00 0.00 ?  1  LEU A H1   5  
ATOM   734  H HA   . LEU A 1 1  ? 2.700  -3.799  -2.834 1.00 0.00 ?  1  LEU A HA   5  
ATOM   735  H HB2  . LEU A 1 1  ? 3.689  -2.220  -0.787 1.00 0.00 ?  1  LEU A HB2  5  
ATOM   736  H HB3  . LEU A 1 1  ? 2.754  -3.448  0.067  1.00 0.00 ?  1  LEU A HB3  5  
ATOM   737  H HG   . LEU A 1 1  ? 4.643  -4.222  -2.148 1.00 0.00 ?  1  LEU A HG   5  
ATOM   738  H HD11 . LEU A 1 1  ? 6.435  -4.473  -0.565 1.00 0.00 ?  1  LEU A HD11 5  
ATOM   739  H HD12 . LEU A 1 1  ? 5.380  -4.053  0.785  1.00 0.00 ?  1  LEU A HD12 5  
ATOM   740  H HD13 . LEU A 1 1  ? 5.832  -2.823  -0.397 1.00 0.00 ?  1  LEU A HD13 5  
ATOM   741  H HD21 . LEU A 1 1  ? 4.638  -6.355  -0.943 1.00 0.00 ?  1  LEU A HD21 5  
ATOM   742  H HD22 . LEU A 1 1  ? 2.977  -5.856  -1.260 1.00 0.00 ?  1  LEU A HD22 5  
ATOM   743  H HD23 . LEU A 1 1  ? 3.669  -5.648  0.349  1.00 0.00 ?  1  LEU A HD23 5  
HETATM 744  N N    . DGL A 1 2  ? 0.382  -3.469  -0.495 1.00 0.00 ?  2  DGL A N    5  
HETATM 745  C CA   . DGL A 1 2  ? -0.846 -4.066  0.017  1.00 0.00 ?  2  DGL A CA   5  
HETATM 746  C C    . DGL A 1 2  ? -0.760 -4.269  1.527  1.00 0.00 ?  2  DGL A C    5  
HETATM 747  O O    . DGL A 1 2  ? -1.086 -5.342  2.036  1.00 0.00 ?  2  DGL A O    5  
HETATM 748  C CB   . DGL A 1 2  ? -2.040 -3.171  -0.315 1.00 0.00 ?  2  DGL A CB   5  
HETATM 749  C CG   . DGL A 1 2  ? -2.260 -3.157  -1.828 1.00 0.00 ?  2  DGL A CG   5  
HETATM 750  C CD   . DGL A 1 2  ? -3.420 -2.231  -2.179 1.00 0.00 ?  2  DGL A CD   5  
HETATM 751  O OE1  . DGL A 1 2  ? -3.976 -1.640  -1.267 1.00 0.00 ?  2  DGL A OE1  5  
HETATM 752  O OE2  . DGL A 1 2  ? -3.734 -2.126  -3.353 1.00 0.00 -1 2  DGL A OE2  5  
HETATM 753  H H    . DGL A 1 2  ? 0.764  -2.689  -0.041 1.00 0.00 ?  2  DGL A H    5  
HETATM 754  H HA   . DGL A 1 2  ? -0.990 -5.026  -0.455 1.00 0.00 ?  2  DGL A HA   5  
HETATM 755  H HB2  . DGL A 1 2  ? -2.924 -3.551  0.177  1.00 0.00 ?  2  DGL A HB2  5  
HETATM 756  H HB3  . DGL A 1 2  ? -1.842 -2.166  0.026  1.00 0.00 ?  2  DGL A HB3  5  
HETATM 757  H HG2  . DGL A 1 2  ? -1.362 -2.808  -2.318 1.00 0.00 ?  2  DGL A HG2  5  
HETATM 758  H HG3  . DGL A 1 2  ? -2.487 -4.156  -2.166 1.00 0.00 ?  2  DGL A HG3  5  
HETATM 759  N N    . DAR A 1 3  ? -0.324 -3.236  2.243  1.00 0.00 ?  3  DAR A N    5  
HETATM 760  C CA   . DAR A 1 3  ? -0.208 -3.332  3.695  1.00 0.00 ?  3  DAR A CA   5  
HETATM 761  C CB   . DAR A 1 3  ? -1.602 -3.401  4.321  1.00 0.00 ?  3  DAR A CB   5  
HETATM 762  C CG   . DAR A 1 3  ? -1.636 -4.504  5.381  1.00 0.00 ?  3  DAR A CG   5  
HETATM 763  C CD   . DAR A 1 3  ? -0.910 -4.031  6.641  1.00 0.00 ?  3  DAR A CD   5  
HETATM 764  N NE   . DAR A 1 3  ? 0.525  -4.269  6.519  1.00 0.00 ?  3  DAR A NE   5  
HETATM 765  C CZ   . DAR A 1 3  ? 1.390  -3.839  7.440  1.00 0.00 ?  3  DAR A CZ   5  
HETATM 766  N NH1  . DAR A 1 3  ? 2.665  -4.073  7.288  1.00 0.00 ?  3  DAR A NH1  5  
HETATM 767  N NH2  . DAR A 1 3  ? 0.975  -3.184  8.496  1.00 0.00 1  3  DAR A NH2  5  
HETATM 768  C C    . DAR A 1 3  ? 0.550  -2.135  4.272  1.00 0.00 ?  3  DAR A C    5  
HETATM 769  O O    . DAR A 1 3  ? 0.440  -1.839  5.462  1.00 0.00 ?  3  DAR A O    5  
HETATM 770  H H    . DAR A 1 3  ? -0.080 -2.402  1.789  1.00 0.00 ?  3  DAR A H    5  
HETATM 771  H HA   . DAR A 1 3  ? 0.327  -4.235  3.942  1.00 0.00 ?  3  DAR A HA   5  
HETATM 772  H HB2  . DAR A 1 3  ? -1.838 -2.453  4.781  1.00 0.00 ?  3  DAR A HB2  5  
HETATM 773  H HB3  . DAR A 1 3  ? -2.331 -3.620  3.554  1.00 0.00 ?  3  DAR A HB3  5  
HETATM 774  H HG2  . DAR A 1 3  ? -2.662 -4.739  5.624  1.00 0.00 ?  3  DAR A HG2  5  
HETATM 775  H HG3  . DAR A 1 3  ? -1.146 -5.387  4.998  1.00 0.00 ?  3  DAR A HG3  5  
HETATM 776  H HD2  . DAR A 1 3  ? -1.084 -2.974  6.779  1.00 0.00 ?  3  DAR A HD2  5  
HETATM 777  H HD3  . DAR A 1 3  ? -1.292 -4.568  7.497  1.00 0.00 ?  3  DAR A HD3  5  
HETATM 778  H HE   . DAR A 1 3  ? 0.862  -4.759  5.741  1.00 0.00 ?  3  DAR A HE   5  
HETATM 779  H HH11 . DAR A 1 3  ? 2.988  -4.574  6.484  1.00 0.00 ?  3  DAR A HH11 5  
HETATM 780  H HH12 . DAR A 1 3  ? 3.317  -3.754  7.976  1.00 0.00 ?  3  DAR A HH12 5  
HETATM 781  H HH21 . DAR A 1 3  ? 0.001  -2.996  8.624  1.00 0.00 ?  3  DAR A HH21 5  
HETATM 782  H HH22 . DAR A 1 3  ? 1.635  -2.867  9.176  1.00 0.00 ?  3  DAR A HH22 5  
ATOM   783  N N    . ARG A 1 4  ? 1.326  -1.455  3.432  1.00 0.00 ?  4  ARG A N    5  
ATOM   784  C CA   . ARG A 1 4  ? 2.098  -0.306  3.892  1.00 0.00 ?  4  ARG A CA   5  
ATOM   785  C C    . ARG A 1 4  ? 2.275  0.717   2.774  1.00 0.00 ?  4  ARG A C    5  
ATOM   786  O O    . ARG A 1 4  ? 2.001  0.433   1.608  1.00 0.00 ?  4  ARG A O    5  
ATOM   787  C CB   . ARG A 1 4  ? 3.470  -0.765  4.390  1.00 0.00 ?  4  ARG A CB   5  
ATOM   788  C CG   . ARG A 1 4  ? 4.240  -1.422  3.242  1.00 0.00 ?  4  ARG A CG   5  
ATOM   789  C CD   . ARG A 1 4  ? 5.641  -1.806  3.723  1.00 0.00 ?  4  ARG A CD   5  
ATOM   790  N NE   . ARG A 1 4  ? 6.416  -0.608  4.031  1.00 0.00 ?  4  ARG A NE   5  
ATOM   791  C CZ   . ARG A 1 4  ? 7.637  -0.680  4.566  1.00 0.00 ?  4  ARG A CZ   5  
ATOM   792  N NH1  . ARG A 1 4  ? 8.183  -1.839  4.837  1.00 0.00 1  4  ARG A NH1  5  
ATOM   793  N NH2  . ARG A 1 4  ? 8.293  0.418   4.823  1.00 0.00 ?  4  ARG A NH2  5  
ATOM   794  H H    . ARG A 1 4  ? 1.388  -1.735  2.496  1.00 0.00 ?  4  ARG A H    5  
ATOM   795  H HA   . ARG A 1 4  ? 1.572  0.162   4.711  1.00 0.00 ?  4  ARG A HA   5  
ATOM   796  H HB2  . ARG A 1 4  ? 4.025  0.087   4.754  1.00 0.00 ?  4  ARG A HB2  5  
ATOM   797  H HB3  . ARG A 1 4  ? 3.343  -1.479  5.189  1.00 0.00 ?  4  ARG A HB3  5  
ATOM   798  H HG2  . ARG A 1 4  ? 3.715  -2.308  2.916  1.00 0.00 ?  4  ARG A HG2  5  
ATOM   799  H HG3  . ARG A 1 4  ? 4.322  -0.728  2.419  1.00 0.00 ?  4  ARG A HG3  5  
ATOM   800  H HD2  . ARG A 1 4  ? 5.559  -2.415  4.610  1.00 0.00 ?  4  ARG A HD2  5  
ATOM   801  H HD3  . ARG A 1 4  ? 6.141  -2.370  2.949  1.00 0.00 ?  4  ARG A HD3  5  
ATOM   802  H HE   . ARG A 1 4  ? 6.031  0.272   3.838  1.00 0.00 ?  4  ARG A HE   5  
ATOM   803  H HH11 . ARG A 1 4  ? 7.690  -2.687  4.646  1.00 0.00 ?  4  ARG A HH11 5  
ATOM   804  H HH12 . ARG A 1 4  ? 9.097  -1.875  5.240  1.00 0.00 ?  4  ARG A HH12 5  
ATOM   805  H HH21 . ARG A 1 4  ? 7.882  1.306   4.618  1.00 0.00 ?  4  ARG A HH21 5  
ATOM   806  H HH22 . ARG A 1 4  ? 9.207  0.371   5.225  1.00 0.00 ?  4  ARG A HH22 5  
ATOM   807  N N    . TYR A 1 5  ? 2.731  1.910   3.144  1.00 0.00 ?  5  TYR A N    5  
ATOM   808  C CA   . TYR A 1 5  ? 2.940  2.977   2.170  1.00 0.00 ?  5  TYR A CA   5  
ATOM   809  C C    . TYR A 1 5  ? 1.624  3.360   1.498  1.00 0.00 ?  5  TYR A C    5  
ATOM   810  O O    . TYR A 1 5  ? 1.456  3.187   0.291  1.00 0.00 ?  5  TYR A O    5  
ATOM   811  C CB   . TYR A 1 5  ? 3.946  2.525   1.109  1.00 0.00 ?  5  TYR A CB   5  
ATOM   812  C CG   . TYR A 1 5  ? 4.471  3.730   0.365  1.00 0.00 ?  5  TYR A CG   5  
ATOM   813  C CD1  . TYR A 1 5  ? 3.876  4.125   -0.839 1.00 0.00 ?  5  TYR A CD1  5  
ATOM   814  C CD2  . TYR A 1 5  ? 5.555  4.453   0.880  1.00 0.00 ?  5  TYR A CD2  5  
ATOM   815  C CE1  . TYR A 1 5  ? 4.363  5.242   -1.528 1.00 0.00 ?  5  TYR A CE1  5  
ATOM   816  C CE2  . TYR A 1 5  ? 6.042  5.570   0.192  1.00 0.00 ?  5  TYR A CE2  5  
ATOM   817  C CZ   . TYR A 1 5  ? 5.446  5.965   -1.013 1.00 0.00 ?  5  TYR A CZ   5  
ATOM   818  O OH   . TYR A 1 5  ? 5.926  7.066   -1.692 1.00 0.00 ?  5  TYR A OH   5  
ATOM   819  H H    . TYR A 1 5  ? 2.928  2.077   4.089  1.00 0.00 ?  5  TYR A H    5  
ATOM   820  H HA   . TYR A 1 5  ? 3.336  3.843   2.679  1.00 0.00 ?  5  TYR A HA   5  
ATOM   821  H HB2  . TYR A 1 5  ? 4.767  2.012   1.588  1.00 0.00 ?  5  TYR A HB2  5  
ATOM   822  H HB3  . TYR A 1 5  ? 3.462  1.857   0.414  1.00 0.00 ?  5  TYR A HB3  5  
ATOM   823  H HD1  . TYR A 1 5  ? 3.040  3.567   -1.236 1.00 0.00 ?  5  TYR A HD1  5  
ATOM   824  H HD2  . TYR A 1 5  ? 6.014  4.149   1.809  1.00 0.00 ?  5  TYR A HD2  5  
ATOM   825  H HE1  . TYR A 1 5  ? 3.903  5.547   -2.456 1.00 0.00 ?  5  TYR A HE1  5  
ATOM   826  H HE2  . TYR A 1 5  ? 6.877  6.127   0.589  1.00 0.00 ?  5  TYR A HE2  5  
ATOM   827  H HH   . TYR A 1 5  ? 5.204  7.690   -1.793 1.00 0.00 ?  5  TYR A HH   5  
HETATM 828  N N    . DPR A 1 6  ? 0.697  3.874   2.263  1.00 0.00 ?  6  DPR A N    5  
HETATM 829  C CA   . DPR A 1 6  ? -0.636 4.296   1.755  1.00 0.00 ?  6  DPR A CA   5  
HETATM 830  C CB   . DPR A 1 6  ? -1.082 5.327   2.788  1.00 0.00 ?  6  DPR A CB   5  
HETATM 831  C CG   . DPR A 1 6  ? -0.435 4.911   4.071  1.00 0.00 ?  6  DPR A CG   5  
HETATM 832  C CD   . DPR A 1 6  ? 0.823  4.112   3.708  1.00 0.00 ?  6  DPR A CD   5  
HETATM 833  C C    . DPR A 1 6  ? -1.631 3.140   1.675  1.00 0.00 ?  6  DPR A C    5  
HETATM 834  O O    . DPR A 1 6  ? -2.837 3.337   1.834  1.00 0.00 ?  6  DPR A O    5  
HETATM 835  H HA   . DPR A 1 6  ? -0.536 4.773   0.793  1.00 0.00 ?  6  DPR A HA   5  
HETATM 836  H HB2  . DPR A 1 6  ? -0.748 6.315   2.499  1.00 0.00 ?  6  DPR A HB2  5  
HETATM 837  H HB3  . DPR A 1 6  ? -2.156 5.310   2.895  1.00 0.00 ?  6  DPR A HB3  5  
HETATM 838  H HG2  . DPR A 1 6  ? -0.166 5.787   4.647  1.00 0.00 ?  6  DPR A HG2  5  
HETATM 839  H HG3  . DPR A 1 6  ? -1.107 4.288   4.639  1.00 0.00 ?  6  DPR A HG3  5  
HETATM 840  H HD2  . DPR A 1 6  ? 1.712  4.690   3.923  1.00 0.00 ?  6  DPR A HD2  5  
HETATM 841  H HD3  . DPR A 1 6  ? 0.842  3.173   4.240  1.00 0.00 ?  6  DPR A HD3  5  
ATOM   842  N N    . ASP A 1 7  ? -1.127 1.936   1.427  1.00 0.00 ?  7  ASP A N    5  
ATOM   843  C CA   . ASP A 1 7  ? -1.987 0.764   1.329  1.00 0.00 ?  7  ASP A CA   5  
ATOM   844  C C    . ASP A 1 7  ? -3.101 1.007   0.315  1.00 0.00 ?  7  ASP A C    5  
ATOM   845  O O    . ASP A 1 7  ? -4.249 0.622   0.533  1.00 0.00 ?  7  ASP A O    5  
ATOM   846  C CB   . ASP A 1 7  ? -2.598 0.451   2.697  1.00 0.00 ?  7  ASP A CB   5  
ATOM   847  C CG   . ASP A 1 7  ? -3.255 -0.925  2.676  1.00 0.00 ?  7  ASP A CG   5  
ATOM   848  O OD1  . ASP A 1 7  ? -3.618 -1.402  3.738  1.00 0.00 ?  7  ASP A OD1  5  
ATOM   849  O OD2  . ASP A 1 7  ? -3.384 -1.483  1.599  1.00 0.00 -1 7  ASP A OD2  5  
ATOM   850  H H    . ASP A 1 7  ? -0.160 1.833   1.308  1.00 0.00 ?  7  ASP A H    5  
ATOM   851  H HA   . ASP A 1 7  ? -1.397 -0.080  1.007  1.00 0.00 ?  7  ASP A HA   5  
ATOM   852  H HB2  . ASP A 1 7  ? -1.820 0.466   3.447  1.00 0.00 ?  7  ASP A HB2  5  
ATOM   853  H HB3  . ASP A 1 7  ? -3.340 1.197   2.937  1.00 0.00 ?  7  ASP A HB3  5  
ATOM   854  N N    . THR A 1 8  ? -2.752 1.648   -0.797 1.00 0.00 ?  8  THR A N    5  
ATOM   855  C CA   . THR A 1 8  ? -3.728 1.934   -1.841 1.00 0.00 ?  8  THR A CA   5  
ATOM   856  C C    . THR A 1 8  ? -3.332 1.244   -3.143 1.00 0.00 ?  8  THR A C    5  
ATOM   857  O O    . THR A 1 8  ? -4.037 0.359   -3.627 1.00 0.00 ?  8  THR A O    5  
ATOM   858  C CB   . THR A 1 8  ? -3.824 3.446   -2.065 1.00 0.00 ?  8  THR A CB   5  
ATOM   859  O OG1  . THR A 1 8  ? -4.116 4.086   -0.830 1.00 0.00 ?  8  THR A OG1  5  
ATOM   860  C CG2  . THR A 1 8  ? -4.932 3.752   -3.074 1.00 0.00 ?  8  THR A CG2  5  
ATOM   861  H H    . THR A 1 8  ? -1.821 1.930   -0.918 1.00 0.00 ?  8  THR A H    5  
ATOM   862  H HA   . THR A 1 8  ? -4.693 1.566   -1.529 1.00 0.00 ?  8  THR A HA   5  
ATOM   863  H HB   . THR A 1 8  ? -2.884 3.812   -2.446 1.00 0.00 ?  8  THR A HB   5  
ATOM   864  H HG1  . THR A 1 8  ? -4.886 3.656   -0.449 1.00 0.00 ?  8  THR A HG1  5  
ATOM   865  H HG21 . THR A 1 8  ? -5.809 3.168   -2.837 1.00 0.00 ?  8  THR A HG21 5  
ATOM   866  H HG22 . THR A 1 8  ? -4.593 3.505   -4.068 1.00 0.00 ?  8  THR A HG22 5  
ATOM   867  H HG23 . THR A 1 8  ? -5.178 4.803   -3.029 1.00 0.00 ?  8  THR A HG23 5  
ATOM   868  N N    . MET A 1 9  ? -2.196 1.651   -3.700 1.00 0.00 ?  9  MET A N    5  
ATOM   869  C CA   . MET A 1 9  ? -1.707 1.061   -4.943 1.00 0.00 ?  9  MET A CA   5  
ATOM   870  C C    . MET A 1 9  ? -0.184 0.993   -4.938 1.00 0.00 ?  9  MET A C    5  
ATOM   871  O O    . MET A 1 9  ? 0.483  1.754   -5.640 1.00 0.00 ?  9  MET A O    5  
ATOM   872  C CB   . MET A 1 9  ? -2.178 1.887   -6.143 1.00 0.00 ?  9  MET A CB   5  
ATOM   873  C CG   . MET A 1 9  ? -3.686 1.710   -6.331 1.00 0.00 ?  9  MET A CG   5  
ATOM   874  S SD   . MET A 1 9  ? -4.262 2.814   -7.646 1.00 0.00 ?  9  MET A SD   5  
ATOM   875  C CE   . MET A 1 9  ? -3.481 1.945   -9.029 1.00 0.00 ?  9  MET A CE   5  
ATOM   876  H H    . MET A 1 9  ? -1.674 2.357   -3.266 1.00 0.00 ?  9  MET A H    5  
ATOM   877  H HA   . MET A 1 9  ? -2.102 0.060   -5.033 1.00 0.00 ?  9  MET A HA   5  
ATOM   878  H HB2  . MET A 1 9  ? -1.956 2.930   -5.971 1.00 0.00 ?  9  MET A HB2  5  
ATOM   879  H HB3  . MET A 1 9  ? -1.665 1.553   -7.033 1.00 0.00 ?  9  MET A HB3  5  
ATOM   880  H HG2  . MET A 1 9  ? -3.898 0.687   -6.603 1.00 0.00 ?  9  MET A HG2  5  
ATOM   881  H HG3  . MET A 1 9  ? -4.196 1.950   -5.412 1.00 0.00 ?  9  MET A HG3  5  
ATOM   882  H HE1  . MET A 1 9  ? -2.466 2.301   -9.148 1.00 0.00 ?  9  MET A HE1  5  
ATOM   883  H HE2  . MET A 1 9  ? -4.035 2.136   -9.934 1.00 0.00 ?  9  MET A HE2  5  
ATOM   884  H HE3  . MET A 1 9  ? -3.474 0.884   -8.829 1.00 0.00 ?  9  MET A HE3  5  
ATOM   885  N N    . TYR A 1 10 ? 0.363  0.078   -4.145 1.00 0.00 ?  10 TYR A N    5  
ATOM   886  C CA   . TYR A 1 10 ? 1.811  -0.078  -4.060 1.00 0.00 ?  10 TYR A CA   5  
ATOM   887  C C    . TYR A 1 10 ? 2.173  -1.520  -3.715 1.00 0.00 ?  10 TYR A C    5  
ATOM   888  O O    . TYR A 1 10 ? 2.637  -2.274  -4.571 1.00 0.00 ?  10 TYR A O    5  
ATOM   889  C CB   . TYR A 1 10 ? 2.382  0.861   -2.993 1.00 0.00 ?  10 TYR A CB   5  
ATOM   890  C CG   . TYR A 1 10 ? 2.104  2.294   -3.380 1.00 0.00 ?  10 TYR A CG   5  
ATOM   891  C CD1  . TYR A 1 10 ? 2.985  2.973   -4.230 1.00 0.00 ?  10 TYR A CD1  5  
ATOM   892  C CD2  . TYR A 1 10 ? 0.966  2.944   -2.886 1.00 0.00 ?  10 TYR A CD2  5  
ATOM   893  C CE1  . TYR A 1 10 ? 2.728  4.302   -4.586 1.00 0.00 ?  10 TYR A CE1  5  
ATOM   894  C CE2  . TYR A 1 10 ? 0.710  4.273   -3.243 1.00 0.00 ?  10 TYR A CE2  5  
ATOM   895  C CZ   . TYR A 1 10 ? 1.590  4.952   -4.094 1.00 0.00 ?  10 TYR A CZ   5  
ATOM   896  O OH   . TYR A 1 10 ? 1.338  6.263   -4.445 1.00 0.00 ?  10 TYR A OH   5  
ATOM   897  H H    . TYR A 1 10 ? -0.217 -0.501  -3.608 1.00 0.00 ?  10 TYR A H    5  
ATOM   898  H HA   . TYR A 1 10 ? 2.248  0.173   -5.015 1.00 0.00 ?  10 TYR A HA   5  
ATOM   899  H HB2  . TYR A 1 10 ? 1.918  0.648   -2.041 1.00 0.00 ?  10 TYR A HB2  5  
ATOM   900  H HB3  . TYR A 1 10 ? 3.448  0.710   -2.915 1.00 0.00 ?  10 TYR A HB3  5  
ATOM   901  H HD1  . TYR A 1 10 ? 3.862  2.472   -4.611 1.00 0.00 ?  10 TYR A HD1  5  
ATOM   902  H HD2  . TYR A 1 10 ? 0.287  2.421   -2.230 1.00 0.00 ?  10 TYR A HD2  5  
ATOM   903  H HE1  . TYR A 1 10 ? 3.407  4.826   -5.242 1.00 0.00 ?  10 TYR A HE1  5  
ATOM   904  H HE2  . TYR A 1 10 ? -0.168 4.775   -2.863 1.00 0.00 ?  10 TYR A HE2  5  
ATOM   905  H HH   . TYR A 1 10 ? 2.112  6.783   -4.224 1.00 0.00 ?  10 TYR A HH   5  
ATOM   906  N N    . LEU A 1 1  ? -0.281 -3.286  -2.765 1.00 0.00 ?  1  LEU A N    6  
ATOM   907  C CA   . LEU A 1 1  ? -0.536 -4.153  -1.618 1.00 0.00 ?  1  LEU A CA   6  
ATOM   908  C C    . LEU A 1 1  ? 0.683  -5.025  -1.329 1.00 0.00 ?  1  LEU A C    6  
ATOM   909  O O    . LEU A 1 1  ? 1.258  -5.625  -2.238 1.00 0.00 ?  1  LEU A O    6  
ATOM   910  C CB   . LEU A 1 1  ? -1.750 -5.042  -1.897 1.00 0.00 ?  1  LEU A CB   6  
ATOM   911  C CG   . LEU A 1 1  ? -2.657 -5.078  -0.665 1.00 0.00 ?  1  LEU A CG   6  
ATOM   912  C CD1  . LEU A 1 1  ? -3.374 -3.734  -0.513 1.00 0.00 ?  1  LEU A CD1  6  
ATOM   913  C CD2  . LEU A 1 1  ? -3.692 -6.191  -0.830 1.00 0.00 ?  1  LEU A CD2  6  
ATOM   914  H H1   . LEU A 1 1  ? 0.396  -3.546  -3.423 1.00 0.00 ?  1  LEU A H1   6  
ATOM   915  H HA   . LEU A 1 1  ? -0.741 -3.540  -0.754 1.00 0.00 ?  1  LEU A HA   6  
ATOM   916  H HB2  . LEU A 1 1  ? -2.299 -4.645  -2.738 1.00 0.00 ?  1  LEU A HB2  6  
ATOM   917  H HB3  . LEU A 1 1  ? -1.417 -6.043  -2.124 1.00 0.00 ?  1  LEU A HB3  6  
ATOM   918  H HG   . LEU A 1 1  ? -2.059 -5.266  0.216  1.00 0.00 ?  1  LEU A HG   6  
ATOM   919  H HD11 . LEU A 1 1  ? -2.673 -2.988  -0.169 1.00 0.00 ?  1  LEU A HD11 6  
ATOM   920  H HD12 . LEU A 1 1  ? -4.176 -3.831  0.204  1.00 0.00 ?  1  LEU A HD12 6  
ATOM   921  H HD13 . LEU A 1 1  ? -3.778 -3.432  -1.469 1.00 0.00 ?  1  LEU A HD13 6  
ATOM   922  H HD21 . LEU A 1 1  ? -4.352 -5.951  -1.652 1.00 0.00 ?  1  LEU A HD21 6  
ATOM   923  H HD22 . LEU A 1 1  ? -4.269 -6.286  0.078  1.00 0.00 ?  1  LEU A HD22 6  
ATOM   924  H HD23 . LEU A 1 1  ? -3.189 -7.125  -1.034 1.00 0.00 ?  1  LEU A HD23 6  
HETATM 925  N N    . DGL A 1 2  ? 1.070  -5.091  -0.059 1.00 0.00 ?  2  DGL A N    6  
HETATM 926  C CA   . DGL A 1 2  ? 2.223  -5.894  0.337  1.00 0.00 ?  2  DGL A CA   6  
HETATM 927  C C    . DGL A 1 2  ? 3.115  -5.132  1.316  1.00 0.00 ?  2  DGL A C    6  
HETATM 928  O O    . DGL A 1 2  ? 4.314  -5.400  1.408  1.00 0.00 ?  2  DGL A O    6  
HETATM 929  C CB   . DGL A 1 2  ? 1.761  -7.204  0.984  1.00 0.00 ?  2  DGL A CB   6  
HETATM 930  C CG   . DGL A 1 2  ? 1.398  -8.220  -0.104 1.00 0.00 ?  2  DGL A CG   6  
HETATM 931  C CD   . DGL A 1 2  ? -0.032 -7.996  -0.586 1.00 0.00 ?  2  DGL A CD   6  
HETATM 932  O OE1  . DGL A 1 2  ? -0.665 -7.075  -0.101 1.00 0.00 ?  2  DGL A OE1  6  
HETATM 933  O OE2  . DGL A 1 2  ? -0.475 -8.754  -1.433 1.00 0.00 -1 2  DGL A OE2  6  
HETATM 934  H H    . DGL A 1 2  ? 0.572  -4.593  0.620  1.00 0.00 ?  2  DGL A H    6  
HETATM 935  H HA   . DGL A 1 2  ? 2.800  -6.131  -0.545 1.00 0.00 ?  2  DGL A HA   6  
HETATM 936  H HB2  . DGL A 1 2  ? 2.556  -7.602  1.596  1.00 0.00 ?  2  DGL A HB2  6  
HETATM 937  H HB3  . DGL A 1 2  ? 0.894  -7.015  1.600  1.00 0.00 ?  2  DGL A HB3  6  
HETATM 938  H HG2  . DGL A 1 2  ? 2.076  -8.108  -0.937 1.00 0.00 ?  2  DGL A HG2  6  
HETATM 939  H HG3  . DGL A 1 2  ? 1.488  -9.219  0.297  1.00 0.00 ?  2  DGL A HG3  6  
HETATM 940  N N    . DAR A 1 3  ? 2.528  -4.183  2.044  1.00 0.00 ?  3  DAR A N    6  
HETATM 941  C CA   . DAR A 1 3  ? 3.283  -3.393  3.012  1.00 0.00 ?  3  DAR A CA   6  
HETATM 942  C CB   . DAR A 1 3  ? 3.833  -4.306  4.113  1.00 0.00 ?  3  DAR A CB   6  
HETATM 943  C CG   . DAR A 1 3  ? 2.671  -4.974  4.850  1.00 0.00 ?  3  DAR A CG   6  
HETATM 944  C CD   . DAR A 1 3  ? 3.220  -5.859  5.971  1.00 0.00 ?  3  DAR A CD   6  
HETATM 945  N NE   . DAR A 1 3  ? 2.128  -6.553  6.647  1.00 0.00 ?  3  DAR A NE   6  
HETATM 946  C CZ   . DAR A 1 3  ? 2.349  -7.382  7.670  1.00 0.00 ?  3  DAR A CZ   6  
HETATM 947  N NH1  . DAR A 1 3  ? 1.341  -7.978  8.245  1.00 0.00 ?  3  DAR A NH1  6  
HETATM 948  N NH2  . DAR A 1 3  ? 3.564  -7.602  8.103  1.00 0.00 1  3  DAR A NH2  6  
HETATM 949  C C    . DAR A 1 3  ? 2.392  -2.321  3.633  1.00 0.00 ?  3  DAR A C    6  
HETATM 950  O O    . DAR A 1 3  ? 1.276  -2.086  3.169  1.00 0.00 ?  3  DAR A O    6  
HETATM 951  H H    . DAR A 1 3  ? 1.571  -4.014  1.929  1.00 0.00 ?  3  DAR A H    6  
HETATM 952  H HA   . DAR A 1 3  ? 4.109  -2.916  2.509  1.00 0.00 ?  3  DAR A HA   6  
HETATM 953  H HB2  . DAR A 1 3  ? 4.464  -5.063  3.672  1.00 0.00 ?  3  DAR A HB2  6  
HETATM 954  H HB3  . DAR A 1 3  ? 4.409  -3.719  4.811  1.00 0.00 ?  3  DAR A HB3  6  
HETATM 955  H HG2  . DAR A 1 3  ? 2.027  -4.217  5.271  1.00 0.00 ?  3  DAR A HG2  6  
HETATM 956  H HG3  . DAR A 1 3  ? 2.108  -5.582  4.159  1.00 0.00 ?  3  DAR A HG3  6  
HETATM 957  H HD2  . DAR A 1 3  ? 3.898  -6.588  5.552  1.00 0.00 ?  3  DAR A HD2  6  
HETATM 958  H HD3  . DAR A 1 3  ? 3.751  -5.244  6.683  1.00 0.00 ?  3  DAR A HD3  6  
HETATM 959  H HE   . DAR A 1 3  ? 1.208  -6.407  6.342  1.00 0.00 ?  3  DAR A HE   6  
HETATM 960  H HH11 . DAR A 1 3  ? 0.410  -7.815  7.918  1.00 0.00 ?  3  DAR A HH11 6  
HETATM 961  H HH12 . DAR A 1 3  ? 1.499  -8.600  9.011  1.00 0.00 ?  3  DAR A HH12 6  
HETATM 962  H HH21 . DAR A 1 3  ? 4.345  -7.151  7.674  1.00 0.00 ?  3  DAR A HH21 6  
HETATM 963  H HH22 . DAR A 1 3  ? 3.713  -8.225  8.872  1.00 0.00 ?  3  DAR A HH22 6  
ATOM   964  N N    . ARG A 1 4  ? 2.890  -1.669  4.682  1.00 0.00 ?  4  ARG A N    6  
ATOM   965  C CA   . ARG A 1 4  ? 2.121  -0.623  5.347  1.00 0.00 ?  4  ARG A CA   6  
ATOM   966  C C    . ARG A 1 4  ? 2.532  0.754   4.835  1.00 0.00 ?  4  ARG A C    6  
ATOM   967  O O    . ARG A 1 4  ? 3.428  1.392   5.388  1.00 0.00 ?  4  ARG A O    6  
ATOM   968  C CB   . ARG A 1 4  ? 2.339  -0.688  6.861  1.00 0.00 ?  4  ARG A CB   6  
ATOM   969  C CG   . ARG A 1 4  ? 1.837  -2.031  7.396  1.00 0.00 ?  4  ARG A CG   6  
ATOM   970  C CD   . ARG A 1 4  ? 2.241  -2.181  8.863  1.00 0.00 ?  4  ARG A CD   6  
ATOM   971  N NE   . ARG A 1 4  ? 3.694  -2.250  8.985  1.00 0.00 ?  4  ARG A NE   6  
ATOM   972  C CZ   . ARG A 1 4  ? 4.296  -2.303  10.176 1.00 0.00 ?  4  ARG A CZ   6  
ATOM   973  N NH1  . ARG A 1 4  ? 3.597  -2.295  11.281 1.00 0.00 1  4  ARG A NH1  6  
ATOM   974  N NH2  . ARG A 1 4  ? 5.600  -2.367  10.237 1.00 0.00 ?  4  ARG A NH2  6  
ATOM   975  H H    . ARG A 1 4  ? 3.785  -1.893  5.011  1.00 0.00 ?  4  ARG A H    6  
ATOM   976  H HA   . ARG A 1 4  ? 1.072  -0.774  5.141  1.00 0.00 ?  4  ARG A HA   6  
ATOM   977  H HB2  . ARG A 1 4  ? 3.393  -0.587  7.077  1.00 0.00 ?  4  ARG A HB2  6  
ATOM   978  H HB3  . ARG A 1 4  ? 1.795  0.113   7.339  1.00 0.00 ?  4  ARG A HB3  6  
ATOM   979  H HG2  . ARG A 1 4  ? 0.762  -2.072  7.310  1.00 0.00 ?  4  ARG A HG2  6  
ATOM   980  H HG3  . ARG A 1 4  ? 2.275  -2.833  6.820  1.00 0.00 ?  4  ARG A HG3  6  
ATOM   981  H HD2  . ARG A 1 4  ? 1.878  -1.333  9.422  1.00 0.00 ?  4  ARG A HD2  6  
ATOM   982  H HD3  . ARG A 1 4  ? 1.804  -3.085  9.263  1.00 0.00 ?  4  ARG A HD3  6  
ATOM   983  H HE   . ARG A 1 4  ? 4.242  -2.257  8.173  1.00 0.00 ?  4  ARG A HE   6  
ATOM   984  H HH11 . ARG A 1 4  ? 2.600  -2.248  11.250 1.00 0.00 ?  4  ARG A HH11 6  
ATOM   985  H HH12 . ARG A 1 4  ? 4.064  -2.336  12.165 1.00 0.00 ?  4  ARG A HH12 6  
ATOM   986  H HH21 . ARG A 1 4  ? 6.139  -2.374  9.394  1.00 0.00 ?  4  ARG A HH21 6  
ATOM   987  H HH22 . ARG A 1 4  ? 6.056  -2.408  11.126 1.00 0.00 ?  4  ARG A HH22 6  
ATOM   988  N N    . TYR A 1 5  ? 1.863  1.209   3.782  1.00 0.00 ?  5  TYR A N    6  
ATOM   989  C CA   . TYR A 1 5  ? 2.156  2.515   3.204  1.00 0.00 ?  5  TYR A CA   6  
ATOM   990  C C    . TYR A 1 5  ? 0.875  3.145   2.672  1.00 0.00 ?  5  TYR A C    6  
ATOM   991  O O    . TYR A 1 5  ? 0.661  3.216   1.462  1.00 0.00 ?  5  TYR A O    6  
ATOM   992  C CB   . TYR A 1 5  ? 3.171  2.372   2.068  1.00 0.00 ?  5  TYR A CB   6  
ATOM   993  C CG   . TYR A 1 5  ? 3.673  3.737   1.663  1.00 0.00 ?  5  TYR A CG   6  
ATOM   994  C CD1  . TYR A 1 5  ? 4.742  4.322   2.353  1.00 0.00 ?  5  TYR A CD1  6  
ATOM   995  C CD2  . TYR A 1 5  ? 3.072  4.417   0.597  1.00 0.00 ?  5  TYR A CD2  6  
ATOM   996  C CE1  . TYR A 1 5  ? 5.209  5.588   1.977  1.00 0.00 ?  5  TYR A CE1  6  
ATOM   997  C CE2  . TYR A 1 5  ? 3.539  5.683   0.221  1.00 0.00 ?  5  TYR A CE2  6  
ATOM   998  C CZ   . TYR A 1 5  ? 4.607  6.268   0.911  1.00 0.00 ?  5  TYR A CZ   6  
ATOM   999  O OH   . TYR A 1 5  ? 5.068  7.514   0.540  1.00 0.00 ?  5  TYR A OH   6  
ATOM   1000 H H    . TYR A 1 5  ? 1.153  0.659   3.388  1.00 0.00 ?  5  TYR A H    6  
ATOM   1001 H HA   . TYR A 1 5  ? 2.572  3.154   3.968  1.00 0.00 ?  5  TYR A HA   6  
ATOM   1002 H HB2  . TYR A 1 5  ? 4.001  1.767   2.401  1.00 0.00 ?  5  TYR A HB2  6  
ATOM   1003 H HB3  . TYR A 1 5  ? 2.699  1.898   1.221  1.00 0.00 ?  5  TYR A HB3  6  
ATOM   1004 H HD1  . TYR A 1 5  ? 5.207  3.797   3.175  1.00 0.00 ?  5  TYR A HD1  6  
ATOM   1005 H HD2  . TYR A 1 5  ? 2.247  3.966   0.065  1.00 0.00 ?  5  TYR A HD2  6  
ATOM   1006 H HE1  . TYR A 1 5  ? 6.033  6.039   2.509  1.00 0.00 ?  5  TYR A HE1  6  
ATOM   1007 H HE2  . TYR A 1 5  ? 3.075  6.207   -0.601 1.00 0.00 ?  5  TYR A HE2  6  
ATOM   1008 H HH   . TYR A 1 5  ? 5.068  8.074   1.319  1.00 0.00 ?  5  TYR A HH   6  
HETATM 1009 N N    . DPR A 1 6  ? 0.022  3.591   3.554  1.00 0.00 ?  6  DPR A N    6  
HETATM 1010 C CA   . DPR A 1 6  ? -1.273 4.219   3.173  1.00 0.00 ?  6  DPR A CA   6  
HETATM 1011 C CB   . DPR A 1 6  ? -2.071 4.221   4.477  1.00 0.00 ?  6  DPR A CB   6  
HETATM 1012 C CG   . DPR A 1 6  ? -1.051 4.226   5.568  1.00 0.00 ?  6  DPR A CG   6  
HETATM 1013 C CD   . DPR A 1 6  ? 0.201  3.543   5.012  1.00 0.00 ?  6  DPR A CD   6  
HETATM 1014 C C    . DPR A 1 6  ? -1.994 3.420   2.090  1.00 0.00 ?  6  DPR A C    6  
HETATM 1015 O O    . DPR A 1 6  ? -2.182 2.210   2.219  1.00 0.00 ?  6  DPR A O    6  
HETATM 1016 H HA   . DPR A 1 6  ? -1.115 5.235   2.844  1.00 0.00 ?  6  DPR A HA   6  
HETATM 1017 H HB2  . DPR A 1 6  ? -2.689 5.107   4.534  1.00 0.00 ?  6  DPR A HB2  6  
HETATM 1018 H HB3  . DPR A 1 6  ? -2.679 3.333   4.545  1.00 0.00 ?  6  DPR A HB3  6  
HETATM 1019 H HG2  . DPR A 1 6  ? -0.824 5.244   5.855  1.00 0.00 ?  6  DPR A HG2  6  
HETATM 1020 H HG3  . DPR A 1 6  ? -1.417 3.674   6.419  1.00 0.00 ?  6  DPR A HG3  6  
HETATM 1021 H HD2  . DPR A 1 6  ? 1.089  4.086   5.306  1.00 0.00 ?  6  DPR A HD2  6  
HETATM 1022 H HD3  . DPR A 1 6  ? 0.254  2.518   5.348  1.00 0.00 ?  6  DPR A HD3  6  
ATOM   1023 N N    . ASP A 1 7  ? -2.392 4.103   1.023  1.00 0.00 ?  7  ASP A N    6  
ATOM   1024 C CA   . ASP A 1 7  ? -3.089 3.445   -0.078 1.00 0.00 ?  7  ASP A CA   6  
ATOM   1025 C C    . ASP A 1 7  ? -2.708 4.093   -1.406 1.00 0.00 ?  7  ASP A C    6  
ATOM   1026 O O    . ASP A 1 7  ? -3.179 5.182   -1.733 1.00 0.00 ?  7  ASP A O    6  
ATOM   1027 C CB   . ASP A 1 7  ? -4.602 3.546   0.129  1.00 0.00 ?  7  ASP A CB   6  
ATOM   1028 C CG   . ASP A 1 7  ? -5.339 2.776   -0.964 1.00 0.00 ?  7  ASP A CG   6  
ATOM   1029 O OD1  . ASP A 1 7  ? -6.555 2.709   -0.894 1.00 0.00 ?  7  ASP A OD1  6  
ATOM   1030 O OD2  . ASP A 1 7  ? -4.680 2.261   -1.851 1.00 0.00 -1 7  ASP A OD2  6  
ATOM   1031 H H    . ASP A 1 7  ? -2.213 5.065   0.974  1.00 0.00 ?  7  ASP A H    6  
ATOM   1032 H HA   . ASP A 1 7  ? -2.806 2.403   -0.099 1.00 0.00 ?  7  ASP A HA   6  
ATOM   1033 H HB2  . ASP A 1 7  ? -4.860 3.130   1.092  1.00 0.00 ?  7  ASP A HB2  6  
ATOM   1034 H HB3  . ASP A 1 7  ? -4.899 4.583   0.097  1.00 0.00 ?  7  ASP A HB3  6  
ATOM   1035 N N    . THR A 1 8  ? -1.855 3.416   -2.171 1.00 0.00 ?  8  THR A N    6  
ATOM   1036 C CA   . THR A 1 8  ? -1.426 3.945   -3.461 1.00 0.00 ?  8  THR A CA   6  
ATOM   1037 C C    . THR A 1 8  ? -1.489 2.863   -4.537 1.00 0.00 ?  8  THR A C    6  
ATOM   1038 O O    . THR A 1 8  ? -0.485 2.549   -5.177 1.00 0.00 ?  8  THR A O    6  
ATOM   1039 C CB   . THR A 1 8  ? 0.002  4.492   -3.355 1.00 0.00 ?  8  THR A CB   6  
ATOM   1040 O OG1  . THR A 1 8  ? 0.479  4.825   -4.654 1.00 0.00 ?  8  THR A OG1  6  
ATOM   1041 C CG2  . THR A 1 8  ? 0.912  3.437   -2.724 1.00 0.00 ?  8  THR A CG2  6  
ATOM   1042 H H    . THR A 1 8  ? -1.510 2.553   -1.864 1.00 0.00 ?  8  THR A H    6  
ATOM   1043 H HA   . THR A 1 8  ? -2.085 4.752   -3.742 1.00 0.00 ?  8  THR A HA   6  
ATOM   1044 H HB   . THR A 1 8  ? 0.001  5.375   -2.737 1.00 0.00 ?  8  THR A HB   6  
ATOM   1045 H HG1  . THR A 1 8  ? 0.703  4.009   -5.108 1.00 0.00 ?  8  THR A HG1  6  
ATOM   1046 H HG21 . THR A 1 8  ? 0.921  2.552   -3.342 1.00 0.00 ?  8  THR A HG21 6  
ATOM   1047 H HG22 . THR A 1 8  ? 0.545  3.186   -1.741 1.00 0.00 ?  8  THR A HG22 6  
ATOM   1048 H HG23 . THR A 1 8  ? 1.914  3.829   -2.644 1.00 0.00 ?  8  THR A HG23 6  
ATOM   1049 N N    . MET A 1 9  ? -2.678 2.308   -4.740 1.00 0.00 ?  9  MET A N    6  
ATOM   1050 C CA   . MET A 1 9  ? -2.868 1.271   -5.750 1.00 0.00 ?  9  MET A CA   6  
ATOM   1051 C C    . MET A 1 9  ? -1.814 0.175   -5.619 1.00 0.00 ?  9  MET A C    6  
ATOM   1052 O O    . MET A 1 9  ? -1.226 -0.251  -6.613 1.00 0.00 ?  9  MET A O    6  
ATOM   1053 C CB   . MET A 1 9  ? -2.783 1.889   -7.147 1.00 0.00 ?  9  MET A CB   6  
ATOM   1054 C CG   . MET A 1 9  ? -3.801 3.026   -7.270 1.00 0.00 ?  9  MET A CG   6  
ATOM   1055 S SD   . MET A 1 9  ? -5.474 2.366   -7.069 1.00 0.00 ?  9  MET A SD   6  
ATOM   1056 C CE   . MET A 1 9  ? -6.351 3.948   -7.148 1.00 0.00 ?  9  MET A CE   6  
ATOM   1057 H H    . MET A 1 9  ? -3.444 2.604   -4.205 1.00 0.00 ?  9  MET A H    6  
ATOM   1058 H HA   . MET A 1 9  ? -3.845 0.833   -5.622 1.00 0.00 ?  9  MET A HA   6  
ATOM   1059 H HB2  . MET A 1 9  ? -1.788 2.277   -7.307 1.00 0.00 ?  9  MET A HB2  6  
ATOM   1060 H HB3  . MET A 1 9  ? -2.997 1.135   -7.887 1.00 0.00 ?  9  MET A HB3  6  
ATOM   1061 H HG2  . MET A 1 9  ? -3.610 3.763   -6.505 1.00 0.00 ?  9  MET A HG2  6  
ATOM   1062 H HG3  . MET A 1 9  ? -3.709 3.485   -8.243 1.00 0.00 ?  9  MET A HG3  6  
ATOM   1063 H HE1  . MET A 1 9  ? -6.093 4.544   -6.284 1.00 0.00 ?  9  MET A HE1  6  
ATOM   1064 H HE2  . MET A 1 9  ? -7.415 3.771   -7.156 1.00 0.00 ?  9  MET A HE2  6  
ATOM   1065 H HE3  . MET A 1 9  ? -6.068 4.471   -8.052 1.00 0.00 ?  9  MET A HE3  6  
ATOM   1066 N N    . TYR A 1 10 ? -1.577 -0.282  -4.393 1.00 0.00 ?  10 TYR A N    6  
ATOM   1067 C CA   . TYR A 1 10 ? -0.590 -1.331  -4.166 1.00 0.00 ?  10 TYR A CA   6  
ATOM   1068 C C    . TYR A 1 10 ? -0.950 -2.150  -2.929 1.00 0.00 ?  10 TYR A C    6  
ATOM   1069 O O    . TYR A 1 10 ? -1.812 -1.758  -2.143 1.00 0.00 ?  10 TYR A O    6  
ATOM   1070 C CB   . TYR A 1 10 ? 0.797  -0.714  -3.984 1.00 0.00 ?  10 TYR A CB   6  
ATOM   1071 C CG   . TYR A 1 10 ? 1.099  -0.585  -2.511 1.00 0.00 ?  10 TYR A CG   6  
ATOM   1072 C CD1  . TYR A 1 10 ? 1.932  -1.521  -1.885 1.00 0.00 ?  10 TYR A CD1  6  
ATOM   1073 C CD2  . TYR A 1 10 ? 0.542  0.463   -1.770 1.00 0.00 ?  10 TYR A CD2  6  
ATOM   1074 C CE1  . TYR A 1 10 ? 2.208  -1.408  -0.519 1.00 0.00 ?  10 TYR A CE1  6  
ATOM   1075 C CE2  . TYR A 1 10 ? 0.820  0.578   -0.403 1.00 0.00 ?  10 TYR A CE2  6  
ATOM   1076 C CZ   . TYR A 1 10 ? 1.652  -0.358  0.224  1.00 0.00 ?  10 TYR A CZ   6  
ATOM   1077 O OH   . TYR A 1 10 ? 1.925  -0.248  1.571  1.00 0.00 ?  10 TYR A OH   6  
ATOM   1078 H H    . TYR A 1 10 ? -2.074 0.089   -3.635 1.00 0.00 ?  10 TYR A H    6  
ATOM   1079 H HA   . TYR A 1 10 ? -0.570 -1.985  -5.025 1.00 0.00 ?  10 TYR A HA   6  
ATOM   1080 H HB2  . TYR A 1 10 ? 1.537  -1.347  -4.451 1.00 0.00 ?  10 TYR A HB2  6  
ATOM   1081 H HB3  . TYR A 1 10 ? 0.818  0.265   -4.440 1.00 0.00 ?  10 TYR A HB3  6  
ATOM   1082 H HD1  . TYR A 1 10 ? 2.361  -2.331  -2.457 1.00 0.00 ?  10 TYR A HD1  6  
ATOM   1083 H HD2  . TYR A 1 10 ? -0.099 1.185   -2.254 1.00 0.00 ?  10 TYR A HD2  6  
ATOM   1084 H HE1  . TYR A 1 10 ? 2.850  -2.129  -0.034 1.00 0.00 ?  10 TYR A HE1  6  
ATOM   1085 H HE2  . TYR A 1 10 ? 0.391  1.387   0.169  1.00 0.00 ?  10 TYR A HE2  6  
ATOM   1086 H HH   . TYR A 1 10 ? 2.877  -0.270  1.683  1.00 0.00 ?  10 TYR A HH   6  
ATOM   1087 N N    . LEU A 1 1  ? -0.916 -3.435  -1.212 1.00 0.00 ?  1  LEU A N    7  
ATOM   1088 C CA   . LEU A 1 1  ? -0.456 -4.796  -1.471 1.00 0.00 ?  1  LEU A CA   7  
ATOM   1089 C C    . LEU A 1 1  ? 1.043  -4.922  -1.203 1.00 0.00 ?  1  LEU A C    7  
ATOM   1090 O O    . LEU A 1 1  ? 1.857  -4.271  -1.857 1.00 0.00 ?  1  LEU A O    7  
ATOM   1091 C CB   . LEU A 1 1  ? -0.754 -5.175  -2.927 1.00 0.00 ?  1  LEU A CB   7  
ATOM   1092 C CG   . LEU A 1 1  ? -0.234 -6.586  -3.222 1.00 0.00 ?  1  LEU A CG   7  
ATOM   1093 C CD1  . LEU A 1 1  ? -0.941 -7.600  -2.320 1.00 0.00 ?  1  LEU A CD1  7  
ATOM   1094 C CD2  . LEU A 1 1  ? -0.517 -6.931  -4.686 1.00 0.00 ?  1  LEU A CD2  7  
ATOM   1095 H H1   . LEU A 1 1  ? -0.265 -2.739  -0.987 1.00 0.00 ?  1  LEU A H1   7  
ATOM   1096 H HA   . LEU A 1 1  ? -0.986 -5.471  -0.818 1.00 0.00 ?  1  LEU A HA   7  
ATOM   1097 H HB2  . LEU A 1 1  ? -1.822 -5.145  -3.092 1.00 0.00 ?  1  LEU A HB2  7  
ATOM   1098 H HB3  . LEU A 1 1  ? -0.270 -4.471  -3.586 1.00 0.00 ?  1  LEU A HB3  7  
ATOM   1099 H HG   . LEU A 1 1  ? 0.830  -6.626  -3.042 1.00 0.00 ?  1  LEU A HG   7  
ATOM   1100 H HD11 . LEU A 1 1  ? -2.007 -7.427  -2.351 1.00 0.00 ?  1  LEU A HD11 7  
ATOM   1101 H HD12 . LEU A 1 1  ? -0.587 -7.487  -1.306 1.00 0.00 ?  1  LEU A HD12 7  
ATOM   1102 H HD13 . LEU A 1 1  ? -0.728 -8.601  -2.666 1.00 0.00 ?  1  LEU A HD13 7  
ATOM   1103 H HD21 . LEU A 1 1  ? -0.127 -7.914  -4.906 1.00 0.00 ?  1  LEU A HD21 7  
ATOM   1104 H HD22 . LEU A 1 1  ? -0.038 -6.204  -5.326 1.00 0.00 ?  1  LEU A HD22 7  
ATOM   1105 H HD23 . LEU A 1 1  ? -1.581 -6.920  -4.860 1.00 0.00 ?  1  LEU A HD23 7  
HETATM 1106 N N    . DGL A 1 2  ? 1.393  -5.771  -0.239 1.00 0.00 ?  2  DGL A N    7  
HETATM 1107 C CA   . DGL A 1 2  ? 2.794  -5.992  0.111  1.00 0.00 ?  2  DGL A CA   7  
HETATM 1108 C C    . DGL A 1 2  ? 3.535  -4.666  0.266  1.00 0.00 ?  2  DGL A C    7  
HETATM 1109 O O    . DGL A 1 2  ? 4.678  -4.532  -0.171 1.00 0.00 ?  2  DGL A O    7  
HETATM 1110 C CB   . DGL A 1 2  ? 2.883  -6.782  1.418  1.00 0.00 ?  2  DGL A CB   7  
HETATM 1111 C CG   . DGL A 1 2  ? 4.156  -7.631  1.416  1.00 0.00 ?  2  DGL A CG   7  
HETATM 1112 C CD   . DGL A 1 2  ? 3.933  -8.910  0.616  1.00 0.00 ?  2  DGL A CD   7  
HETATM 1113 O OE1  . DGL A 1 2  ? 2.812  -9.393  0.610  1.00 0.00 ?  2  DGL A OE1  7  
HETATM 1114 O OE2  . DGL A 1 2  ? 4.886  -9.389  0.023  1.00 0.00 -1 2  DGL A OE2  7  
HETATM 1115 H H    . DGL A 1 2  ? 0.694  -6.264  0.241  1.00 0.00 ?  2  DGL A H    7  
HETATM 1116 H HA   . DGL A 1 2  ? 3.264  -6.564  -0.674 1.00 0.00 ?  2  DGL A HA   7  
HETATM 1117 H HB2  . DGL A 1 2  ? 2.909  -6.094  2.253  1.00 0.00 ?  2  DGL A HB2  7  
HETATM 1118 H HB3  . DGL A 1 2  ? 2.022  -7.426  1.509  1.00 0.00 ?  2  DGL A HB3  7  
HETATM 1119 H HG2  . DGL A 1 2  ? 4.962  -7.066  0.969  1.00 0.00 ?  2  DGL A HG2  7  
HETATM 1120 H HG3  . DGL A 1 2  ? 4.419  -7.885  2.431  1.00 0.00 ?  2  DGL A HG3  7  
HETATM 1121 N N    . DAR A 1 3  ? 2.880  -3.694  0.891  1.00 0.00 ?  3  DAR A N    7  
HETATM 1122 C CA   . DAR A 1 3  ? 3.493  -2.387  1.097  1.00 0.00 ?  3  DAR A CA   7  
HETATM 1123 C CB   . DAR A 1 3  ? 4.738  -2.527  1.977  1.00 0.00 ?  3  DAR A CB   7  
HETATM 1124 C CG   . DAR A 1 3  ? 5.767  -1.467  1.578  1.00 0.00 ?  3  DAR A CG   7  
HETATM 1125 C CD   . DAR A 1 3  ? 6.720  -2.047  0.533  1.00 0.00 ?  3  DAR A CD   7  
HETATM 1126 N NE   . DAR A 1 3  ? 7.810  -1.112  0.267  1.00 0.00 ?  3  DAR A NE   7  
HETATM 1127 C CZ   . DAR A 1 3  ? 8.768  -1.385  -0.620 1.00 0.00 ?  3  DAR A CZ   7  
HETATM 1128 N NH1  . DAR A 1 3  ? 9.722  -0.518  -0.823 1.00 0.00 ?  3  DAR A NH1  7  
HETATM 1129 N NH2  . DAR A 1 3  ? 8.765  -2.511  -1.287 1.00 0.00 1  3  DAR A NH2  7  
HETATM 1130 C C    . DAR A 1 3  ? 2.508  -1.432  1.759  1.00 0.00 ?  3  DAR A C    7  
HETATM 1131 O O    . DAR A 1 3  ? 2.850  -0.739  2.718  1.00 0.00 ?  3  DAR A O    7  
HETATM 1132 H H    . DAR A 1 3  ? 1.972  -3.857  1.220  1.00 0.00 ?  3  DAR A H    7  
HETATM 1133 H HA   . DAR A 1 3  ? 3.787  -1.983  0.141  1.00 0.00 ?  3  DAR A HA   7  
HETATM 1134 H HB2  . DAR A 1 3  ? 4.463  -2.392  3.012  1.00 0.00 ?  3  DAR A HB2  7  
HETATM 1135 H HB3  . DAR A 1 3  ? 5.166  -3.509  1.843  1.00 0.00 ?  3  DAR A HB3  7  
HETATM 1136 H HG2  . DAR A 1 3  ? 5.258  -0.609  1.166  1.00 0.00 ?  3  DAR A HG2  7  
HETATM 1137 H HG3  . DAR A 1 3  ? 6.331  -1.168  2.449  1.00 0.00 ?  3  DAR A HG3  7  
HETATM 1138 H HD2  . DAR A 1 3  ? 7.130  -2.977  0.898  1.00 0.00 ?  3  DAR A HD2  7  
HETATM 1139 H HD3  . DAR A 1 3  ? 6.175  -2.235  -0.382 1.00 0.00 ?  3  DAR A HD3  7  
HETATM 1140 H HE   . DAR A 1 3  ? 7.836  -0.261  0.753  1.00 0.00 ?  3  DAR A HE   7  
HETATM 1141 H HH11 . DAR A 1 3  ? 9.731  0.343   -0.318 1.00 0.00 ?  3  DAR A HH11 7  
HETATM 1142 H HH12 . DAR A 1 3  ? 10.444 -0.716  -1.487 1.00 0.00 ?  3  DAR A HH12 7  
HETATM 1143 H HH21 . DAR A 1 3  ? 8.040  -3.184  -1.140 1.00 0.00 ?  3  DAR A HH21 7  
HETATM 1144 H HH22 . DAR A 1 3  ? 9.491  -2.701  -1.948 1.00 0.00 ?  3  DAR A HH22 7  
ATOM   1145 N N    . ARG A 1 4  ? 1.284  -1.400  1.238  1.00 0.00 ?  4  ARG A N    7  
ATOM   1146 C CA   . ARG A 1 4  ? 0.246  -0.527  1.777  1.00 0.00 ?  4  ARG A CA   7  
ATOM   1147 C C    . ARG A 1 4  ? 0.619  0.942   1.571  1.00 0.00 ?  4  ARG A C    7  
ATOM   1148 O O    . ARG A 1 4  ? 0.166  1.572   0.616  1.00 0.00 ?  4  ARG A O    7  
ATOM   1149 C CB   . ARG A 1 4  ? 0.028  -0.815  3.269  1.00 0.00 ?  4  ARG A CB   7  
ATOM   1150 C CG   . ARG A 1 4  ? -1.289 -1.571  3.452  1.00 0.00 ?  4  ARG A CG   7  
ATOM   1151 C CD   . ARG A 1 4  ? -1.137 -2.998  2.925  1.00 0.00 ?  4  ARG A CD   7  
ATOM   1152 N NE   . ARG A 1 4  ? -0.244 -3.763  3.791  1.00 0.00 ?  4  ARG A NE   7  
ATOM   1153 C CZ   . ARG A 1 4  ? 0.149  -4.999  3.477  1.00 0.00 ?  4  ARG A CZ   7  
ATOM   1154 N NH1  . ARG A 1 4  ? -0.255 -5.570  2.370  1.00 0.00 1  4  ARG A NH1  7  
ATOM   1155 N NH2  . ARG A 1 4  ? 0.948  -5.645  4.283  1.00 0.00 ?  4  ARG A NH2  7  
ATOM   1156 H H    . ARG A 1 4  ? 1.075  -1.977  0.474  1.00 0.00 ?  4  ARG A H    7  
ATOM   1157 H HA   . ARG A 1 4  ? -0.676 -0.724  1.251  1.00 0.00 ?  4  ARG A HA   7  
ATOM   1158 H HB2  . ARG A 1 4  ? 0.842  -1.415  3.646  1.00 0.00 ?  4  ARG A HB2  7  
ATOM   1159 H HB3  . ARG A 1 4  ? -0.017 0.115   3.815  1.00 0.00 ?  4  ARG A HB3  7  
ATOM   1160 H HG2  . ARG A 1 4  ? -1.545 -1.597  4.501  1.00 0.00 ?  4  ARG A HG2  7  
ATOM   1161 H HG3  . ARG A 1 4  ? -2.072 -1.067  2.903  1.00 0.00 ?  4  ARG A HG3  7  
ATOM   1162 H HD2  . ARG A 1 4  ? -2.105 -3.475  2.902  1.00 0.00 ?  4  ARG A HD2  7  
ATOM   1163 H HD3  . ARG A 1 4  ? -0.729 -2.968  1.925  1.00 0.00 ?  4  ARG A HD3  7  
ATOM   1164 H HE   . ARG A 1 4  ? 0.073  -3.358  4.625  1.00 0.00 ?  4  ARG A HE   7  
ATOM   1165 H HH11 . ARG A 1 4  ? -0.866 -5.086  1.744  1.00 0.00 ?  4  ARG A HH11 7  
ATOM   1166 H HH12 . ARG A 1 4  ? 0.050  -6.497  2.151  1.00 0.00 ?  4  ARG A HH12 7  
ATOM   1167 H HH21 . ARG A 1 4  ? 1.259  -5.214  5.129  1.00 0.00 ?  4  ARG A HH21 7  
ATOM   1168 H HH22 . ARG A 1 4  ? 1.246  -6.571  4.053  1.00 0.00 ?  4  ARG A HH22 7  
ATOM   1169 N N    . TYR A 1 5  ? 1.448  1.480   2.465  1.00 0.00 ?  5  TYR A N    7  
ATOM   1170 C CA   . TYR A 1 5  ? 1.873  2.873   2.361  1.00 0.00 ?  5  TYR A CA   7  
ATOM   1171 C C    . TYR A 1 5  ? 0.669  3.783   2.134  1.00 0.00 ?  5  TYR A C    7  
ATOM   1172 O O    . TYR A 1 5  ? 0.519  4.375   1.066  1.00 0.00 ?  5  TYR A O    7  
ATOM   1173 C CB   . TYR A 1 5  ? 2.863  3.035   1.206  1.00 0.00 ?  5  TYR A CB   7  
ATOM   1174 C CG   . TYR A 1 5  ? 3.582  4.355   1.341  1.00 0.00 ?  5  TYR A CG   7  
ATOM   1175 C CD1  . TYR A 1 5  ? 4.738  4.445   2.125  1.00 0.00 ?  5  TYR A CD1  7  
ATOM   1176 C CD2  . TYR A 1 5  ? 3.094  5.489   0.681  1.00 0.00 ?  5  TYR A CD2  7  
ATOM   1177 C CE1  . TYR A 1 5  ? 5.405  5.670   2.250  1.00 0.00 ?  5  TYR A CE1  7  
ATOM   1178 C CE2  . TYR A 1 5  ? 3.762  6.714   0.806  1.00 0.00 ?  5  TYR A CE2  7  
ATOM   1179 C CZ   . TYR A 1 5  ? 4.917  6.803   1.591  1.00 0.00 ?  5  TYR A CZ   7  
ATOM   1180 O OH   . TYR A 1 5  ? 5.576  8.010   1.715  1.00 0.00 ?  5  TYR A OH   7  
ATOM   1181 H H    . TYR A 1 5  ? 1.781  0.929   3.204  1.00 0.00 ?  5  TYR A H    7  
ATOM   1182 H HA   . TYR A 1 5  ? 2.360  3.160   3.280  1.00 0.00 ?  5  TYR A HA   7  
ATOM   1183 H HB2  . TYR A 1 5  ? 3.581  2.228   1.234  1.00 0.00 ?  5  TYR A HB2  7  
ATOM   1184 H HB3  . TYR A 1 5  ? 2.329  3.010   0.267  1.00 0.00 ?  5  TYR A HB3  7  
ATOM   1185 H HD1  . TYR A 1 5  ? 5.115  3.569   2.635  1.00 0.00 ?  5  TYR A HD1  7  
ATOM   1186 H HD2  . TYR A 1 5  ? 2.203  5.421   0.076  1.00 0.00 ?  5  TYR A HD2  7  
ATOM   1187 H HE1  . TYR A 1 5  ? 6.299  5.739   2.856  1.00 0.00 ?  5  TYR A HE1  7  
ATOM   1188 H HE2  . TYR A 1 5  ? 3.386  7.588   0.297  1.00 0.00 ?  5  TYR A HE2  7  
ATOM   1189 H HH   . TYR A 1 5  ? 5.117  8.531   2.378  1.00 0.00 ?  5  TYR A HH   7  
HETATM 1190 N N    . DPR A 1 6  ? -0.188 3.893   3.113  1.00 0.00 ?  6  DPR A N    7  
HETATM 1191 C CA   . DPR A 1 6  ? -1.410 4.737   3.019  1.00 0.00 ?  6  DPR A CA   7  
HETATM 1192 C CB   . DPR A 1 6  ? -1.906 4.824   4.463  1.00 0.00 ?  6  DPR A CB   7  
HETATM 1193 C CG   . DPR A 1 6  ? -1.371 3.608   5.144  1.00 0.00 ?  6  DPR A CG   7  
HETATM 1194 C CD   . DPR A 1 6  ? -0.080 3.223   4.418  1.00 0.00 ?  6  DPR A CD   7  
HETATM 1195 C C    . DPR A 1 6  ? -2.465 4.105   2.114  1.00 0.00 ?  6  DPR A C    7  
HETATM 1196 O O    . DPR A 1 6  ? -3.313 3.341   2.575  1.00 0.00 ?  6  DPR A O    7  
HETATM 1197 H HA   . DPR A 1 6  ? -1.158 5.723   2.664  1.00 0.00 ?  6  DPR A HA   7  
HETATM 1198 H HB2  . DPR A 1 6  ? -1.524 5.720   4.935  1.00 0.00 ?  6  DPR A HB2  7  
HETATM 1199 H HB3  . DPR A 1 6  ? -2.985 4.817   4.490  1.00 0.00 ?  6  DPR A HB3  7  
HETATM 1200 H HG2  . DPR A 1 6  ? -1.163 3.828   6.183  1.00 0.00 ?  6  DPR A HG2  7  
HETATM 1201 H HG3  . DPR A 1 6  ? -2.082 2.799   5.072  1.00 0.00 ?  6  DPR A HG3  7  
HETATM 1202 H HD2  . DPR A 1 6  ? 0.780  3.586   4.964  1.00 0.00 ?  6  DPR A HD2  7  
HETATM 1203 H HD3  . DPR A 1 6  ? -0.025 2.155   4.287  1.00 0.00 ?  6  DPR A HD3  7  
ATOM   1204 N N    . ASP A 1 7  ? -2.402 4.423   0.826  1.00 0.00 ?  7  ASP A N    7  
ATOM   1205 C CA   . ASP A 1 7  ? -3.352 3.873   -0.133 1.00 0.00 ?  7  ASP A CA   7  
ATOM   1206 C C    . ASP A 1 7  ? -2.796 3.953   -1.551 1.00 0.00 ?  7  ASP A C    7  
ATOM   1207 O O    . ASP A 1 7  ? -3.531 4.230   -2.499 1.00 0.00 ?  7  ASP A O    7  
ATOM   1208 C CB   . ASP A 1 7  ? -4.673 4.642   -0.056 1.00 0.00 ?  7  ASP A CB   7  
ATOM   1209 C CG   . ASP A 1 7  ? -5.790 3.830   -0.703 1.00 0.00 ?  7  ASP A CG   7  
ATOM   1210 O OD1  . ASP A 1 7  ? -6.835 4.401   -0.966 1.00 0.00 ?  7  ASP A OD1  7  
ATOM   1211 O OD2  . ASP A 1 7  ? -5.586 2.648   -0.928 1.00 0.00 -1 7  ASP A OD2  7  
ATOM   1212 H H    . ASP A 1 7  ? -1.701 5.033   0.515  1.00 0.00 ?  7  ASP A H    7  
ATOM   1213 H HA   . ASP A 1 7  ? -3.538 2.839   0.114  1.00 0.00 ?  7  ASP A HA   7  
ATOM   1214 H HB2  . ASP A 1 7  ? -4.919 4.827   0.979  1.00 0.00 ?  7  ASP A HB2  7  
ATOM   1215 H HB3  . ASP A 1 7  ? -4.570 5.583   -0.575 1.00 0.00 ?  7  ASP A HB3  7  
ATOM   1216 N N    . THR A 1 8  ? -1.495 3.712   -1.690 1.00 0.00 ?  8  THR A N    7  
ATOM   1217 C CA   . THR A 1 8  ? -0.861 3.762   -3.004 1.00 0.00 ?  8  THR A CA   7  
ATOM   1218 C C    . THR A 1 8  ? -0.380 2.378   -3.432 1.00 0.00 ?  8  THR A C    7  
ATOM   1219 O O    . THR A 1 8  ? -0.180 2.123   -4.620 1.00 0.00 ?  8  THR A O    7  
ATOM   1220 C CB   . THR A 1 8  ? 0.327  4.727   -2.971 1.00 0.00 ?  8  THR A CB   7  
ATOM   1221 O OG1  . THR A 1 8  ? 1.279  4.270   -2.020 1.00 0.00 ?  8  THR A OG1  7  
ATOM   1222 C CG2  . THR A 1 8  ? -0.158 6.124   -2.581 1.00 0.00 ?  8  THR A CG2  7  
ATOM   1223 H H    . THR A 1 8  ? -0.957 3.496   -0.902 1.00 0.00 ?  8  THR A H    7  
ATOM   1224 H HA   . THR A 1 8  ? -1.578 4.122   -3.726 1.00 0.00 ?  8  THR A HA   7  
ATOM   1225 H HB   . THR A 1 8  ? 0.785  4.768   -3.947 1.00 0.00 ?  8  THR A HB   7  
ATOM   1226 H HG1  . THR A 1 8  ? 1.896  3.690   -2.473 1.00 0.00 ?  8  THR A HG1  7  
ATOM   1227 H HG21 . THR A 1 8  ? -0.545 6.103   -1.573 1.00 0.00 ?  8  THR A HG21 7  
ATOM   1228 H HG22 . THR A 1 8  ? -0.937 6.437   -3.260 1.00 0.00 ?  8  THR A HG22 7  
ATOM   1229 H HG23 . THR A 1 8  ? 0.667  6.818   -2.635 1.00 0.00 ?  8  THR A HG23 7  
ATOM   1230 N N    . MET A 1 9  ? -0.198 1.484   -2.464 1.00 0.00 ?  9  MET A N    7  
ATOM   1231 C CA   . MET A 1 9  ? 0.256  0.132   -2.766 1.00 0.00 ?  9  MET A CA   7  
ATOM   1232 C C    . MET A 1 9  ? -0.862 -0.876  -2.518 1.00 0.00 ?  9  MET A C    7  
ATOM   1233 O O    . MET A 1 9  ? -1.147 -1.723  -3.367 1.00 0.00 ?  9  MET A O    7  
ATOM   1234 C CB   . MET A 1 9  ? 1.463  -0.222  -1.896 1.00 0.00 ?  9  MET A CB   7  
ATOM   1235 C CG   . MET A 1 9  ? 2.612  0.740   -2.204 1.00 0.00 ?  9  MET A CG   7  
ATOM   1236 S SD   . MET A 1 9  ? 4.017  0.363   -1.127 1.00 0.00 ?  9  MET A SD   7  
ATOM   1237 C CE   . MET A 1 9  ? 5.079  1.730   -1.655 1.00 0.00 ?  9  MET A CE   7  
ATOM   1238 H H    . MET A 1 9  ? -0.374 1.736   -1.533 1.00 0.00 ?  9  MET A H    7  
ATOM   1239 H HA   . MET A 1 9  ? 0.548  0.082   -3.804 1.00 0.00 ?  9  MET A HA   7  
ATOM   1240 H HB2  . MET A 1 9  ? 1.190  -0.136  -0.854 1.00 0.00 ?  9  MET A HB2  7  
ATOM   1241 H HB3  . MET A 1 9  ? 1.776  -1.233  -2.106 1.00 0.00 ?  9  MET A HB3  7  
ATOM   1242 H HG2  . MET A 1 9  ? 2.909  0.627   -3.236 1.00 0.00 ?  9  MET A HG2  7  
ATOM   1243 H HG3  . MET A 1 9  ? 2.288  1.756   -2.032 1.00 0.00 ?  9  MET A HG3  7  
ATOM   1244 H HE1  . MET A 1 9  ? 5.430  1.546   -2.660 1.00 0.00 ?  9  MET A HE1  7  
ATOM   1245 H HE2  . MET A 1 9  ? 5.925  1.809   -0.991 1.00 0.00 ?  9  MET A HE2  7  
ATOM   1246 H HE3  . MET A 1 9  ? 4.517  2.653   -1.627 1.00 0.00 ?  9  MET A HE3  7  
ATOM   1247 N N    . TYR A 1 10 ? -1.490 -0.774  -1.351 1.00 0.00 ?  10 TYR A N    7  
ATOM   1248 C CA   . TYR A 1 10 ? -2.581 -1.675  -0.991 1.00 0.00 ?  10 TYR A CA   7  
ATOM   1249 C C    . TYR A 1 10 ? -2.210 -3.129  -1.279 1.00 0.00 ?  10 TYR A C    7  
ATOM   1250 O O    . TYR A 1 10 ? -3.078 -3.956  -1.557 1.00 0.00 ?  10 TYR A O    7  
ATOM   1251 C CB   . TYR A 1 10 ? -3.842 -1.300  -1.772 1.00 0.00 ?  10 TYR A CB   7  
ATOM   1252 C CG   . TYR A 1 10 ? -4.979 -1.067  -0.806 1.00 0.00 ?  10 TYR A CG   7  
ATOM   1253 C CD1  . TYR A 1 10 ? -4.905 -0.019  0.119  1.00 0.00 ?  10 TYR A CD1  7  
ATOM   1254 C CD2  . TYR A 1 10 ? -6.106 -1.897  -0.837 1.00 0.00 ?  10 TYR A CD2  7  
ATOM   1255 C CE1  . TYR A 1 10 ? -5.959 0.199   1.014  1.00 0.00 ?  10 TYR A CE1  7  
ATOM   1256 C CE2  . TYR A 1 10 ? -7.159 -1.680  0.060  1.00 0.00 ?  10 TYR A CE2  7  
ATOM   1257 C CZ   . TYR A 1 10 ? -7.086 -0.632  0.985  1.00 0.00 ?  10 TYR A CZ   7  
ATOM   1258 O OH   . TYR A 1 10 ? -8.125 -0.417  1.868  1.00 0.00 ?  10 TYR A OH   7  
ATOM   1259 H H    . TYR A 1 10 ? -1.216 -0.077  -0.720 1.00 0.00 ?  10 TYR A H    7  
ATOM   1260 H HA   . TYR A 1 10 ? -2.784 -1.571  0.064  1.00 0.00 ?  10 TYR A HA   7  
ATOM   1261 H HB2  . TYR A 1 10 ? -3.659 -0.397  -2.337 1.00 0.00 ?  10 TYR A HB2  7  
ATOM   1262 H HB3  . TYR A 1 10 ? -4.102 -2.101  -2.446 1.00 0.00 ?  10 TYR A HB3  7  
ATOM   1263 H HD1  . TYR A 1 10 ? -4.036 0.622   0.143  1.00 0.00 ?  10 TYR A HD1  7  
ATOM   1264 H HD2  . TYR A 1 10 ? -6.162 -2.705  -1.551 1.00 0.00 ?  10 TYR A HD2  7  
ATOM   1265 H HE1  . TYR A 1 10 ? -5.902 1.007   1.730  1.00 0.00 ?  10 TYR A HE1  7  
ATOM   1266 H HE2  . TYR A 1 10 ? -8.029 -2.320  0.036  1.00 0.00 ?  10 TYR A HE2  7  
ATOM   1267 H HH   . TYR A 1 10 ? -8.039 -1.050  2.585  1.00 0.00 ?  10 TYR A HH   7  
ATOM   1268 N N    . LEU A 1 1  ? -0.862 -2.663  -2.409 1.00 0.00 ?  1  LEU A N    8  
ATOM   1269 C CA   . LEU A 1 1  ? -1.335 -3.946  -1.906 1.00 0.00 ?  1  LEU A CA   8  
ATOM   1270 C C    . LEU A 1 1  ? -0.189 -4.715  -1.257 1.00 0.00 ?  1  LEU A C    8  
ATOM   1271 O O    . LEU A 1 1  ? 0.454  -5.550  -1.894 1.00 0.00 ?  1  LEU A O    8  
ATOM   1272 C CB   . LEU A 1 1  ? -1.927 -4.770  -3.053 1.00 0.00 ?  1  LEU A CB   8  
ATOM   1273 C CG   . LEU A 1 1  ? -3.450 -4.795  -2.926 1.00 0.00 ?  1  LEU A CG   8  
ATOM   1274 C CD1  . LEU A 1 1  ? -3.993 -3.368  -3.004 1.00 0.00 ?  1  LEU A CD1  8  
ATOM   1275 C CD2  . LEU A 1 1  ? -4.039 -5.628  -4.068 1.00 0.00 ?  1  LEU A CD2  8  
ATOM   1276 H H1   . LEU A 1 1  ? -1.347 -1.843  -2.174 1.00 0.00 ?  1  LEU A H1   8  
ATOM   1277 H HA   . LEU A 1 1  ? -2.104 -3.773  -1.168 1.00 0.00 ?  1  LEU A HA   8  
ATOM   1278 H HB2  . LEU A 1 1  ? -1.649 -4.324  -3.996 1.00 0.00 ?  1  LEU A HB2  8  
ATOM   1279 H HB3  . LEU A 1 1  ? -1.548 -5.779  -3.006 1.00 0.00 ?  1  LEU A HB3  8  
ATOM   1280 H HG   . LEU A 1 1  ? -3.724 -5.234  -1.978 1.00 0.00 ?  1  LEU A HG   8  
ATOM   1281 H HD11 . LEU A 1 1  ? -5.065 -3.396  -3.134 1.00 0.00 ?  1  LEU A HD11 8  
ATOM   1282 H HD12 . LEU A 1 1  ? -3.543 -2.856  -3.842 1.00 0.00 ?  1  LEU A HD12 8  
ATOM   1283 H HD13 . LEU A 1 1  ? -3.755 -2.842  -2.093 1.00 0.00 ?  1  LEU A HD13 8  
ATOM   1284 H HD21 . LEU A 1 1  ? -3.654 -6.635  -4.014 1.00 0.00 ?  1  LEU A HD21 8  
ATOM   1285 H HD22 . LEU A 1 1  ? -3.763 -5.188  -5.014 1.00 0.00 ?  1  LEU A HD22 8  
ATOM   1286 H HD23 . LEU A 1 1  ? -5.115 -5.649  -3.979 1.00 0.00 ?  1  LEU A HD23 8  
HETATM 1287 N N    . DGL A 1 2  ? 0.062  -4.422  0.015  1.00 0.00 ?  2  DGL A N    8  
HETATM 1288 C CA   . DGL A 1 2  ? 1.135  -5.085  0.747  1.00 0.00 ?  2  DGL A CA   8  
HETATM 1289 C C    . DGL A 1 2  ? 1.258  -4.500  2.149  1.00 0.00 ?  2  DGL A C    8  
HETATM 1290 O O    . DGL A 1 2  ? 1.250  -5.229  3.140  1.00 0.00 ?  2  DGL A O    8  
HETATM 1291 C CB   . DGL A 1 2  ? 0.855  -6.586  0.845  1.00 0.00 ?  2  DGL A CB   8  
HETATM 1292 C CG   . DGL A 1 2  ? 2.177  -7.343  0.980  1.00 0.00 ?  2  DGL A CG   8  
HETATM 1293 C CD   . DGL A 1 2  ? 1.915  -8.845  1.046  1.00 0.00 ?  2  DGL A CD   8  
HETATM 1294 O OE1  . DGL A 1 2  ? 2.254  -9.528  0.095  1.00 0.00 ?  2  DGL A OE1  8  
HETATM 1295 O OE2  . DGL A 1 2  ? 1.378  -9.288  2.048  1.00 0.00 -1 2  DGL A OE2  8  
HETATM 1296 H H    . DGL A 1 2  ? -0.481 -3.745  0.468  1.00 0.00 ?  2  DGL A H    8  
HETATM 1297 H HA   . DGL A 1 2  ? 2.065  -4.935  0.221  1.00 0.00 ?  2  DGL A HA   8  
HETATM 1298 H HB2  . DGL A 1 2  ? 0.238  -6.781  1.709  1.00 0.00 ?  2  DGL A HB2  8  
HETATM 1299 H HB3  . DGL A 1 2  ? 0.343  -6.917  -0.047 1.00 0.00 ?  2  DGL A HB3  8  
HETATM 1300 H HG2  . DGL A 1 2  ? 2.802  -7.126  0.126  1.00 0.00 ?  2  DGL A HG2  8  
HETATM 1301 H HG3  . DGL A 1 2  ? 2.680  -7.028  1.882  1.00 0.00 ?  2  DGL A HG3  8  
HETATM 1302 N N    . DAR A 1 3  ? 1.364  -3.177  2.225  1.00 0.00 ?  3  DAR A N    8  
HETATM 1303 C CA   . DAR A 1 3  ? 1.480  -2.503  3.513  1.00 0.00 ?  3  DAR A CA   8  
HETATM 1304 C CB   . DAR A 1 3  ? 0.106  -2.011  3.970  1.00 0.00 ?  3  DAR A CB   8  
HETATM 1305 C CG   . DAR A 1 3  ? -0.836 -3.204  4.152  1.00 0.00 ?  3  DAR A CG   8  
HETATM 1306 C CD   . DAR A 1 3  ? -2.224 -2.700  4.544  1.00 0.00 ?  3  DAR A CD   8  
HETATM 1307 N NE   . DAR A 1 3  ? -3.146 -3.824  4.682  1.00 0.00 ?  3  DAR A NE   8  
HETATM 1308 C CZ   . DAR A 1 3  ? -3.196 -4.561  5.793  1.00 0.00 ?  3  DAR A CZ   8  
HETATM 1309 N NH1  . DAR A 1 3  ? -4.044 -5.550  5.870  1.00 0.00 ?  3  DAR A NH1  8  
HETATM 1310 N NH2  . DAR A 1 3  ? -2.406 -4.305  6.806  1.00 0.00 1  3  DAR A NH2  8  
HETATM 1311 C C    . DAR A 1 3  ? 2.434  -1.317  3.418  1.00 0.00 ?  3  DAR A C    8  
HETATM 1312 O O    . DAR A 1 3  ? 3.156  -1.013  4.366  1.00 0.00 ?  3  DAR A O    8  
HETATM 1313 H H    . DAR A 1 3  ? 1.359  -2.647  1.401  1.00 0.00 ?  3  DAR A H    8  
HETATM 1314 H HA   . DAR A 1 3  ? 1.860  -3.203  4.243  1.00 0.00 ?  3  DAR A HA   8  
HETATM 1315 H HB2  . DAR A 1 3  ? 0.208  -1.487  4.909  1.00 0.00 ?  3  DAR A HB2  8  
HETATM 1316 H HB3  . DAR A 1 3  ? -0.301 -1.344  3.226  1.00 0.00 ?  3  DAR A HB3  8  
HETATM 1317 H HG2  . DAR A 1 3  ? -0.900 -3.755  3.226  1.00 0.00 ?  3  DAR A HG2  8  
HETATM 1318 H HG3  . DAR A 1 3  ? -0.454 -3.847  4.930  1.00 0.00 ?  3  DAR A HG3  8  
HETATM 1319 H HD2  . DAR A 1 3  ? -2.163 -2.170  5.482  1.00 0.00 ?  3  DAR A HD2  8  
HETATM 1320 H HD3  . DAR A 1 3  ? -2.589 -2.028  3.779  1.00 0.00 ?  3  DAR A HD3  8  
HETATM 1321 H HE   . DAR A 1 3  ? -3.744 -4.043  3.937  1.00 0.00 ?  3  DAR A HE   8  
HETATM 1322 H HH11 . DAR A 1 3  ? -4.649 -5.751  5.101  1.00 0.00 ?  3  DAR A HH11 8  
HETATM 1323 H HH12 . DAR A 1 3  ? -4.086 -6.108  6.700  1.00 0.00 ?  3  DAR A HH12 8  
HETATM 1324 H HH21 . DAR A 1 3  ? -1.752 -3.554  6.761  1.00 0.00 ?  3  DAR A HH21 8  
HETATM 1325 H HH22 . DAR A 1 3  ? -2.458 -4.870  7.631  1.00 0.00 ?  3  DAR A HH22 8  
ATOM   1326 N N    . ARG A 1 4  ? 2.431  -0.649  2.268  1.00 0.00 ?  4  ARG A N    8  
ATOM   1327 C CA   . ARG A 1 4  ? 3.299  0.505   2.066  1.00 0.00 ?  4  ARG A CA   8  
ATOM   1328 C C    . ARG A 1 4  ? 2.478  1.789   2.083  1.00 0.00 ?  4  ARG A C    8  
ATOM   1329 O O    . ARG A 1 4  ? 1.701  2.049   1.164  1.00 0.00 ?  4  ARG A O    8  
ATOM   1330 C CB   . ARG A 1 4  ? 4.027  0.383   0.727  1.00 0.00 ?  4  ARG A CB   8  
ATOM   1331 C CG   . ARG A 1 4  ? 5.331  -0.390  0.919  1.00 0.00 ?  4  ARG A CG   8  
ATOM   1332 C CD   . ARG A 1 4  ? 5.013  -1.829  1.331  1.00 0.00 ?  4  ARG A CD   8  
ATOM   1333 N NE   . ARG A 1 4  ? 6.206  -2.663  1.223  1.00 0.00 ?  4  ARG A NE   8  
ATOM   1334 C CZ   . ARG A 1 4  ? 6.209  -3.937  1.619  1.00 0.00 ?  4  ARG A CZ   8  
ATOM   1335 N NH1  . ARG A 1 4  ? 5.130  -4.485  2.124  1.00 0.00 1  4  ARG A NH1  8  
ATOM   1336 N NH2  . ARG A 1 4  ? 7.298  -4.646  1.502  1.00 0.00 ?  4  ARG A NH2  8  
ATOM   1337 H H    . ARG A 1 4  ? 1.834  -0.934  1.546  1.00 0.00 ?  4  ARG A H    8  
ATOM   1338 H HA   . ARG A 1 4  ? 4.029  0.542   2.861  1.00 0.00 ?  4  ARG A HA   8  
ATOM   1339 H HB2  . ARG A 1 4  ? 3.397  -0.141  0.023  1.00 0.00 ?  4  ARG A HB2  8  
ATOM   1340 H HB3  . ARG A 1 4  ? 4.248  1.369   0.346  1.00 0.00 ?  4  ARG A HB3  8  
ATOM   1341 H HG2  . ARG A 1 4  ? 5.888  -0.395  -0.007 1.00 0.00 ?  4  ARG A HG2  8  
ATOM   1342 H HG3  . ARG A 1 4  ? 5.920  0.081   1.692  1.00 0.00 ?  4  ARG A HG3  8  
ATOM   1343 H HD2  . ARG A 1 4  ? 4.667  -1.839  2.354  1.00 0.00 ?  4  ARG A HD2  8  
ATOM   1344 H HD3  . ARG A 1 4  ? 4.240  -2.221  0.688  1.00 0.00 ?  4  ARG A HD3  8  
ATOM   1345 H HE   . ARG A 1 4  ? 7.025  -2.277  0.849  1.00 0.00 ?  4  ARG A HE   8  
ATOM   1346 H HH11 . ARG A 1 4  ? 4.290  -3.953  2.218  1.00 0.00 ?  4  ARG A HH11 8  
ATOM   1347 H HH12 . ARG A 1 4  ? 5.150  -5.441  2.416  1.00 0.00 ?  4  ARG A HH12 8  
ATOM   1348 H HH21 . ARG A 1 4  ? 8.123  -4.234  1.116  1.00 0.00 ?  4  ARG A HH21 8  
ATOM   1349 H HH22 . ARG A 1 4  ? 7.306  -5.602  1.797  1.00 0.00 ?  4  ARG A HH22 8  
ATOM   1350 N N    . TYR A 1 5  ? 2.657  2.588   3.133  1.00 0.00 ?  5  TYR A N    8  
ATOM   1351 C CA   . TYR A 1 5  ? 1.923  3.843   3.259  1.00 0.00 ?  5  TYR A CA   8  
ATOM   1352 C C    . TYR A 1 5  ? 0.435  3.620   2.995  1.00 0.00 ?  5  TYR A C    8  
ATOM   1353 O O    . TYR A 1 5  ? -0.117 4.140   2.026  1.00 0.00 ?  5  TYR A O    8  
ATOM   1354 C CB   . TYR A 1 5  ? 2.473  4.870   2.267  1.00 0.00 ?  5  TYR A CB   8  
ATOM   1355 C CG   . TYR A 1 5  ? 2.002  6.250   2.656  1.00 0.00 ?  5  TYR A CG   8  
ATOM   1356 C CD1  . TYR A 1 5  ? 2.712  6.988   3.610  1.00 0.00 ?  5  TYR A CD1  8  
ATOM   1357 C CD2  . TYR A 1 5  ? 0.856  6.794   2.061  1.00 0.00 ?  5  TYR A CD2  8  
ATOM   1358 C CE1  . TYR A 1 5  ? 2.276  8.269   3.971  1.00 0.00 ?  5  TYR A CE1  8  
ATOM   1359 C CE2  . TYR A 1 5  ? 0.421  8.074   2.421  1.00 0.00 ?  5  TYR A CE2  8  
ATOM   1360 C CZ   . TYR A 1 5  ? 1.130  8.811   3.376  1.00 0.00 ?  5  TYR A CZ   8  
ATOM   1361 O OH   . TYR A 1 5  ? 0.700  10.073  3.732  1.00 0.00 ?  5  TYR A OH   8  
ATOM   1362 H H    . TYR A 1 5  ? 3.289  2.328   3.834  1.00 0.00 ?  5  TYR A H    8  
ATOM   1363 H HA   . TYR A 1 5  ? 2.049  4.224   4.260  1.00 0.00 ?  5  TYR A HA   8  
ATOM   1364 H HB2  . TYR A 1 5  ? 3.553  4.841   2.279  1.00 0.00 ?  5  TYR A HB2  8  
ATOM   1365 H HB3  . TYR A 1 5  ? 2.119  4.636   1.273  1.00 0.00 ?  5  TYR A HB3  8  
ATOM   1366 H HD1  . TYR A 1 5  ? 3.595  6.570   4.069  1.00 0.00 ?  5  TYR A HD1  8  
ATOM   1367 H HD2  . TYR A 1 5  ? 0.309  6.224   1.323  1.00 0.00 ?  5  TYR A HD2  8  
ATOM   1368 H HE1  . TYR A 1 5  ? 2.823  8.838   4.708  1.00 0.00 ?  5  TYR A HE1  8  
ATOM   1369 H HE2  . TYR A 1 5  ? -0.464 8.492   1.963  1.00 0.00 ?  5  TYR A HE2  8  
ATOM   1370 H HH   . TYR A 1 5  ? 1.155  10.710  3.174  1.00 0.00 ?  5  TYR A HH   8  
HETATM 1371 N N    . DPR A 1 6  ? -0.213 2.851   3.830  1.00 0.00 ?  6  DPR A N    8  
HETATM 1372 C CA   . DPR A 1 6  ? -1.661 2.547   3.675  1.00 0.00 ?  6  DPR A CA   8  
HETATM 1373 C CB   . DPR A 1 6  ? -2.057 1.948   5.026  1.00 0.00 ?  6  DPR A CB   8  
HETATM 1374 C CG   . DPR A 1 6  ? -0.799 1.395   5.608  1.00 0.00 ?  6  DPR A CG   8  
HETATM 1375 C CD   . DPR A 1 6  ? 0.366  2.190   5.010  1.00 0.00 ?  6  DPR A CD   8  
HETATM 1376 C C    . DPR A 1 6  ? -1.913 1.559   2.539  1.00 0.00 ?  6  DPR A C    8  
HETATM 1377 O O    . DPR A 1 6  ? -2.194 0.383   2.773  1.00 0.00 ?  6  DPR A O    8  
HETATM 1378 H HA   . DPR A 1 6  ? -2.216 3.456   3.507  1.00 0.00 ?  6  DPR A HA   8  
HETATM 1379 H HB2  . DPR A 1 6  ? -2.464 2.718   5.669  1.00 0.00 ?  6  DPR A HB2  8  
HETATM 1380 H HB3  . DPR A 1 6  ? -2.777 1.157   4.887  1.00 0.00 ?  6  DPR A HB3  8  
HETATM 1381 H HG2  . DPR A 1 6  ? -0.811 1.507   6.683  1.00 0.00 ?  6  DPR A HG2  8  
HETATM 1382 H HG3  . DPR A 1 6  ? -0.697 0.354   5.347  1.00 0.00 ?  6  DPR A HG3  8  
HETATM 1383 H HD2  . DPR A 1 6  ? 0.726  2.922   5.719  1.00 0.00 ?  6  DPR A HD2  8  
HETATM 1384 H HD3  . DPR A 1 6  ? 1.160  1.524   4.713  1.00 0.00 ?  6  DPR A HD3  8  
ATOM   1385 N N    . ASP A 1 7  ? -1.803 2.048   1.309  1.00 0.00 ?  7  ASP A N    8  
ATOM   1386 C CA   . ASP A 1 7  ? -2.010 1.207   0.138  1.00 0.00 ?  7  ASP A CA   8  
ATOM   1387 C C    . ASP A 1 7  ? -1.355 1.836   -1.087 1.00 0.00 ?  7  ASP A C    8  
ATOM   1388 O O    . ASP A 1 7  ? -0.392 1.299   -1.631 1.00 0.00 ?  7  ASP A O    8  
ATOM   1389 C CB   . ASP A 1 7  ? -3.507 1.024   -0.119 1.00 0.00 ?  7  ASP A CB   8  
ATOM   1390 C CG   . ASP A 1 7  ? -3.742 -0.192  -1.007 1.00 0.00 ?  7  ASP A CG   8  
ATOM   1391 O OD1  . ASP A 1 7  ? -4.871 -0.382  -1.433 1.00 0.00 ?  7  ASP A OD1  8  
ATOM   1392 O OD2  . ASP A 1 7  ? -2.791 -0.917  -1.253 1.00 0.00 -1 7  ASP A OD2  8  
ATOM   1393 H H    . ASP A 1 7  ? -1.572 2.993   1.188  1.00 0.00 ?  7  ASP A H    8  
ATOM   1394 H HA   . ASP A 1 7  ? -1.564 0.240   0.317  1.00 0.00 ?  7  ASP A HA   8  
ATOM   1395 H HB2  . ASP A 1 7  ? -4.017 0.883   0.824  1.00 0.00 ?  7  ASP A HB2  8  
ATOM   1396 H HB3  . ASP A 1 7  ? -3.897 1.905   -0.608 1.00 0.00 ?  7  ASP A HB3  8  
ATOM   1397 N N    . THR A 1 8  ? -1.879 2.982   -1.509 1.00 0.00 ?  8  THR A N    8  
ATOM   1398 C CA   . THR A 1 8  ? -1.334 3.681   -2.667 1.00 0.00 ?  8  THR A CA   8  
ATOM   1399 C C    . THR A 1 8  ? -1.160 2.724   -3.843 1.00 0.00 ?  8  THR A C    8  
ATOM   1400 O O    . THR A 1 8  ? -0.131 2.737   -4.519 1.00 0.00 ?  8  THR A O    8  
ATOM   1401 C CB   . THR A 1 8  ? 0.019  4.302   -2.309 1.00 0.00 ?  8  THR A CB   8  
ATOM   1402 O OG1  . THR A 1 8  ? 0.001  4.723   -0.952 1.00 0.00 ?  8  THR A OG1  8  
ATOM   1403 C CG2  . THR A 1 8  ? 0.285  5.505   -3.215 1.00 0.00 ?  8  THR A CG2  8  
ATOM   1404 H H    . THR A 1 8  ? -2.644 3.365   -1.031 1.00 0.00 ?  8  THR A H    8  
ATOM   1405 H HA   . THR A 1 8  ? -2.013 4.468   -2.952 1.00 0.00 ?  8  THR A HA   8  
ATOM   1406 H HB   . THR A 1 8  ? 0.800  3.571   -2.450 1.00 0.00 ?  8  THR A HB   8  
ATOM   1407 H HG1  . THR A 1 8  ? -0.804 5.226   -0.809 1.00 0.00 ?  8  THR A HG1  8  
ATOM   1408 H HG21 . THR A 1 8  ? 1.299  5.847   -3.072 1.00 0.00 ?  8  THR A HG21 8  
ATOM   1409 H HG22 . THR A 1 8  ? -0.401 6.301   -2.967 1.00 0.00 ?  8  THR A HG22 8  
ATOM   1410 H HG23 . THR A 1 8  ? 0.143  5.217   -4.246 1.00 0.00 ?  8  THR A HG23 8  
ATOM   1411 N N    . MET A 1 9  ? -2.172 1.897   -4.084 1.00 0.00 ?  9  MET A N    8  
ATOM   1412 C CA   . MET A 1 9  ? -2.116 0.942   -5.184 1.00 0.00 ?  9  MET A CA   8  
ATOM   1413 C C    . MET A 1 9  ? -0.868 0.076   -5.075 1.00 0.00 ?  9  MET A C    8  
ATOM   1414 O O    . MET A 1 9  ? -0.197 -0.187  -6.073 1.00 0.00 ?  9  MET A O    8  
ATOM   1415 C CB   . MET A 1 9  ? -2.094 1.687   -6.520 1.00 0.00 ?  9  MET A CB   8  
ATOM   1416 C CG   . MET A 1 9  ? -3.311 2.613   -6.625 1.00 0.00 ?  9  MET A CG   8  
ATOM   1417 S SD   . MET A 1 9  ? -4.834 1.643   -6.487 1.00 0.00 ?  9  MET A SD   8  
ATOM   1418 C CE   . MET A 1 9  ? -4.665 0.732   -8.041 1.00 0.00 ?  9  MET A CE   8  
ATOM   1419 H H    . MET A 1 9  ? -2.968 1.931   -3.513 1.00 0.00 ?  9  MET A H    8  
ATOM   1420 H HA   . MET A 1 9  ? -2.988 0.307   -5.147 1.00 0.00 ?  9  MET A HA   8  
ATOM   1421 H HB2  . MET A 1 9  ? -1.189 2.274   -6.585 1.00 0.00 ?  9  MET A HB2  8  
ATOM   1422 H HB3  . MET A 1 9  ? -2.117 0.973   -7.329 1.00 0.00 ?  9  MET A HB3  8  
ATOM   1423 H HG2  . MET A 1 9  ? -3.277 3.341   -5.828 1.00 0.00 ?  9  MET A HG2  8  
ATOM   1424 H HG3  . MET A 1 9  ? -3.294 3.121   -7.578 1.00 0.00 ?  9  MET A HG3  8  
ATOM   1425 H HE1  . MET A 1 9  ? -5.631 0.354   -8.344 1.00 0.00 ?  9  MET A HE1  8  
ATOM   1426 H HE2  . MET A 1 9  ? -3.985 -0.093  -7.904 1.00 0.00 ?  9  MET A HE2  8  
ATOM   1427 H HE3  . MET A 1 9  ? -4.274 1.393   -8.804 1.00 0.00 ?  9  MET A HE3  8  
ATOM   1428 N N    . TYR A 1 10 ? -0.558 -0.360  -3.860 1.00 0.00 ?  10 TYR A N    8  
ATOM   1429 C CA   . TYR A 1 10 ? 0.618  -1.190  -3.640 1.00 0.00 ?  10 TYR A CA   8  
ATOM   1430 C C    . TYR A 1 10 ? 0.218  -2.585  -3.178 1.00 0.00 ?  10 TYR A C    8  
ATOM   1431 O O    . TYR A 1 10 ? 0.876  -3.572  -3.510 1.00 0.00 ?  10 TYR A O    8  
ATOM   1432 C CB   . TYR A 1 10 ? 1.520  -0.543  -2.591 1.00 0.00 ?  10 TYR A CB   8  
ATOM   1433 C CG   . TYR A 1 10 ? 2.913  -1.104  -2.716 1.00 0.00 ?  10 TYR A CG   8  
ATOM   1434 C CD1  . TYR A 1 10 ? 3.374  -2.042  -1.785 1.00 0.00 ?  10 TYR A CD1  8  
ATOM   1435 C CD2  . TYR A 1 10 ? 3.740  -0.690  -3.764 1.00 0.00 ?  10 TYR A CD2  8  
ATOM   1436 C CE1  . TYR A 1 10 ? 4.668  -2.565  -1.903 1.00 0.00 ?  10 TYR A CE1  8  
ATOM   1437 C CE2  . TYR A 1 10 ? 5.033  -1.212  -3.882 1.00 0.00 ?  10 TYR A CE2  8  
ATOM   1438 C CZ   . TYR A 1 10 ? 5.497  -2.150  -2.952 1.00 0.00 ?  10 TYR A CZ   8  
ATOM   1439 O OH   . TYR A 1 10 ? 6.771  -2.665  -3.066 1.00 0.00 ?  10 TYR A OH   8  
ATOM   1440 H H    . TYR A 1 10 ? -1.126 -0.116  -3.100 1.00 0.00 ?  10 TYR A H    8  
ATOM   1441 H HA   . TYR A 1 10 ? 1.168  -1.273  -4.566 1.00 0.00 ?  10 TYR A HA   8  
ATOM   1442 H HB2  . TYR A 1 10 ? 1.547  0.526   -2.749 1.00 0.00 ?  10 TYR A HB2  8  
ATOM   1443 H HB3  . TYR A 1 10 ? 1.135  -0.753  -1.605 1.00 0.00 ?  10 TYR A HB3  8  
ATOM   1444 H HD1  . TYR A 1 10 ? 2.733  -2.359  -0.975 1.00 0.00 ?  10 TYR A HD1  8  
ATOM   1445 H HD2  . TYR A 1 10 ? 3.380  0.034   -4.483 1.00 0.00 ?  10 TYR A HD2  8  
ATOM   1446 H HE1  . TYR A 1 10 ? 5.024  -3.287  -1.184 1.00 0.00 ?  10 TYR A HE1  8  
ATOM   1447 H HE2  . TYR A 1 10 ? 5.673  -0.893  -4.691 1.00 0.00 ?  10 TYR A HE2  8  
ATOM   1448 H HH   . TYR A 1 10 ? 7.188  -2.624  -2.204 1.00 0.00 ?  10 TYR A HH   8  
ATOM   1449 N N    . LEU A 1 1  ? 1.291  -2.222  -1.637 1.00 0.00 ?  1  LEU A N    9  
ATOM   1450 C CA   . LEU A 1 1  ? 2.410  -3.101  -1.960 1.00 0.00 ?  1  LEU A CA   9  
ATOM   1451 C C    . LEU A 1 1  ? 2.462  -4.271  -0.981 1.00 0.00 ?  1  LEU A C    9  
ATOM   1452 O O    . LEU A 1 1  ? 3.532  -4.641  -0.494 1.00 0.00 ?  1  LEU A O    9  
ATOM   1453 C CB   . LEU A 1 1  ? 3.724  -2.314  -1.897 1.00 0.00 ?  1  LEU A CB   9  
ATOM   1454 C CG   . LEU A 1 1  ? 4.834  -3.076  -2.632 1.00 0.00 ?  1  LEU A CG   9  
ATOM   1455 C CD1  . LEU A 1 1  ? 4.564  -3.065  -4.143 1.00 0.00 ?  1  LEU A CD1  9  
ATOM   1456 C CD2  . LEU A 1 1  ? 6.179  -2.403  -2.348 1.00 0.00 ?  1  LEU A CD2  9  
ATOM   1457 H H1   . LEU A 1 1  ? 1.429  -1.475  -1.018 1.00 0.00 ?  1  LEU A H1   9  
ATOM   1458 H HA   . LEU A 1 1  ? 2.276  -3.484  -2.957 1.00 0.00 ?  1  LEU A HA   9  
ATOM   1459 H HB2  . LEU A 1 1  ? 3.585  -1.348  -2.360 1.00 0.00 ?  1  LEU A HB2  9  
ATOM   1460 H HB3  . LEU A 1 1  ? 4.010  -2.178  -0.865 1.00 0.00 ?  1  LEU A HB3  9  
ATOM   1461 H HG   . LEU A 1 1  ? 4.861  -4.097  -2.283 1.00 0.00 ?  1  LEU A HG   9  
ATOM   1462 H HD11 . LEU A 1 1  ? 3.776  -3.766  -4.373 1.00 0.00 ?  1  LEU A HD11 9  
ATOM   1463 H HD12 . LEU A 1 1  ? 5.462  -3.347  -4.673 1.00 0.00 ?  1  LEU A HD12 9  
ATOM   1464 H HD13 . LEU A 1 1  ? 4.264  -2.073  -4.448 1.00 0.00 ?  1  LEU A HD13 9  
ATOM   1465 H HD21 . LEU A 1 1  ? 6.351  -2.378  -1.283 1.00 0.00 ?  1  LEU A HD21 9  
ATOM   1466 H HD22 . LEU A 1 1  ? 6.167  -1.396  -2.736 1.00 0.00 ?  1  LEU A HD22 9  
ATOM   1467 H HD23 . LEU A 1 1  ? 6.969  -2.964  -2.826 1.00 0.00 ?  1  LEU A HD23 9  
HETATM 1468 N N    . DGL A 1 2  ? 1.301  -4.852  -0.698 1.00 0.00 ?  2  DGL A N    9  
HETATM 1469 C CA   . DGL A 1 2  ? 1.226  -5.979  0.222  1.00 0.00 ?  2  DGL A CA   9  
HETATM 1470 C C    . DGL A 1 2  ? 1.897  -5.642  1.551  1.00 0.00 ?  2  DGL A C    9  
HETATM 1471 O O    . DGL A 1 2  ? 2.523  -6.503  2.167  1.00 0.00 ?  2  DGL A O    9  
HETATM 1472 C CB   . DGL A 1 2  ? -0.237 -6.371  0.456  1.00 0.00 ?  2  DGL A CB   9  
HETATM 1473 C CG   . DGL A 1 2  ? -0.959 -5.260  1.223  1.00 0.00 ?  2  DGL A CG   9  
HETATM 1474 C CD   . DGL A 1 2  ? -2.443 -5.589  1.342  1.00 0.00 ?  2  DGL A CD   9  
HETATM 1475 O OE1  . DGL A 1 2  ? -3.126 -4.897  2.079  1.00 0.00 ?  2  DGL A OE1  9  
HETATM 1476 O OE2  . DGL A 1 2  ? -2.875 -6.528  0.694  1.00 0.00 -1 2  DGL A OE2  9  
HETATM 1477 H H    . DGL A 1 2  ? 0.481  -4.515  -1.115 1.00 0.00 ?  2  DGL A H    9  
HETATM 1478 H HA   . DGL A 1 2  ? 1.740  -6.820  -0.220 1.00 0.00 ?  2  DGL A HA   9  
HETATM 1479 H HB2  . DGL A 1 2  ? -0.725 -6.525  -0.497 1.00 0.00 ?  2  DGL A HB2  9  
HETATM 1480 H HB3  . DGL A 1 2  ? -0.276 -7.284  1.030  1.00 0.00 ?  2  DGL A HB3  9  
HETATM 1481 H HG2  . DGL A 1 2  ? -0.532 -5.172  2.211  1.00 0.00 ?  2  DGL A HG2  9  
HETATM 1482 H HG3  . DGL A 1 2  ? -0.840 -4.326  0.696  1.00 0.00 ?  2  DGL A HG3  9  
HETATM 1483 N N    . DAR A 1 3  ? 1.763  -4.387  1.982  1.00 0.00 ?  3  DAR A N    9  
HETATM 1484 C CA   . DAR A 1 3  ? 2.359  -3.938  3.240  1.00 0.00 ?  3  DAR A CA   9  
HETATM 1485 C CB   . DAR A 1 3  ? 1.958  -4.875  4.384  1.00 0.00 ?  3  DAR A CB   9  
HETATM 1486 C CG   . DAR A 1 3  ? 3.184  -5.662  4.858  1.00 0.00 ?  3  DAR A CG   9  
HETATM 1487 C CD   . DAR A 1 3  ? 2.727  -6.901  5.628  1.00 0.00 ?  3  DAR A CD   9  
HETATM 1488 N NE   . DAR A 1 3  ? 2.132  -7.872  4.715  1.00 0.00 ?  3  DAR A NE   9  
HETATM 1489 C CZ   . DAR A 1 3  ? 1.459  -8.935  5.160  1.00 0.00 ?  3  DAR A CZ   9  
HETATM 1490 N NH1  . DAR A 1 3  ? 0.945  -9.777  4.304  1.00 0.00 ?  3  DAR A NH1  9  
HETATM 1491 N NH2  . DAR A 1 3  ? 1.308  -9.144  6.442  1.00 0.00 1  3  DAR A NH2  9  
HETATM 1492 C C    . DAR A 1 3  ? 1.910  -2.518  3.579  1.00 0.00 ?  3  DAR A C    9  
HETATM 1493 O O    . DAR A 1 3  ? 2.607  -1.794  4.291  1.00 0.00 ?  3  DAR A O    9  
HETATM 1494 H H    . DAR A 1 3  ? 1.252  -3.748  1.440  1.00 0.00 ?  3  DAR A H    9  
HETATM 1495 H HA   . DAR A 1 3  ? 3.434  -3.951  3.142  1.00 0.00 ?  3  DAR A HA   9  
HETATM 1496 H HB2  . DAR A 1 3  ? 1.564  -4.294  5.204  1.00 0.00 ?  3  DAR A HB2  9  
HETATM 1497 H HB3  . DAR A 1 3  ? 1.204  -5.565  4.035  1.00 0.00 ?  3  DAR A HB3  9  
HETATM 1498 H HG2  . DAR A 1 3  ? 3.774  -5.961  4.006  1.00 0.00 ?  3  DAR A HG2  9  
HETATM 1499 H HG3  . DAR A 1 3  ? 3.780  -5.038  5.507  1.00 0.00 ?  3  DAR A HG3  9  
HETATM 1500 H HD2  . DAR A 1 3  ? 3.576  -7.350  6.120  1.00 0.00 ?  3  DAR A HD2  9  
HETATM 1501 H HD3  . DAR A 1 3  ? 1.997  -6.611  6.370  1.00 0.00 ?  3  DAR A HD3  9  
HETATM 1502 H HE   . DAR A 1 3  ? 2.229  -7.738  3.749  1.00 0.00 ?  3  DAR A HE   9  
HETATM 1503 H HH11 . DAR A 1 3  ? 1.057  -9.622  3.323  1.00 0.00 ?  3  DAR A HH11 9  
HETATM 1504 H HH12 . DAR A 1 3  ? 0.440  -10.575 4.632  1.00 0.00 ?  3  DAR A HH12 9  
HETATM 1505 H HH21 . DAR A 1 3  ? 1.696  -8.507  7.108  1.00 0.00 ?  3  DAR A HH21 9  
HETATM 1506 H HH22 . DAR A 1 3  ? 0.801  -9.945  6.760  1.00 0.00 ?  3  DAR A HH22 9  
ATOM   1507 N N    . ARG A 1 4  ? 0.744  -2.129  3.074  1.00 0.00 ?  4  ARG A N    9  
ATOM   1508 C CA   . ARG A 1 4  ? 0.218  -0.793  3.341  1.00 0.00 ?  4  ARG A CA   9  
ATOM   1509 C C    . ARG A 1 4  ? 1.208  0.278   2.891  1.00 0.00 ?  4  ARG A C    9  
ATOM   1510 O O    . ARG A 1 4  ? 2.171  0.583   3.596  1.00 0.00 ?  4  ARG A O    9  
ATOM   1511 C CB   . ARG A 1 4  ? -0.064 -0.637  4.837  1.00 0.00 ?  4  ARG A CB   9  
ATOM   1512 C CG   . ARG A 1 4  ? -0.817 0.671   5.083  1.00 0.00 ?  4  ARG A CG   9  
ATOM   1513 C CD   . ARG A 1 4  ? -1.156 0.795   6.570  1.00 0.00 ?  4  ARG A CD   9  
ATOM   1514 N NE   . ARG A 1 4  ? 0.066  0.963   7.352  1.00 0.00 ?  4  ARG A NE   9  
ATOM   1515 C CZ   . ARG A 1 4  ? 0.050  0.976   8.686  1.00 0.00 ?  4  ARG A CZ   9  
ATOM   1516 N NH1  . ARG A 1 4  ? -1.073 0.837   9.344  1.00 0.00 1  4  ARG A NH1  9  
ATOM   1517 N NH2  . ARG A 1 4  ? 1.167  1.130   9.343  1.00 0.00 ?  4  ARG A NH2  9  
ATOM   1518 H H    . ARG A 1 4  ? 0.228  -2.748  2.519  1.00 0.00 ?  4  ARG A H    9  
ATOM   1519 H HA   . ARG A 1 4  ? -0.706 -0.666  2.798  1.00 0.00 ?  4  ARG A HA   9  
ATOM   1520 H HB2  . ARG A 1 4  ? -0.663 -1.468  5.179  1.00 0.00 ?  4  ARG A HB2  9  
ATOM   1521 H HB3  . ARG A 1 4  ? 0.870  -0.619  5.379  1.00 0.00 ?  4  ARG A HB3  9  
ATOM   1522 H HG2  . ARG A 1 4  ? -0.199 1.505   4.784  1.00 0.00 ?  4  ARG A HG2  9  
ATOM   1523 H HG3  . ARG A 1 4  ? -1.731 0.676   4.508  1.00 0.00 ?  4  ARG A HG3  9  
ATOM   1524 H HD2  . ARG A 1 4  ? -1.795 1.651   6.722  1.00 0.00 ?  4  ARG A HD2  9  
ATOM   1525 H HD3  . ARG A 1 4  ? -1.670 -0.099  6.895  1.00 0.00 ?  4  ARG A HD3  9  
ATOM   1526 H HE   . ARG A 1 4  ? 0.920  1.070   6.884  1.00 0.00 ?  4  ARG A HE   9  
ATOM   1527 H HH11 . ARG A 1 4  ? -1.936 0.718   8.854  1.00 0.00 ?  4  ARG A HH11 9  
ATOM   1528 H HH12 . ARG A 1 4  ? -1.069 0.848   10.344 1.00 0.00 ?  4  ARG A HH12 9  
ATOM   1529 H HH21 . ARG A 1 4  ? 2.028  1.236   8.846  1.00 0.00 ?  4  ARG A HH21 9  
ATOM   1530 H HH22 . ARG A 1 4  ? 1.161  1.140   10.343 1.00 0.00 ?  4  ARG A HH22 9  
ATOM   1531 N N    . TYR A 1 5  ? 0.966  0.846   1.712  1.00 0.00 ?  5  TYR A N    9  
ATOM   1532 C CA   . TYR A 1 5  ? 1.847  1.878   1.177  1.00 0.00 ?  5  TYR A CA   9  
ATOM   1533 C C    . TYR A 1 5  ? 1.039  3.102   0.736  1.00 0.00 ?  5  TYR A C    9  
ATOM   1534 O O    . TYR A 1 5  ? 0.734  3.256   -0.447 1.00 0.00 ?  5  TYR A O    9  
ATOM   1535 C CB   . TYR A 1 5  ? 2.622  1.326   -0.021 1.00 0.00 ?  5  TYR A CB   9  
ATOM   1536 C CG   . TYR A 1 5  ? 3.667  2.326   -0.451 1.00 0.00 ?  5  TYR A CG   9  
ATOM   1537 C CD1  . TYR A 1 5  ? 4.929  2.326   0.159  1.00 0.00 ?  5  TYR A CD1  9  
ATOM   1538 C CD2  . TYR A 1 5  ? 3.378  3.256   -1.457 1.00 0.00 ?  5  TYR A CD2  9  
ATOM   1539 C CE1  . TYR A 1 5  ? 5.899  3.254   -0.240 1.00 0.00 ?  5  TYR A CE1  9  
ATOM   1540 C CE2  . TYR A 1 5  ? 4.348  4.183   -1.856 1.00 0.00 ?  5  TYR A CE2  9  
ATOM   1541 C CZ   . TYR A 1 5  ? 5.610  4.182   -1.246 1.00 0.00 ?  5  TYR A CZ   9  
ATOM   1542 O OH   . TYR A 1 5  ? 6.566  5.095   -1.639 1.00 0.00 ?  5  TYR A OH   9  
ATOM   1543 H H    . TYR A 1 5  ? 0.186  0.562   1.194  1.00 0.00 ?  5  TYR A H    9  
ATOM   1544 H HA   . TYR A 1 5  ? 2.554  2.171   1.940  1.00 0.00 ?  5  TYR A HA   9  
ATOM   1545 H HB2  . TYR A 1 5  ? 3.102  0.399   0.257  1.00 0.00 ?  5  TYR A HB2  9  
ATOM   1546 H HB3  . TYR A 1 5  ? 1.940  1.146   -0.840 1.00 0.00 ?  5  TYR A HB3  9  
ATOM   1547 H HD1  . TYR A 1 5  ? 5.152  1.610   0.936  1.00 0.00 ?  5  TYR A HD1  9  
ATOM   1548 H HD2  . TYR A 1 5  ? 2.406  3.256   -1.928 1.00 0.00 ?  5  TYR A HD2  9  
ATOM   1549 H HE1  . TYR A 1 5  ? 6.871  3.254   0.231  1.00 0.00 ?  5  TYR A HE1  9  
ATOM   1550 H HE2  . TYR A 1 5  ? 4.125  4.898   -2.633 1.00 0.00 ?  5  TYR A HE2  9  
ATOM   1551 H HH   . TYR A 1 5  ? 7.366  4.612   -1.856 1.00 0.00 ?  5  TYR A HH   9  
HETATM 1552 N N    . DPR A 1 6  ? 0.689  3.967   1.656  1.00 0.00 ?  6  DPR A N    9  
HETATM 1553 C CA   . DPR A 1 6  ? -0.099 5.195   1.348  1.00 0.00 ?  6  DPR A CA   9  
HETATM 1554 C CB   . DPR A 1 6  ? 0.050  6.048   2.607  1.00 0.00 ?  6  DPR A CB   9  
HETATM 1555 C CG   . DPR A 1 6  ? 0.298  5.077   3.714  1.00 0.00 ?  6  DPR A CG   9  
HETATM 1556 C CD   . DPR A 1 6  ? 1.001  3.868   3.094  1.00 0.00 ?  6  DPR A CD   9  
HETATM 1557 C C    . DPR A 1 6  ? -1.571 4.891   1.067  1.00 0.00 ?  6  DPR A C    9  
HETATM 1558 O O    . DPR A 1 6  ? -2.304 5.739   0.559  1.00 0.00 ?  6  DPR A O    9  
HETATM 1559 H HA   . DPR A 1 6  ? 0.337  5.716   0.510  1.00 0.00 ?  6  DPR A HA   9  
HETATM 1560 H HB2  . DPR A 1 6  ? 0.888  6.724   2.504  1.00 0.00 ?  6  DPR A HB2  9  
HETATM 1561 H HB3  . DPR A 1 6  ? -0.857 6.599   2.798  1.00 0.00 ?  6  DPR A HB3  9  
HETATM 1562 H HG2  . DPR A 1 6  ? 0.929  5.530   4.467  1.00 0.00 ?  6  DPR A HG2  9  
HETATM 1563 H HG3  . DPR A 1 6  ? -0.637 4.766   4.151  1.00 0.00 ?  6  DPR A HG3  9  
HETATM 1564 H HD2  . DPR A 1 6  ? 2.068  3.928   3.256  1.00 0.00 ?  6  DPR A HD2  9  
HETATM 1565 H HD3  . DPR A 1 6  ? 0.605  2.951   3.497  1.00 0.00 ?  6  DPR A HD3  9  
ATOM   1566 N N    . ASP A 1 7  ? -1.999 3.677   1.406  1.00 0.00 ?  7  ASP A N    9  
ATOM   1567 C CA   . ASP A 1 7  ? -3.383 3.277   1.188  1.00 0.00 ?  7  ASP A CA   9  
ATOM   1568 C C    . ASP A 1 7  ? -3.797 3.543   -0.257 1.00 0.00 ?  7  ASP A C    9  
ATOM   1569 O O    . ASP A 1 7  ? -4.913 3.990   -0.522 1.00 0.00 ?  7  ASP A O    9  
ATOM   1570 C CB   . ASP A 1 7  ? -4.303 4.052   2.135  1.00 0.00 ?  7  ASP A CB   9  
ATOM   1571 C CG   . ASP A 1 7  ? -5.699 3.436   2.129  1.00 0.00 ?  7  ASP A CG   9  
ATOM   1572 O OD1  . ASP A 1 7  ? -6.497 3.822   2.966  1.00 0.00 ?  7  ASP A OD1  9  
ATOM   1573 O OD2  . ASP A 1 7  ? -5.947 2.588   1.289  1.00 0.00 -1 7  ASP A OD2  9  
ATOM   1574 H H    . ASP A 1 7  ? -1.375 3.041   1.810  1.00 0.00 ?  7  ASP A H    9  
ATOM   1575 H HA   . ASP A 1 7  ? -3.481 2.222   1.392  1.00 0.00 ?  7  ASP A HA   9  
ATOM   1576 H HB2  . ASP A 1 7  ? -3.900 4.014   3.137  1.00 0.00 ?  7  ASP A HB2  9  
ATOM   1577 H HB3  . ASP A 1 7  ? -4.365 5.081   1.813  1.00 0.00 ?  7  ASP A HB3  9  
ATOM   1578 N N    . THR A 1 8  ? -2.891 3.263   -1.187 1.00 0.00 ?  8  THR A N    9  
ATOM   1579 C CA   . THR A 1 8  ? -3.175 3.471   -2.603 1.00 0.00 ?  8  THR A CA   9  
ATOM   1580 C C    . THR A 1 8  ? -2.496 2.399   -3.447 1.00 0.00 ?  8  THR A C    9  
ATOM   1581 O O    . THR A 1 8  ? -3.161 1.592   -4.097 1.00 0.00 ?  8  THR A O    9  
ATOM   1582 C CB   . THR A 1 8  ? -2.683 4.854   -3.036 1.00 0.00 ?  8  THR A CB   9  
ATOM   1583 O OG1  . THR A 1 8  ? -3.340 5.852   -2.266 1.00 0.00 ?  8  THR A OG1  9  
ATOM   1584 C CG2  . THR A 1 8  ? -2.989 5.067   -4.519 1.00 0.00 ?  8  THR A CG2  9  
ATOM   1585 H H    . THR A 1 8  ? -2.018 2.907   -0.919 1.00 0.00 ?  8  THR A H    9  
ATOM   1586 H HA   . THR A 1 8  ? -4.242 3.417   -2.757 1.00 0.00 ?  8  THR A HA   9  
ATOM   1587 H HB   . THR A 1 8  ? -1.616 4.922   -2.881 1.00 0.00 ?  8  THR A HB   9  
ATOM   1588 H HG1  . THR A 1 8  ? -4.273 5.830   -2.489 1.00 0.00 ?  8  THR A HG1  9  
ATOM   1589 H HG21 . THR A 1 8  ? -2.466 4.326   -5.104 1.00 0.00 ?  8  THR A HG21 9  
ATOM   1590 H HG22 . THR A 1 8  ? -2.668 6.053   -4.815 1.00 0.00 ?  8  THR A HG22 9  
ATOM   1591 H HG23 . THR A 1 8  ? -4.053 4.969   -4.683 1.00 0.00 ?  8  THR A HG23 9  
ATOM   1592 N N    . MET A 1 9  ? -1.168 2.398   -3.433 1.00 0.00 ?  9  MET A N    9  
ATOM   1593 C CA   . MET A 1 9  ? -0.404 1.420   -4.198 1.00 0.00 ?  9  MET A CA   9  
ATOM   1594 C C    . MET A 1 9  ? -0.665 0.008   -3.683 1.00 0.00 ?  9  MET A C    9  
ATOM   1595 O O    . MET A 1 9  ? -0.771 -0.938  -4.463 1.00 0.00 ?  9  MET A O    9  
ATOM   1596 C CB   . MET A 1 9  ? 1.091  1.732   -4.101 1.00 0.00 ?  9  MET A CB   9  
ATOM   1597 C CG   . MET A 1 9  ? 1.395  3.018   -4.872 1.00 0.00 ?  9  MET A CG   9  
ATOM   1598 S SD   . MET A 1 9  ? 3.154  3.412   -4.716 1.00 0.00 ?  9  MET A SD   9  
ATOM   1599 C CE   . MET A 1 9  ? 3.163  4.847   -5.820 1.00 0.00 ?  9  MET A CE   9  
ATOM   1600 H H    . MET A 1 9  ? -0.693 3.066   -2.896 1.00 0.00 ?  9  MET A H    9  
ATOM   1601 H HA   . MET A 1 9  ? -0.703 1.476   -5.234 1.00 0.00 ?  9  MET A HA   9  
ATOM   1602 H HB2  . MET A 1 9  ? 1.365  1.860   -3.064 1.00 0.00 ?  9  MET A HB2  9  
ATOM   1603 H HB3  . MET A 1 9  ? 1.657  0.918   -4.525 1.00 0.00 ?  9  MET A HB3  9  
ATOM   1604 H HG2  . MET A 1 9  ? 1.148  2.880   -5.914 1.00 0.00 ?  9  MET A HG2  9  
ATOM   1605 H HG3  . MET A 1 9  ? 0.807  3.828   -4.468 1.00 0.00 ?  9  MET A HG3  9  
ATOM   1606 H HE1  . MET A 1 9  ? 2.776  4.557   -6.788 1.00 0.00 ?  9  MET A HE1  9  
ATOM   1607 H HE2  . MET A 1 9  ? 4.172  5.210   -5.933 1.00 0.00 ?  9  MET A HE2  9  
ATOM   1608 H HE3  . MET A 1 9  ? 2.547  5.629   -5.398 1.00 0.00 ?  9  MET A HE3  9  
ATOM   1609 N N    . TYR A 1 10 ? -0.759 -0.128  -2.363 1.00 0.00 ?  10 TYR A N    9  
ATOM   1610 C CA   . TYR A 1 10 ? -0.997 -1.432  -1.756 1.00 0.00 ?  10 TYR A CA   9  
ATOM   1611 C C    . TYR A 1 10 ? 0.090  -2.417  -2.169 1.00 0.00 ?  10 TYR A C    9  
ATOM   1612 O O    . TYR A 1 10 ? -0.156 -3.334  -2.954 1.00 0.00 ?  10 TYR A O    9  
ATOM   1613 C CB   . TYR A 1 10 ? -2.365 -1.969  -2.180 1.00 0.00 ?  10 TYR A CB   9  
ATOM   1614 C CG   . TYR A 1 10 ? -3.433 -1.416  -1.267 1.00 0.00 ?  10 TYR A CG   9  
ATOM   1615 C CD1  . TYR A 1 10 ? -3.960 -0.139  -1.498 1.00 0.00 ?  10 TYR A CD1  9  
ATOM   1616 C CD2  . TYR A 1 10 ? -3.896 -2.181  -0.191 1.00 0.00 ?  10 TYR A CD2  9  
ATOM   1617 C CE1  . TYR A 1 10 ? -4.951 0.373   -0.650 1.00 0.00 ?  10 TYR A CE1  9  
ATOM   1618 C CE2  . TYR A 1 10 ? -4.886 -1.669  0.657  1.00 0.00 ?  10 TYR A CE2  9  
ATOM   1619 C CZ   . TYR A 1 10 ? -5.414 -0.394  0.427  1.00 0.00 ?  10 TYR A CZ   9  
ATOM   1620 O OH   . TYR A 1 10 ? -6.390 0.110   1.262  1.00 0.00 ?  10 TYR A OH   9  
ATOM   1621 H H    . TYR A 1 10 ? -0.659 0.660   -1.789 1.00 0.00 ?  10 TYR A H    9  
ATOM   1622 H HA   . TYR A 1 10 ? -0.984 -1.326  -0.683 1.00 0.00 ?  10 TYR A HA   9  
ATOM   1623 H HB2  . TYR A 1 10 ? -2.570 -1.668  -3.198 1.00 0.00 ?  10 TYR A HB2  9  
ATOM   1624 H HB3  . TYR A 1 10 ? -2.364 -3.048  -2.119 1.00 0.00 ?  10 TYR A HB3  9  
ATOM   1625 H HD1  . TYR A 1 10 ? -3.603 0.451   -2.327 1.00 0.00 ?  10 TYR A HD1  9  
ATOM   1626 H HD2  . TYR A 1 10 ? -3.489 -3.166  -0.013 1.00 0.00 ?  10 TYR A HD2  9  
ATOM   1627 H HE1  . TYR A 1 10 ? -5.357 1.356   -0.827 1.00 0.00 ?  10 TYR A HE1  9  
ATOM   1628 H HE2  . TYR A 1 10 ? -5.243 -2.259  1.489  1.00 0.00 ?  10 TYR A HE2  9  
ATOM   1629 H HH   . TYR A 1 10 ? -6.147 -0.104  2.165  1.00 0.00 ?  10 TYR A HH   9  
ATOM   1630 N N    . LEU A 1 1  ? 1.283  -2.016  -1.978 1.00 0.00 ?  1  LEU A N    10 
ATOM   1631 C CA   . LEU A 1 1  ? 2.302  -2.964  -2.414 1.00 0.00 ?  1  LEU A CA   10 
ATOM   1632 C C    . LEU A 1 1  ? 2.070  -4.330  -1.774 1.00 0.00 ?  1  LEU A C    10 
ATOM   1633 O O    . LEU A 1 1  ? 2.073  -5.354  -2.457 1.00 0.00 ?  1  LEU A O    10 
ATOM   1634 C CB   . LEU A 1 1  ? 3.692  -2.449  -2.032 1.00 0.00 ?  1  LEU A CB   10 
ATOM   1635 C CG   . LEU A 1 1  ? 4.663  -2.681  -3.191 1.00 0.00 ?  1  LEU A CG   10 
ATOM   1636 C CD1  . LEU A 1 1  ? 5.858  -1.736  -3.053 1.00 0.00 ?  1  LEU A CD1  10 
ATOM   1637 C CD2  . LEU A 1 1  ? 5.155  -4.130  -3.160 1.00 0.00 ?  1  LEU A CD2  10 
ATOM   1638 H H1   . LEU A 1 1  ? 1.540  -1.262  -1.407 1.00 0.00 ?  1  LEU A H1   10 
ATOM   1639 H HA   . LEU A 1 1  ? 2.251  -3.067  -3.487 1.00 0.00 ?  1  LEU A HA   10 
ATOM   1640 H HB2  . LEU A 1 1  ? 3.636  -1.392  -1.814 1.00 0.00 ?  1  LEU A HB2  10 
ATOM   1641 H HB3  . LEU A 1 1  ? 4.044  -2.978  -1.159 1.00 0.00 ?  1  LEU A HB3  10 
ATOM   1642 H HG   . LEU A 1 1  ? 4.159  -2.488  -4.127 1.00 0.00 ?  1  LEU A HG   10 
ATOM   1643 H HD11 . LEU A 1 1  ? 5.514  -0.713  -3.088 1.00 0.00 ?  1  LEU A HD11 10 
ATOM   1644 H HD12 . LEU A 1 1  ? 6.552  -1.911  -3.863 1.00 0.00 ?  1  LEU A HD12 10 
ATOM   1645 H HD13 . LEU A 1 1  ? 6.353  -1.917  -2.110 1.00 0.00 ?  1  LEU A HD13 10 
ATOM   1646 H HD21 . LEU A 1 1  ? 5.988  -4.243  -3.837 1.00 0.00 ?  1  LEU A HD21 10 
ATOM   1647 H HD22 . LEU A 1 1  ? 4.354  -4.788  -3.466 1.00 0.00 ?  1  LEU A HD22 10 
ATOM   1648 H HD23 . LEU A 1 1  ? 5.466  -4.384  -2.158 1.00 0.00 ?  1  LEU A HD23 10 
HETATM 1649 N N    . DGL A 1 2  ? 1.872  -4.333  -0.459 1.00 0.00 ?  2  DGL A N    10 
HETATM 1650 C CA   . DGL A 1 2  ? 1.636  -5.574  0.272  1.00 0.00 ?  2  DGL A CA   10 
HETATM 1651 C C    . DGL A 1 2  ? 1.384  -5.287  1.749  1.00 0.00 ?  2  DGL A C    10 
HETATM 1652 O O    . DGL A 1 2  ? 0.242  -5.250  2.202  1.00 0.00 ?  2  DGL A O    10 
HETATM 1653 C CB   . DGL A 1 2  ? 0.439  -6.320  -0.327 1.00 0.00 ?  2  DGL A CB   10 
HETATM 1654 C CG   . DGL A 1 2  ? -0.710 -5.341  -0.592 1.00 0.00 ?  2  DGL A CG   10 
HETATM 1655 C CD   . DGL A 1 2  ? -1.932 -6.098  -1.098 1.00 0.00 ?  2  DGL A CD   10 
HETATM 1656 O OE1  . DGL A 1 2  ? -3.031 -5.744  -0.701 1.00 0.00 ?  2  DGL A OE1  10 
HETATM 1657 O OE2  . DGL A 1 2  ? -1.753 -7.021  -1.875 1.00 0.00 -1 2  DGL A OE2  10 
HETATM 1658 H H    . DGL A 1 2  ? 1.882  -3.484  0.029  1.00 0.00 ?  2  DGL A H    10 
HETATM 1659 H HA   . DGL A 1 2  ? 2.512  -6.199  0.183  1.00 0.00 ?  2  DGL A HA   10 
HETATM 1660 H HB2  . DGL A 1 2  ? 0.733  -6.787  -1.256 1.00 0.00 ?  2  DGL A HB2  10 
HETATM 1661 H HB3  . DGL A 1 2  ? 0.107  -7.079  0.365  1.00 0.00 ?  2  DGL A HB3  10 
HETATM 1662 H HG2  . DGL A 1 2  ? -0.963 -4.823  0.321  1.00 0.00 ?  2  DGL A HG2  10 
HETATM 1663 H HG3  . DGL A 1 2  ? -0.404 -4.622  -1.337 1.00 0.00 ?  2  DGL A HG3  10 
HETATM 1664 N N    . DAR A 1 3  ? 2.464  -5.084  2.500  1.00 0.00 ?  3  DAR A N    10 
HETATM 1665 C CA   . DAR A 1 3  ? 2.343  -4.795  3.925  1.00 0.00 ?  3  DAR A CA   10 
HETATM 1666 C CB   . DAR A 1 3  ? 1.637  -5.946  4.654  1.00 0.00 ?  3  DAR A CB   10 
HETATM 1667 C CG   . DAR A 1 3  ? 2.119  -7.295  4.106  1.00 0.00 ?  3  DAR A CG   10 
HETATM 1668 C CD   . DAR A 1 3  ? 3.633  -7.408  4.282  1.00 0.00 ?  3  DAR A CD   10 
HETATM 1669 N NE   . DAR A 1 3  ? 4.300  -7.344  2.986  1.00 0.00 ?  3  DAR A NE   10 
HETATM 1670 C CZ   . DAR A 1 3  ? 5.630  -7.362  2.878  1.00 0.00 ?  3  DAR A CZ   10 
HETATM 1671 N NH1  . DAR A 1 3  ? 6.181  -7.303  1.697  1.00 0.00 ?  3  DAR A NH1  10 
HETATM 1672 N NH2  . DAR A 1 3  ? 6.389  -7.440  3.943  1.00 0.00 1  3  DAR A NH2  10 
HETATM 1673 C C    . DAR A 1 3  ? 1.566  -3.502  4.133  1.00 0.00 ?  3  DAR A C    10 
HETATM 1674 O O    . DAR A 1 3  ? 0.340  -3.512  4.245  1.00 0.00 ?  3  DAR A O    10 
HETATM 1675 H H    . DAR A 1 3  ? 3.353  -5.123  2.090  1.00 0.00 ?  3  DAR A H    10 
HETATM 1676 H HA   . DAR A 1 3  ? 3.333  -4.678  4.340  1.00 0.00 ?  3  DAR A HA   10 
HETATM 1677 H HB2  . DAR A 1 3  ? 1.859  -5.890  5.711  1.00 0.00 ?  3  DAR A HB2  10 
HETATM 1678 H HB3  . DAR A 1 3  ? 0.571  -5.862  4.508  1.00 0.00 ?  3  DAR A HB3  10 
HETATM 1679 H HG2  . DAR A 1 3  ? 1.634  -8.094  4.648  1.00 0.00 ?  3  DAR A HG2  10 
HETATM 1680 H HG3  . DAR A 1 3  ? 1.873  -7.374  3.060  1.00 0.00 ?  3  DAR A HG3  10 
HETATM 1681 H HD2  . DAR A 1 3  ? 3.983  -6.598  4.902  1.00 0.00 ?  3  DAR A HD2  10 
HETATM 1682 H HD3  . DAR A 1 3  ? 3.868  -8.349  4.761  1.00 0.00 ?  3  DAR A HD3  10 
HETATM 1683 H HE   . DAR A 1 3  ? 3.756  -7.287  2.171  1.00 0.00 ?  3  DAR A HE   10 
HETATM 1684 H HH11 . DAR A 1 3  ? 5.608  -7.244  0.880  1.00 0.00 ?  3  DAR A HH11 10 
HETATM 1685 H HH12 . DAR A 1 3  ? 7.177  -7.316  1.609  1.00 0.00 ?  3  DAR A HH12 10 
HETATM 1686 H HH21 . DAR A 1 3  ? 5.979  -7.487  4.853  1.00 0.00 ?  3  DAR A HH21 10 
HETATM 1687 H HH22 . DAR A 1 3  ? 7.384  -7.454  3.844  1.00 0.00 ?  3  DAR A HH22 10 
ATOM   1688 N N    . ARG A 1 4  ? 2.287  -2.386  4.172  1.00 0.00 ?  4  ARG A N    10 
ATOM   1689 C CA   . ARG A 1 4  ? 1.654  -1.085  4.354  1.00 0.00 ?  4  ARG A CA   10 
ATOM   1690 C C    . ARG A 1 4  ? 2.241  -0.069  3.380  1.00 0.00 ?  4  ARG A C    10 
ATOM   1691 O O    . ARG A 1 4  ? 3.457  0.105   3.309  1.00 0.00 ?  4  ARG A O    10 
ATOM   1692 C CB   . ARG A 1 4  ? 1.859  -0.599  5.789  1.00 0.00 ?  4  ARG A CB   10 
ATOM   1693 C CG   . ARG A 1 4  ? 1.090  -1.505  6.752  1.00 0.00 ?  4  ARG A CG   10 
ATOM   1694 C CD   . ARG A 1 4  ? 1.304  -1.024  8.187  1.00 0.00 ?  4  ARG A CD   10 
ATOM   1695 N NE   . ARG A 1 4  ? 0.582  -1.882  9.121  1.00 0.00 ?  4  ARG A NE   10 
ATOM   1696 C CZ   . ARG A 1 4  ? 0.606  -1.665  10.438 1.00 0.00 ?  4  ARG A CZ   10 
ATOM   1697 N NH1  . ARG A 1 4  ? 1.287  -0.666  10.940 1.00 0.00 1  4  ARG A NH1  10 
ATOM   1698 N NH2  . ARG A 1 4  ? -0.056 -2.459  11.234 1.00 0.00 ?  4  ARG A NH2  10 
ATOM   1699 H H    . ARG A 1 4  ? 3.261  -2.437  4.069  1.00 0.00 ?  4  ARG A H    10 
ATOM   1700 H HA   . ARG A 1 4  ? 0.594  -1.182  4.165  1.00 0.00 ?  4  ARG A HA   10 
ATOM   1701 H HB2  . ARG A 1 4  ? 2.912  -0.627  6.031  1.00 0.00 ?  4  ARG A HB2  10 
ATOM   1702 H HB3  . ARG A 1 4  ? 1.495  0.413   5.882  1.00 0.00 ?  4  ARG A HB3  10 
ATOM   1703 H HG2  . ARG A 1 4  ? 0.035  -1.470  6.513  1.00 0.00 ?  4  ARG A HG2  10 
ATOM   1704 H HG3  . ARG A 1 4  ? 1.447  -2.519  6.655  1.00 0.00 ?  4  ARG A HG3  10 
ATOM   1705 H HD2  . ARG A 1 4  ? 2.357  -1.054  8.420  1.00 0.00 ?  4  ARG A HD2  10 
ATOM   1706 H HD3  . ARG A 1 4  ? 0.946  -0.010  8.281  1.00 0.00 ?  4  ARG A HD3  10 
ATOM   1707 H HE   . ARG A 1 4  ? 0.065  -2.639  8.771  1.00 0.00 ?  4  ARG A HE   10 
ATOM   1708 H HH11 . ARG A 1 4  ? 1.797  -0.050  10.341 1.00 0.00 ?  4  ARG A HH11 10 
ATOM   1709 H HH12 . ARG A 1 4  ? 1.294  -0.517  11.928 1.00 0.00 ?  4  ARG A HH12 10 
ATOM   1710 H HH21 . ARG A 1 4  ? -0.577 -3.226  10.857 1.00 0.00 ?  4  ARG A HH21 10 
ATOM   1711 H HH22 . ARG A 1 4  ? -0.042 -2.302  12.222 1.00 0.00 ?  4  ARG A HH22 10 
ATOM   1712 N N    . TYR A 1 5  ? 1.370  0.604   2.634  1.00 0.00 ?  5  TYR A N    10 
ATOM   1713 C CA   . TYR A 1 5  ? 1.818  1.605   1.674  1.00 0.00 ?  5  TYR A CA   10 
ATOM   1714 C C    . TYR A 1 5  ? 0.746  2.673   1.488  1.00 0.00 ?  5  TYR A C    10 
ATOM   1715 O O    . TYR A 1 5  ? 0.091  2.731   0.447  1.00 0.00 ?  5  TYR A O    10 
ATOM   1716 C CB   . TYR A 1 5  ? 2.125  0.942   0.330  1.00 0.00 ?  5  TYR A CB   10 
ATOM   1717 C CG   . TYR A 1 5  ? 2.868  1.913   -0.555 1.00 0.00 ?  5  TYR A CG   10 
ATOM   1718 C CD1  . TYR A 1 5  ? 4.261  2.022   -0.460 1.00 0.00 ?  5  TYR A CD1  10 
ATOM   1719 C CD2  . TYR A 1 5  ? 2.167  2.705   -1.474 1.00 0.00 ?  5  TYR A CD2  10 
ATOM   1720 C CE1  . TYR A 1 5  ? 4.952  2.920   -1.281 1.00 0.00 ?  5  TYR A CE1  10 
ATOM   1721 C CE2  . TYR A 1 5  ? 2.857  3.603   -2.294 1.00 0.00 ?  5  TYR A CE2  10 
ATOM   1722 C CZ   . TYR A 1 5  ? 4.249  3.711   -2.199 1.00 0.00 ?  5  TYR A CZ   10 
ATOM   1723 O OH   . TYR A 1 5  ? 4.931  4.597   -3.009 1.00 0.00 ?  5  TYR A OH   10 
ATOM   1724 H H    . TYR A 1 5  ? 0.411  0.429   2.736  1.00 0.00 ?  5  TYR A H    10 
ATOM   1725 H HA   . TYR A 1 5  ? 2.717  2.072   2.048  1.00 0.00 ?  5  TYR A HA   10 
ATOM   1726 H HB2  . TYR A 1 5  ? 2.733  0.064   0.493  1.00 0.00 ?  5  TYR A HB2  10 
ATOM   1727 H HB3  . TYR A 1 5  ? 1.200  0.655   -0.149 1.00 0.00 ?  5  TYR A HB3  10 
ATOM   1728 H HD1  . TYR A 1 5  ? 4.802  1.412   0.248  1.00 0.00 ?  5  TYR A HD1  10 
ATOM   1729 H HD2  . TYR A 1 5  ? 1.093  2.622   -1.548 1.00 0.00 ?  5  TYR A HD2  10 
ATOM   1730 H HE1  . TYR A 1 5  ? 6.026  3.003   -1.209 1.00 0.00 ?  5  TYR A HE1  10 
ATOM   1731 H HE2  . TYR A 1 5  ? 2.316  4.214   -3.003 1.00 0.00 ?  5  TYR A HE2  10 
ATOM   1732 H HH   . TYR A 1 5  ? 4.736  4.374   -3.922 1.00 0.00 ?  5  TYR A HH   10 
HETATM 1733 N N    . DPR A 1 6  ? 0.558  3.504   2.478  1.00 0.00 ?  6  DPR A N    10 
HETATM 1734 C CA   . DPR A 1 6  ? -0.459 4.592   2.439  1.00 0.00 ?  6  DPR A CA   10 
HETATM 1735 C CB   . DPR A 1 6  ? -0.621 4.981   3.907  1.00 0.00 ?  6  DPR A CB   10 
HETATM 1736 C CG   . DPR A 1 6  ? 0.681  4.642   4.556  1.00 0.00 ?  6  DPR A CG   10 
HETATM 1737 C CD   . DPR A 1 6  ? 1.299  3.495   3.748  1.00 0.00 ?  6  DPR A CD   10 
HETATM 1738 C C    . DPR A 1 6  ? -1.783 4.116   1.846  1.00 0.00 ?  6  DPR A C    10 
HETATM 1739 O O    . DPR A 1 6  ? -2.354 3.123   2.297  1.00 0.00 ?  6  DPR A O    10 
HETATM 1740 H HA   . DPR A 1 6  ? -0.083 5.435   1.882  1.00 0.00 ?  6  DPR A HA   10 
HETATM 1741 H HB2  . DPR A 1 6  ? -0.821 6.041   3.992  1.00 0.00 ?  6  DPR A HB2  10 
HETATM 1742 H HB3  . DPR A 1 6  ? -1.418 4.412   4.360  1.00 0.00 ?  6  DPR A HB3  10 
HETATM 1743 H HG2  . DPR A 1 6  ? 1.336  5.503   4.540  1.00 0.00 ?  6  DPR A HG2  10 
HETATM 1744 H HG3  . DPR A 1 6  ? 0.515  4.320   5.571  1.00 0.00 ?  6  DPR A HG3  10 
HETATM 1745 H HD2  . DPR A 1 6  ? 2.351  3.678   3.577  1.00 0.00 ?  6  DPR A HD2  10 
HETATM 1746 H HD3  . DPR A 1 6  ? 1.155  2.554   4.256  1.00 0.00 ?  6  DPR A HD3  10 
ATOM   1747 N N    . ASP A 1 7  ? -2.260 4.825   0.830  1.00 0.00 ?  7  ASP A N    10 
ATOM   1748 C CA   . ASP A 1 7  ? -3.511 4.458   0.178  1.00 0.00 ?  7  ASP A CA   10 
ATOM   1749 C C    . ASP A 1 7  ? -3.468 4.818   -1.304 1.00 0.00 ?  7  ASP A C    10 
ATOM   1750 O O    . ASP A 1 7  ? -3.779 5.944   -1.687 1.00 0.00 ?  7  ASP A O    10 
ATOM   1751 C CB   . ASP A 1 7  ? -4.679 5.186   0.846  1.00 0.00 ?  7  ASP A CB   10 
ATOM   1752 C CG   . ASP A 1 7  ? -5.991 4.802   0.168  1.00 0.00 ?  7  ASP A CG   10 
ATOM   1753 O OD1  . ASP A 1 7  ? -6.389 3.656   0.297  1.00 0.00 ?  7  ASP A OD1  10 
ATOM   1754 O OD2  . ASP A 1 7  ? -6.577 5.661   -0.471 1.00 0.00 -1 7  ASP A OD2  10 
ATOM   1755 H H    . ASP A 1 7  ? -1.757 5.602   0.508  1.00 0.00 ?  7  ASP A H    10 
ATOM   1756 H HA   . ASP A 1 7  ? -3.660 3.394   0.276  1.00 0.00 ?  7  ASP A HA   10 
ATOM   1757 H HB2  . ASP A 1 7  ? -4.722 4.911   1.890  1.00 0.00 ?  7  ASP A HB2  10 
ATOM   1758 H HB3  . ASP A 1 7  ? -4.532 6.252   0.761  1.00 0.00 ?  7  ASP A HB3  10 
ATOM   1759 N N    . THR A 1 8  ? -3.090 3.850   -2.135 1.00 0.00 ?  8  THR A N    10 
ATOM   1760 C CA   . THR A 1 8  ? -3.022 4.083   -3.573 1.00 0.00 ?  8  THR A CA   10 
ATOM   1761 C C    . THR A 1 8  ? -3.029 2.761   -4.340 1.00 0.00 ?  8  THR A C    10 
ATOM   1762 O O    . THR A 1 8  ? -4.040 2.389   -4.936 1.00 0.00 ?  8  THR A O    10 
ATOM   1763 C CB   . THR A 1 8  ? -1.758 4.883   -3.917 1.00 0.00 ?  8  THR A CB   10 
ATOM   1764 O OG1  . THR A 1 8  ? -1.717 6.060   -3.123 1.00 0.00 ?  8  THR A OG1  10 
ATOM   1765 C CG2  . THR A 1 8  ? -1.781 5.269   -5.397 1.00 0.00 ?  8  THR A CG2  10 
ATOM   1766 H H    . THR A 1 8  ? -2.858 2.969   -1.778 1.00 0.00 ?  8  THR A H    10 
ATOM   1767 H HA   . THR A 1 8  ? -3.885 4.660   -3.870 1.00 0.00 ?  8  THR A HA   10 
ATOM   1768 H HB   . THR A 1 8  ? -0.885 4.285   -3.717 1.00 0.00 ?  8  THR A HB   10 
ATOM   1769 H HG1  . THR A 1 8  ? -2.556 6.516   -3.225 1.00 0.00 ?  8  THR A HG1  10 
ATOM   1770 H HG21 . THR A 1 8  ? -0.802 5.618   -5.692 1.00 0.00 ?  8  THR A HG21 10 
ATOM   1771 H HG22 . THR A 1 8  ? -2.505 6.054   -5.554 1.00 0.00 ?  8  THR A HG22 10 
ATOM   1772 H HG23 . THR A 1 8  ? -2.049 4.408   -5.992 1.00 0.00 ?  8  THR A HG23 10 
ATOM   1773 N N    . MET A 1 9  ? -1.899 2.055   -4.326 1.00 0.00 ?  9  MET A N    10 
ATOM   1774 C CA   . MET A 1 9  ? -1.800 0.781   -5.029 1.00 0.00 ?  9  MET A CA   10 
ATOM   1775 C C    . MET A 1 9  ? -1.611 -0.378  -4.051 1.00 0.00 ?  9  MET A C    10 
ATOM   1776 O O    . MET A 1 9  ? -1.843 -1.535  -4.401 1.00 0.00 ?  9  MET A O    10 
ATOM   1777 C CB   . MET A 1 9  ? -0.624 0.817   -6.007 1.00 0.00 ?  9  MET A CB   10 
ATOM   1778 C CG   . MET A 1 9  ? -0.939 1.783   -7.151 1.00 0.00 ?  9  MET A CG   10 
ATOM   1779 S SD   . MET A 1 9  ? 0.333  1.639   -8.429 1.00 0.00 ?  9  MET A SD   10 
ATOM   1780 C CE   . MET A 1 9  ? 1.668  2.444   -7.511 1.00 0.00 ?  9  MET A CE   10 
ATOM   1781 H H    . MET A 1 9  ? -1.123 2.396   -3.837 1.00 0.00 ?  9  MET A H    10 
ATOM   1782 H HA   . MET A 1 9  ? -2.708 0.618   -5.588 1.00 0.00 ?  9  MET A HA   10 
ATOM   1783 H HB2  . MET A 1 9  ? 0.264  1.149   -5.490 1.00 0.00 ?  9  MET A HB2  10 
ATOM   1784 H HB3  . MET A 1 9  ? -0.459 -0.172  -6.409 1.00 0.00 ?  9  MET A HB3  10 
ATOM   1785 H HG2  . MET A 1 9  ? -1.903 1.538   -7.573 1.00 0.00 ?  9  MET A HG2  10 
ATOM   1786 H HG3  . MET A 1 9  ? -0.957 2.793   -6.773 1.00 0.00 ?  9  MET A HG3  10 
ATOM   1787 H HE1  . MET A 1 9  ? 2.418  2.802   -8.204 1.00 0.00 ?  9  MET A HE1  10 
ATOM   1788 H HE2  . MET A 1 9  ? 2.120  1.736   -6.833 1.00 0.00 ?  9  MET A HE2  10 
ATOM   1789 H HE3  . MET A 1 9  ? 1.267  3.273   -6.946 1.00 0.00 ?  9  MET A HE3  10 
ATOM   1790 N N    . TYR A 1 10 ? -1.181 -0.067  -2.830 1.00 0.00 ?  10 TYR A N    10 
ATOM   1791 C CA   . TYR A 1 10 ? -0.961 -1.101  -1.825 1.00 0.00 ?  10 TYR A CA   10 
ATOM   1792 C C    . TYR A 1 10 ? 0.012  -2.157  -2.343 1.00 0.00 ?  10 TYR A C    10 
ATOM   1793 O O    . TYR A 1 10 ? -0.381 -3.079  -3.058 1.00 0.00 ?  10 TYR A O    10 
ATOM   1794 C CB   . TYR A 1 10 ? -2.288 -1.766  -1.453 1.00 0.00 ?  10 TYR A CB   10 
ATOM   1795 C CG   . TYR A 1 10 ? -3.114 -0.814  -0.621 1.00 0.00 ?  10 TYR A CG   10 
ATOM   1796 C CD1  . TYR A 1 10 ? -4.009 0.066   -1.241 1.00 0.00 ?  10 TYR A CD1  10 
ATOM   1797 C CD2  . TYR A 1 10 ? -2.984 -0.815  0.773  1.00 0.00 ?  10 TYR A CD2  10 
ATOM   1798 C CE1  . TYR A 1 10 ? -4.773 0.947   -0.467 1.00 0.00 ?  10 TYR A CE1  10 
ATOM   1799 C CE2  . TYR A 1 10 ? -3.749 0.065   1.548  1.00 0.00 ?  10 TYR A CE2  10 
ATOM   1800 C CZ   . TYR A 1 10 ? -4.644 0.947   0.928  1.00 0.00 ?  10 TYR A CZ   10 
ATOM   1801 O OH   . TYR A 1 10 ? -5.397 1.813   1.692  1.00 0.00 ?  10 TYR A OH   10 
ATOM   1802 H H    . TYR A 1 10 ? -1.007 0.870   -2.604 1.00 0.00 ?  10 TYR A H    10 
ATOM   1803 H HA   . TYR A 1 10 ? -0.541 -0.645  -0.940 1.00 0.00 ?  10 TYR A HA   10 
ATOM   1804 H HB2  . TYR A 1 10 ? -2.828 -2.018  -2.354 1.00 0.00 ?  10 TYR A HB2  10 
ATOM   1805 H HB3  . TYR A 1 10 ? -2.094 -2.663  -0.886 1.00 0.00 ?  10 TYR A HB3  10 
ATOM   1806 H HD1  . TYR A 1 10 ? -4.108 0.067   -2.316 1.00 0.00 ?  10 TYR A HD1  10 
ATOM   1807 H HD2  . TYR A 1 10 ? -2.295 -1.494  1.251  1.00 0.00 ?  10 TYR A HD2  10 
ATOM   1808 H HE1  . TYR A 1 10 ? -5.463 1.627   -0.944 1.00 0.00 ?  10 TYR A HE1  10 
ATOM   1809 H HE2  . TYR A 1 10 ? -3.649 0.065   2.623  1.00 0.00 ?  10 TYR A HE2  10 
ATOM   1810 H HH   . TYR A 1 10 ? -4.798 2.310   2.256  1.00 0.00 ?  10 TYR A HH   10 
# 
